data_8FUR
#
_entry.id   8FUR
#
_cell.length_a   203.882
_cell.length_b   120.287
_cell.length_c   100.821
_cell.angle_alpha   90.00
_cell.angle_beta   119.38
_cell.angle_gamma   90.00
#
_symmetry.space_group_name_H-M   'C 1 2 1'
#
loop_
_entity.id
_entity.type
_entity.pdbx_description
1 polymer 'Indoleamine 2,3-dioxygenase 1'
2 non-polymer "N-(4-methylphenyl)-N'-[(1P,2'P)-4-propoxy-5-propyl-2'-(1H-tetrazol-5-yl)[1,1'-biphenyl]-3-yl]urea"
3 water water
#
_entity_poly.entity_id   1
_entity_poly.type   'polypeptide(L)'
_entity_poly.pdbx_seq_one_letter_code
;GSHMAHAMENSWTISKEYHIDEEVGFALPNPQENLPDFYNDWMFIAKHLPDLIESGQLRERVEKLNMLSIDHLTDHKSQR
LARLVLGCITMAYVWGKGHGDVRKVLPRNIAVPYCQLSKKLELPPILVYADCVLANWKKKDPNKPLTYENMDVLFSFRDG
DCSKGFFLVSLLVEIAAASAIKVIPTVFKAMQMQERDTLLKALLEIASCLEKALQVFHQIHDHVNPKAFFSVLRIYLSGW
KGNPQLSDGLVYEGFWEDPKEFAGGSAGQSSVFQCFDVLLGIQQTAGGGHAAQFLQDMRRYMPPAHRNFLCSLESNPSVR
EFVLSKGDAGLREAYDACVKALVSLRSYHLQIVTKYILIPASQQPKENKTSEDPSKLEAKGTGGTDLMNFLKTVRSTTEK
SLLKEG
;
_entity_poly.pdbx_strand_id   A,B,C,D
#
# COMPACT_ATOMS: atom_id res chain seq x y z
N GLU A 17 -42.77 -24.99 -11.95
CA GLU A 17 -42.79 -24.85 -10.51
C GLU A 17 -42.81 -23.37 -10.07
N TYR A 18 -42.21 -22.46 -10.88
CA TYR A 18 -42.13 -21.02 -10.55
C TYR A 18 -43.25 -20.14 -11.14
N HIS A 19 -44.37 -20.74 -11.56
CA HIS A 19 -45.52 -20.01 -12.09
C HIS A 19 -45.17 -19.08 -13.26
N ILE A 20 -44.68 -19.69 -14.35
CA ILE A 20 -44.32 -19.00 -15.58
C ILE A 20 -45.02 -19.77 -16.70
N ASP A 21 -46.10 -19.19 -17.24
CA ASP A 21 -46.88 -19.82 -18.31
C ASP A 21 -46.06 -19.80 -19.61
N GLU A 22 -46.19 -20.84 -20.44
CA GLU A 22 -45.44 -20.90 -21.71
C GLU A 22 -45.81 -19.74 -22.65
N GLU A 23 -47.13 -19.43 -22.73
CA GLU A 23 -47.66 -18.37 -23.60
C GLU A 23 -47.56 -16.96 -22.99
N VAL A 24 -48.15 -16.76 -21.79
CA VAL A 24 -48.24 -15.44 -21.17
C VAL A 24 -46.99 -15.10 -20.28
N GLY A 25 -46.18 -16.09 -19.89
CA GLY A 25 -44.96 -15.85 -19.13
C GLY A 25 -45.19 -15.52 -17.67
N PHE A 26 -44.55 -14.46 -17.16
CA PHE A 26 -44.72 -14.05 -15.77
C PHE A 26 -46.15 -13.57 -15.48
N ALA A 27 -46.94 -13.18 -16.50
CA ALA A 27 -48.31 -12.72 -16.26
C ALA A 27 -49.22 -13.85 -15.76
N LEU A 28 -50.29 -13.50 -15.03
CA LEU A 28 -51.23 -14.48 -14.49
C LEU A 28 -52.07 -15.03 -15.66
N PRO A 29 -51.99 -16.33 -16.00
CA PRO A 29 -52.80 -16.83 -17.11
C PRO A 29 -54.29 -16.89 -16.74
N ASN A 30 -55.17 -16.34 -17.60
CA ASN A 30 -56.61 -16.33 -17.37
C ASN A 30 -56.98 -15.77 -15.99
N PRO A 31 -56.70 -14.48 -15.72
CA PRO A 31 -57.03 -13.91 -14.40
C PRO A 31 -58.51 -14.03 -14.05
N GLN A 32 -58.83 -14.22 -12.76
CA GLN A 32 -60.23 -14.32 -12.33
C GLN A 32 -60.88 -12.94 -12.45
N GLU A 33 -62.15 -12.87 -12.90
CA GLU A 33 -62.88 -11.62 -13.10
C GLU A 33 -63.85 -11.27 -11.98
N ASN A 34 -64.44 -12.28 -11.31
CA ASN A 34 -65.42 -12.07 -10.24
C ASN A 34 -65.00 -12.69 -8.91
N LEU A 35 -65.35 -12.04 -7.80
CA LEU A 35 -65.07 -12.52 -6.45
C LEU A 35 -66.35 -13.14 -5.89
N PRO A 36 -66.29 -14.00 -4.84
CA PRO A 36 -67.53 -14.53 -4.26
C PRO A 36 -68.51 -13.44 -3.81
N ASP A 37 -69.82 -13.76 -3.71
CA ASP A 37 -70.88 -12.85 -3.25
C ASP A 37 -70.49 -12.10 -1.96
N PHE A 38 -69.63 -12.71 -1.13
CA PHE A 38 -69.20 -12.14 0.15
C PHE A 38 -68.50 -10.80 -0.01
N TYR A 39 -67.74 -10.59 -1.11
CA TYR A 39 -66.99 -9.35 -1.34
C TYR A 39 -67.63 -8.43 -2.37
N ASN A 40 -68.97 -8.39 -2.45
CA ASN A 40 -69.66 -7.53 -3.41
C ASN A 40 -69.40 -6.05 -3.12
N ASP A 41 -69.31 -5.65 -1.84
CA ASP A 41 -69.06 -4.25 -1.46
C ASP A 41 -67.67 -3.80 -1.90
N TRP A 42 -66.66 -4.68 -1.83
CA TRP A 42 -65.31 -4.36 -2.30
C TRP A 42 -65.35 -4.18 -3.82
N MET A 43 -65.96 -5.15 -4.53
CA MET A 43 -66.02 -5.16 -5.99
C MET A 43 -66.75 -3.97 -6.55
N PHE A 44 -67.87 -3.57 -5.93
CA PHE A 44 -68.66 -2.42 -6.39
C PHE A 44 -67.82 -1.15 -6.45
N ILE A 45 -67.04 -0.89 -5.41
CA ILE A 45 -66.22 0.32 -5.34
C ILE A 45 -65.13 0.27 -6.41
N ALA A 46 -64.35 -0.81 -6.46
CA ALA A 46 -63.27 -0.95 -7.43
C ALA A 46 -63.74 -0.84 -8.88
N LYS A 47 -64.89 -1.42 -9.21
CA LYS A 47 -65.43 -1.34 -10.58
C LYS A 47 -65.97 0.07 -10.92
N HIS A 48 -66.24 0.92 -9.91
CA HIS A 48 -66.79 2.27 -10.11
C HIS A 48 -65.82 3.37 -9.67
N LEU A 49 -64.49 3.16 -9.76
CA LEU A 49 -63.54 4.19 -9.35
C LEU A 49 -63.68 5.48 -10.19
N PRO A 50 -63.85 5.43 -11.54
CA PRO A 50 -64.02 6.68 -12.29
C PRO A 50 -65.20 7.55 -11.88
N ASP A 51 -66.30 6.93 -11.45
CA ASP A 51 -67.51 7.66 -11.03
C ASP A 51 -67.38 8.14 -9.59
N LEU A 52 -66.92 7.28 -8.68
CA LEU A 52 -66.80 7.60 -7.27
C LEU A 52 -65.70 8.63 -6.98
N ILE A 53 -64.60 8.62 -7.75
CA ILE A 53 -63.53 9.61 -7.56
C ILE A 53 -64.02 10.99 -8.06
N GLU A 54 -64.63 11.04 -9.26
CA GLU A 54 -65.11 12.28 -9.85
C GLU A 54 -66.18 12.92 -8.97
N SER A 55 -67.18 12.16 -8.52
CA SER A 55 -68.23 12.67 -7.64
C SER A 55 -67.77 12.94 -6.20
N GLY A 56 -66.67 12.30 -5.80
CA GLY A 56 -66.11 12.43 -4.46
C GLY A 56 -66.74 11.53 -3.42
N GLN A 57 -67.65 10.63 -3.84
CA GLN A 57 -68.29 9.67 -2.94
C GLN A 57 -67.38 8.49 -2.57
N LEU A 58 -66.18 8.36 -3.17
CA LEU A 58 -65.30 7.23 -2.90
C LEU A 58 -64.90 7.09 -1.42
N ARG A 59 -64.27 8.12 -0.84
CA ARG A 59 -63.80 8.06 0.55
C ARG A 59 -64.94 7.75 1.53
N GLU A 60 -66.15 8.23 1.26
CA GLU A 60 -67.30 7.93 2.11
C GLU A 60 -67.68 6.45 1.96
N ARG A 61 -67.55 5.85 0.75
CA ARG A 61 -67.84 4.43 0.52
C ARG A 61 -66.81 3.52 1.18
N VAL A 62 -65.55 3.95 1.18
CA VAL A 62 -64.48 3.18 1.82
C VAL A 62 -64.65 3.27 3.34
N GLU A 63 -65.01 4.46 3.87
CA GLU A 63 -65.18 4.66 5.31
C GLU A 63 -66.44 4.00 5.87
N LYS A 64 -67.53 3.90 5.08
CA LYS A 64 -68.77 3.23 5.52
C LYS A 64 -68.77 1.72 5.18
N LEU A 65 -67.60 1.14 4.86
CA LEU A 65 -67.45 -0.26 4.46
C LEU A 65 -67.29 -1.15 5.69
N ASN A 66 -67.94 -2.32 5.73
CA ASN A 66 -67.78 -3.24 6.86
C ASN A 66 -66.51 -4.08 6.68
N MET A 67 -65.96 -4.60 7.78
CA MET A 67 -64.72 -5.37 7.71
C MET A 67 -64.97 -6.81 7.27
N LEU A 68 -64.52 -7.17 6.07
CA LEU A 68 -64.71 -8.52 5.53
C LEU A 68 -63.48 -9.38 5.75
N SER A 69 -63.69 -10.62 6.18
CA SER A 69 -62.62 -11.57 6.44
C SER A 69 -62.10 -12.15 5.13
N ILE A 70 -60.78 -12.32 5.00
CA ILE A 70 -60.18 -12.87 3.78
C ILE A 70 -60.23 -14.41 3.71
N ASP A 71 -61.02 -15.07 4.58
CA ASP A 71 -61.10 -16.54 4.63
C ASP A 71 -61.81 -17.14 3.43
N HIS A 72 -62.70 -16.39 2.76
CA HIS A 72 -63.41 -16.91 1.59
C HIS A 72 -62.61 -16.83 0.28
N LEU A 73 -61.42 -16.18 0.30
CA LEU A 73 -60.52 -16.09 -0.84
C LEU A 73 -59.57 -17.26 -0.68
N THR A 74 -60.00 -18.44 -1.14
CA THR A 74 -59.26 -19.68 -0.94
C THR A 74 -58.16 -19.99 -1.96
N ASP A 75 -58.42 -19.77 -3.25
CA ASP A 75 -57.45 -20.08 -4.32
C ASP A 75 -56.60 -18.87 -4.67
N HIS A 76 -55.44 -19.10 -5.31
CA HIS A 76 -54.51 -18.03 -5.68
C HIS A 76 -55.12 -16.96 -6.59
N LYS A 77 -55.89 -17.35 -7.63
CA LYS A 77 -56.48 -16.38 -8.56
C LYS A 77 -57.52 -15.46 -7.90
N SER A 78 -58.28 -15.95 -6.91
CA SER A 78 -59.25 -15.15 -6.19
C SER A 78 -58.52 -14.20 -5.22
N GLN A 79 -57.45 -14.68 -4.57
CA GLN A 79 -56.62 -13.87 -3.68
C GLN A 79 -55.94 -12.74 -4.48
N ARG A 80 -55.45 -13.04 -5.68
CA ARG A 80 -54.83 -12.05 -6.55
C ARG A 80 -55.85 -11.03 -7.05
N LEU A 81 -57.07 -11.47 -7.39
CA LEU A 81 -58.12 -10.55 -7.82
C LEU A 81 -58.49 -9.62 -6.68
N ALA A 82 -58.65 -10.14 -5.45
CA ALA A 82 -58.98 -9.32 -4.29
C ALA A 82 -57.88 -8.32 -3.96
N ARG A 83 -56.59 -8.65 -4.24
CA ARG A 83 -55.46 -7.73 -4.03
C ARG A 83 -55.48 -6.61 -5.08
N LEU A 84 -55.93 -6.92 -6.30
CA LEU A 84 -56.10 -5.92 -7.36
C LEU A 84 -57.28 -5.01 -7.01
N VAL A 85 -58.37 -5.58 -6.48
CA VAL A 85 -59.55 -4.82 -6.06
C VAL A 85 -59.16 -3.85 -4.93
N LEU A 86 -58.58 -4.37 -3.82
CA LEU A 86 -58.21 -3.55 -2.67
C LEU A 86 -57.07 -2.57 -3.00
N GLY A 87 -56.15 -2.98 -3.85
CA GLY A 87 -55.03 -2.14 -4.25
C GLY A 87 -55.48 -0.90 -4.99
N CYS A 88 -56.37 -1.05 -5.98
CA CYS A 88 -56.89 0.08 -6.73
C CYS A 88 -57.72 1.00 -5.83
N ILE A 89 -58.48 0.43 -4.88
CA ILE A 89 -59.28 1.23 -3.97
C ILE A 89 -58.35 2.04 -3.06
N THR A 90 -57.26 1.43 -2.56
CA THR A 90 -56.31 2.09 -1.66
C THR A 90 -55.63 3.27 -2.33
N MET A 91 -55.22 3.15 -3.60
CA MET A 91 -54.57 4.27 -4.31
C MET A 91 -55.59 5.39 -4.54
N ALA A 92 -56.85 5.06 -4.81
CA ALA A 92 -57.89 6.05 -5.00
C ALA A 92 -58.26 6.73 -3.68
N TYR A 93 -58.21 5.99 -2.56
CA TYR A 93 -58.51 6.56 -1.25
C TYR A 93 -57.38 7.49 -0.80
N VAL A 94 -56.12 7.10 -1.05
CA VAL A 94 -54.97 7.91 -0.65
C VAL A 94 -54.89 9.22 -1.48
N TRP A 95 -54.91 9.11 -2.81
CA TRP A 95 -54.73 10.27 -3.69
C TRP A 95 -56.00 11.08 -3.97
N GLY A 96 -57.16 10.43 -4.04
CA GLY A 96 -58.42 11.15 -4.30
C GLY A 96 -58.43 11.76 -5.68
N LYS A 97 -58.83 13.02 -5.82
CA LYS A 97 -58.83 13.71 -7.12
C LYS A 97 -57.41 14.05 -7.60
N GLY A 98 -56.44 14.15 -6.69
CA GLY A 98 -55.05 14.45 -7.02
C GLY A 98 -54.71 15.92 -7.03
N HIS A 99 -55.30 16.69 -6.08
CA HIS A 99 -55.06 18.14 -5.98
C HIS A 99 -54.58 18.52 -4.56
N GLY A 100 -53.73 17.67 -3.97
CA GLY A 100 -53.19 17.91 -2.64
C GLY A 100 -54.01 17.33 -1.50
N ASP A 101 -55.33 17.13 -1.70
CA ASP A 101 -56.17 16.53 -0.65
C ASP A 101 -55.88 15.03 -0.61
N VAL A 102 -54.93 14.66 0.25
CA VAL A 102 -54.45 13.29 0.42
C VAL A 102 -54.80 12.76 1.82
N ARG A 103 -54.95 11.43 1.94
CA ARG A 103 -55.23 10.78 3.22
C ARG A 103 -53.96 10.08 3.71
N LYS A 104 -53.57 10.33 4.97
CA LYS A 104 -52.40 9.70 5.57
C LYS A 104 -52.74 8.41 6.35
N VAL A 105 -54.05 8.07 6.51
CA VAL A 105 -54.48 6.87 7.25
C VAL A 105 -55.49 6.09 6.42
N LEU A 106 -55.25 4.79 6.24
CA LEU A 106 -56.14 3.89 5.49
C LEU A 106 -57.12 3.27 6.51
N PRO A 107 -58.47 3.36 6.37
CA PRO A 107 -59.37 2.83 7.42
C PRO A 107 -59.21 1.35 7.79
N ARG A 108 -59.38 1.03 9.09
CA ARG A 108 -59.24 -0.33 9.63
C ARG A 108 -59.99 -1.44 8.87
N ASN A 109 -61.23 -1.18 8.41
CA ASN A 109 -62.02 -2.20 7.71
C ASN A 109 -61.51 -2.55 6.29
N ILE A 110 -60.53 -1.79 5.74
CA ILE A 110 -59.92 -2.09 4.45
C ILE A 110 -58.41 -2.34 4.62
N ALA A 111 -57.74 -1.63 5.54
CA ALA A 111 -56.31 -1.79 5.79
C ALA A 111 -55.92 -3.14 6.39
N VAL A 112 -56.72 -3.66 7.32
CA VAL A 112 -56.42 -4.96 7.94
C VAL A 112 -56.59 -6.12 6.93
N PRO A 113 -57.75 -6.28 6.26
CA PRO A 113 -57.87 -7.38 5.27
C PRO A 113 -56.86 -7.27 4.13
N TYR A 114 -56.53 -6.06 3.66
CA TYR A 114 -55.56 -5.87 2.59
C TYR A 114 -54.16 -6.28 3.07
N CYS A 115 -53.81 -6.01 4.34
CA CYS A 115 -52.52 -6.40 4.88
C CYS A 115 -52.47 -7.90 5.20
N GLN A 116 -53.60 -8.50 5.59
CA GLN A 116 -53.67 -9.93 5.84
C GLN A 116 -53.49 -10.68 4.52
N LEU A 117 -54.16 -10.20 3.45
CA LEU A 117 -54.07 -10.80 2.12
C LEU A 117 -52.68 -10.61 1.52
N SER A 118 -52.07 -9.44 1.75
CA SER A 118 -50.73 -9.13 1.26
C SER A 118 -49.70 -10.02 1.97
N LYS A 119 -49.87 -10.27 3.27
CA LYS A 119 -48.98 -11.14 4.05
C LYS A 119 -49.08 -12.59 3.50
N LYS A 120 -50.32 -13.07 3.24
CA LYS A 120 -50.59 -14.40 2.72
C LYS A 120 -49.91 -14.62 1.37
N LEU A 121 -49.98 -13.62 0.48
CA LEU A 121 -49.36 -13.70 -0.83
C LEU A 121 -47.88 -13.22 -0.86
N GLU A 122 -47.32 -12.79 0.31
CA GLU A 122 -45.94 -12.32 0.43
C GLU A 122 -45.65 -11.12 -0.48
N LEU A 123 -46.54 -10.14 -0.50
CA LEU A 123 -46.39 -8.92 -1.30
C LEU A 123 -46.64 -7.71 -0.40
N PRO A 124 -46.08 -6.53 -0.71
CA PRO A 124 -46.31 -5.35 0.13
C PRO A 124 -47.72 -4.81 -0.02
N PRO A 125 -48.32 -4.20 1.04
CA PRO A 125 -49.69 -3.68 0.91
C PRO A 125 -49.75 -2.35 0.15
N ILE A 126 -49.51 -2.43 -1.15
CA ILE A 126 -49.55 -1.30 -2.09
C ILE A 126 -49.82 -1.87 -3.49
N LEU A 127 -50.42 -1.08 -4.41
CA LEU A 127 -50.69 -1.57 -5.76
C LEU A 127 -49.35 -1.82 -6.45
N VAL A 128 -49.23 -2.98 -7.06
CA VAL A 128 -47.99 -3.45 -7.63
C VAL A 128 -48.22 -3.98 -9.05
N TYR A 129 -47.14 -4.09 -9.83
CA TYR A 129 -47.15 -4.57 -11.22
C TYR A 129 -47.90 -5.89 -11.38
N ALA A 130 -47.64 -6.86 -10.48
CA ALA A 130 -48.31 -8.16 -10.45
C ALA A 130 -49.85 -8.00 -10.43
N ASP A 131 -50.34 -6.96 -9.75
CA ASP A 131 -51.76 -6.64 -9.64
C ASP A 131 -52.30 -5.88 -10.89
N CYS A 132 -51.92 -4.60 -11.06
CA CYS A 132 -52.47 -3.74 -12.10
C CYS A 132 -52.07 -4.09 -13.56
N VAL A 133 -51.13 -5.00 -13.81
CA VAL A 133 -50.79 -5.37 -15.19
C VAL A 133 -50.94 -6.90 -15.42
N LEU A 134 -50.27 -7.71 -14.60
CA LEU A 134 -50.23 -9.16 -14.73
C LEU A 134 -51.56 -9.85 -14.44
N ALA A 135 -52.34 -9.35 -13.46
CA ALA A 135 -53.65 -9.92 -13.11
C ALA A 135 -54.84 -9.04 -13.57
N ASN A 136 -54.59 -7.92 -14.27
CA ASN A 136 -55.62 -6.96 -14.67
C ASN A 136 -55.90 -7.00 -16.15
N TRP A 137 -56.31 -8.17 -16.67
CA TRP A 137 -56.61 -8.31 -18.09
C TRP A 137 -57.60 -9.43 -18.40
N LYS A 138 -58.18 -9.37 -19.59
CA LYS A 138 -59.09 -10.40 -20.09
C LYS A 138 -59.08 -10.41 -21.63
N LYS A 139 -59.55 -11.51 -22.21
CA LYS A 139 -59.69 -11.65 -23.66
C LYS A 139 -61.15 -11.32 -23.98
N LYS A 140 -61.39 -10.43 -24.96
CA LYS A 140 -62.75 -10.06 -25.35
C LYS A 140 -63.46 -11.28 -25.94
N ASP A 141 -62.82 -11.96 -26.90
CA ASP A 141 -63.30 -13.19 -27.54
C ASP A 141 -62.23 -14.25 -27.20
N PRO A 142 -62.55 -15.34 -26.49
CA PRO A 142 -61.50 -16.33 -26.17
C PRO A 142 -60.96 -17.11 -27.38
N ASN A 143 -61.64 -17.02 -28.54
CA ASN A 143 -61.23 -17.71 -29.77
C ASN A 143 -60.08 -16.98 -30.50
N LYS A 144 -59.98 -15.64 -30.36
CA LYS A 144 -58.95 -14.84 -31.02
C LYS A 144 -57.64 -14.76 -30.18
N PRO A 145 -56.48 -14.33 -30.75
CA PRO A 145 -55.23 -14.34 -29.98
C PRO A 145 -55.03 -13.17 -29.01
N LEU A 146 -53.88 -13.16 -28.29
CA LEU A 146 -53.50 -12.12 -27.35
C LEU A 146 -52.97 -10.89 -28.10
N THR A 147 -53.90 -10.06 -28.61
CA THR A 147 -53.59 -8.81 -29.31
C THR A 147 -54.38 -7.69 -28.63
N TYR A 148 -53.87 -6.44 -28.66
CA TYR A 148 -54.56 -5.30 -28.01
C TYR A 148 -56.04 -5.20 -28.38
N GLU A 149 -56.36 -5.45 -29.65
CA GLU A 149 -57.73 -5.36 -30.16
C GLU A 149 -58.65 -6.38 -29.48
N ASN A 150 -58.14 -7.58 -29.16
CA ASN A 150 -58.92 -8.64 -28.51
C ASN A 150 -58.71 -8.66 -26.98
N MET A 151 -58.31 -7.55 -26.36
CA MET A 151 -58.08 -7.54 -24.91
C MET A 151 -58.58 -6.27 -24.27
N ASP A 152 -58.79 -6.32 -22.95
CA ASP A 152 -59.26 -5.20 -22.13
C ASP A 152 -58.76 -5.39 -20.67
N VAL A 153 -58.91 -4.34 -19.85
CA VAL A 153 -58.51 -4.38 -18.43
C VAL A 153 -59.74 -4.56 -17.54
N LEU A 154 -59.54 -5.10 -16.33
CA LEU A 154 -60.62 -5.32 -15.37
C LEU A 154 -60.93 -4.05 -14.58
N PHE A 155 -59.90 -3.24 -14.23
CA PHE A 155 -60.06 -2.02 -13.44
C PHE A 155 -59.31 -0.82 -14.01
N SER A 156 -59.93 0.38 -13.89
CA SER A 156 -59.41 1.69 -14.30
C SER A 156 -59.58 2.68 -13.14
N PHE A 157 -58.90 3.84 -13.19
CA PHE A 157 -59.00 4.83 -12.12
C PHE A 157 -59.92 6.01 -12.49
N ARG A 158 -59.74 6.58 -13.67
CA ARG A 158 -60.55 7.72 -14.15
C ARG A 158 -60.86 7.52 -15.63
N ASP A 159 -61.90 8.20 -16.14
CA ASP A 159 -62.22 8.15 -17.56
C ASP A 159 -61.16 9.01 -18.28
N GLY A 160 -60.53 8.45 -19.31
CA GLY A 160 -59.48 9.14 -20.04
C GLY A 160 -58.09 9.02 -19.44
N ASP A 161 -57.91 8.21 -18.39
CA ASP A 161 -56.59 8.04 -17.76
C ASP A 161 -55.59 7.24 -18.63
N CYS A 162 -56.09 6.56 -19.70
CA CYS A 162 -55.29 5.70 -20.57
C CYS A 162 -54.74 4.49 -19.81
N SER A 163 -55.51 3.97 -18.84
CA SER A 163 -55.10 2.79 -18.07
C SER A 163 -55.23 1.54 -18.94
N LYS A 164 -56.24 1.46 -19.84
CA LYS A 164 -56.35 0.33 -20.77
C LYS A 164 -55.11 0.31 -21.69
N GLY A 165 -54.70 1.47 -22.19
CA GLY A 165 -53.53 1.59 -23.02
C GLY A 165 -52.23 1.30 -22.30
N PHE A 166 -52.03 1.88 -21.12
CA PHE A 166 -50.80 1.71 -20.37
C PHE A 166 -50.59 0.29 -19.83
N PHE A 167 -51.62 -0.28 -19.17
CA PHE A 167 -51.49 -1.61 -18.59
C PHE A 167 -51.46 -2.70 -19.67
N LEU A 168 -52.24 -2.57 -20.76
CA LEU A 168 -52.21 -3.57 -21.84
C LEU A 168 -50.92 -3.54 -22.66
N VAL A 169 -50.38 -2.35 -22.99
CA VAL A 169 -49.12 -2.29 -23.74
C VAL A 169 -47.99 -2.82 -22.85
N SER A 170 -48.02 -2.57 -21.52
CA SER A 170 -47.01 -3.12 -20.61
C SER A 170 -47.10 -4.66 -20.62
N LEU A 171 -48.33 -5.20 -20.56
CA LEU A 171 -48.61 -6.65 -20.55
C LEU A 171 -48.19 -7.29 -21.86
N LEU A 172 -48.47 -6.64 -23.00
CA LEU A 172 -48.10 -7.16 -24.31
C LEU A 172 -46.58 -7.30 -24.44
N VAL A 173 -45.79 -6.45 -23.76
CA VAL A 173 -44.33 -6.56 -23.75
C VAL A 173 -43.95 -7.81 -22.94
N GLU A 174 -44.60 -8.04 -21.79
CA GLU A 174 -44.36 -9.24 -20.99
C GLU A 174 -44.65 -10.51 -21.78
N ILE A 175 -45.74 -10.53 -22.56
CA ILE A 175 -46.09 -11.69 -23.36
C ILE A 175 -45.07 -11.89 -24.50
N ALA A 176 -44.59 -10.80 -25.10
CA ALA A 176 -43.59 -10.89 -26.17
C ALA A 176 -42.27 -11.42 -25.62
N ALA A 177 -41.85 -10.97 -24.43
CA ALA A 177 -40.61 -11.44 -23.81
C ALA A 177 -40.73 -12.86 -23.25
N ALA A 178 -41.96 -13.35 -23.01
CA ALA A 178 -42.19 -14.71 -22.51
C ALA A 178 -41.65 -15.77 -23.49
N SER A 179 -41.64 -15.47 -24.80
CA SER A 179 -41.10 -16.38 -25.81
C SER A 179 -39.60 -16.62 -25.60
N ALA A 180 -38.86 -15.62 -25.11
CA ALA A 180 -37.43 -15.77 -24.83
C ALA A 180 -37.19 -16.61 -23.56
N ILE A 181 -38.10 -16.56 -22.58
CA ILE A 181 -37.95 -17.30 -21.32
C ILE A 181 -38.07 -18.80 -21.54
N LYS A 182 -39.01 -19.24 -22.41
CA LYS A 182 -39.18 -20.67 -22.68
C LYS A 182 -37.97 -21.33 -23.36
N VAL A 183 -37.00 -20.54 -23.88
CA VAL A 183 -35.77 -21.10 -24.50
C VAL A 183 -34.62 -21.18 -23.44
N ILE A 184 -34.80 -20.63 -22.21
CA ILE A 184 -33.76 -20.67 -21.17
C ILE A 184 -33.34 -22.11 -20.83
N PRO A 185 -34.26 -23.09 -20.67
CA PRO A 185 -33.82 -24.48 -20.42
C PRO A 185 -32.92 -25.02 -21.54
N THR A 186 -33.18 -24.64 -22.80
CA THR A 186 -32.38 -25.07 -23.94
C THR A 186 -30.95 -24.51 -23.87
N VAL A 187 -30.78 -23.29 -23.33
CA VAL A 187 -29.46 -22.65 -23.19
C VAL A 187 -28.56 -23.48 -22.26
N PHE A 188 -29.08 -23.86 -21.09
CA PHE A 188 -28.31 -24.64 -20.14
C PHE A 188 -28.13 -26.09 -20.57
N LYS A 189 -29.10 -26.67 -21.28
CA LYS A 189 -28.97 -28.04 -21.79
C LYS A 189 -27.87 -28.12 -22.85
N ALA A 190 -27.74 -27.08 -23.69
CA ALA A 190 -26.71 -27.00 -24.72
C ALA A 190 -25.32 -26.84 -24.12
N MET A 191 -25.19 -26.07 -23.04
CA MET A 191 -23.90 -25.88 -22.38
C MET A 191 -23.42 -27.19 -21.77
N GLN A 192 -24.34 -27.98 -21.18
CA GLN A 192 -24.02 -29.27 -20.56
C GLN A 192 -23.65 -30.34 -21.59
N MET A 193 -24.26 -30.30 -22.79
CA MET A 193 -23.94 -31.26 -23.85
C MET A 193 -22.97 -30.69 -24.90
N GLN A 194 -22.35 -29.51 -24.65
CA GLN A 194 -21.39 -28.89 -25.58
C GLN A 194 -21.94 -28.74 -27.01
N GLU A 195 -23.24 -28.47 -27.16
CA GLU A 195 -23.83 -28.29 -28.48
C GLU A 195 -23.74 -26.81 -28.85
N ARG A 196 -22.70 -26.45 -29.63
CA ARG A 196 -22.43 -25.07 -30.04
C ARG A 196 -23.55 -24.52 -30.94
N ASP A 197 -23.99 -25.29 -31.93
CA ASP A 197 -25.03 -24.84 -32.85
C ASP A 197 -26.39 -24.68 -32.15
N THR A 198 -26.75 -25.55 -31.18
CA THR A 198 -28.03 -25.38 -30.47
C THR A 198 -27.95 -24.20 -29.51
N LEU A 199 -26.78 -23.96 -28.88
CA LEU A 199 -26.57 -22.82 -27.98
C LEU A 199 -26.58 -21.50 -28.75
N LEU A 200 -26.01 -21.50 -29.96
CA LEU A 200 -25.98 -20.30 -30.78
C LEU A 200 -27.40 -19.94 -31.25
N LYS A 201 -28.19 -20.93 -31.70
CA LYS A 201 -29.58 -20.67 -32.11
C LYS A 201 -30.40 -20.19 -30.91
N ALA A 202 -30.14 -20.72 -29.71
CA ALA A 202 -30.86 -20.32 -28.49
C ALA A 202 -30.60 -18.86 -28.12
N LEU A 203 -29.34 -18.42 -28.19
CA LEU A 203 -28.98 -17.02 -27.91
C LEU A 203 -29.57 -16.08 -28.97
N LEU A 204 -29.62 -16.53 -30.24
CA LEU A 204 -30.22 -15.74 -31.31
C LEU A 204 -31.73 -15.64 -31.17
N GLU A 205 -32.39 -16.69 -30.65
CA GLU A 205 -33.84 -16.67 -30.42
C GLU A 205 -34.15 -15.69 -29.26
N ILE A 206 -33.31 -15.66 -28.22
CA ILE A 206 -33.50 -14.73 -27.11
C ILE A 206 -33.36 -13.29 -27.61
N ALA A 207 -32.33 -13.03 -28.44
CA ALA A 207 -32.12 -11.70 -29.01
C ALA A 207 -33.29 -11.31 -29.92
N SER A 208 -33.75 -12.23 -30.80
CA SER A 208 -34.86 -11.98 -31.70
C SER A 208 -36.16 -11.71 -30.96
N CYS A 209 -36.36 -12.39 -29.82
CA CYS A 209 -37.56 -12.20 -28.99
C CYS A 209 -37.51 -10.87 -28.27
N LEU A 210 -36.33 -10.47 -27.75
CA LEU A 210 -36.17 -9.17 -27.08
C LEU A 210 -36.27 -8.00 -28.07
N GLU A 211 -35.91 -8.22 -29.35
CA GLU A 211 -36.05 -7.21 -30.40
C GLU A 211 -37.54 -7.09 -30.77
N LYS A 212 -38.28 -8.21 -30.80
CA LYS A 212 -39.72 -8.20 -31.08
C LYS A 212 -40.50 -7.52 -29.94
N ALA A 213 -40.02 -7.63 -28.69
CA ALA A 213 -40.62 -6.96 -27.55
C ALA A 213 -40.49 -5.43 -27.66
N LEU A 214 -39.41 -4.94 -28.28
CA LEU A 214 -39.20 -3.51 -28.50
C LEU A 214 -40.24 -2.99 -29.52
N GLN A 215 -40.52 -3.77 -30.57
CA GLN A 215 -41.52 -3.41 -31.59
C GLN A 215 -42.93 -3.37 -31.00
N VAL A 216 -43.24 -4.30 -30.07
CA VAL A 216 -44.55 -4.32 -29.41
C VAL A 216 -44.68 -3.11 -28.43
N PHE A 217 -43.56 -2.64 -27.86
CA PHE A 217 -43.52 -1.47 -26.99
C PHE A 217 -43.83 -0.17 -27.76
N HIS A 218 -43.55 -0.13 -29.09
CA HIS A 218 -43.86 1.05 -29.91
C HIS A 218 -45.37 1.40 -29.88
N GLN A 219 -46.24 0.42 -29.57
CA GLN A 219 -47.70 0.64 -29.50
C GLN A 219 -48.15 1.58 -28.38
N ILE A 220 -47.26 1.94 -27.43
CA ILE A 220 -47.60 2.85 -26.33
C ILE A 220 -48.09 4.20 -26.88
N HIS A 221 -47.44 4.69 -27.94
CA HIS A 221 -47.79 5.97 -28.55
C HIS A 221 -49.21 5.97 -29.11
N ASP A 222 -49.68 4.82 -29.61
CA ASP A 222 -51.01 4.69 -30.18
C ASP A 222 -52.13 4.67 -29.15
N HIS A 223 -51.87 4.11 -27.95
CA HIS A 223 -52.92 3.94 -26.94
C HIS A 223 -52.74 4.72 -25.63
N VAL A 224 -51.68 5.56 -25.49
CA VAL A 224 -51.47 6.36 -24.27
C VAL A 224 -51.17 7.81 -24.66
N ASN A 225 -51.78 8.76 -23.94
CA ASN A 225 -51.59 10.20 -24.15
C ASN A 225 -50.63 10.74 -23.09
N PRO A 226 -49.57 11.51 -23.43
CA PRO A 226 -48.65 11.99 -22.38
C PRO A 226 -49.29 12.82 -21.27
N LYS A 227 -50.20 13.76 -21.63
CA LYS A 227 -50.87 14.62 -20.65
C LYS A 227 -51.77 13.80 -19.73
N ALA A 228 -52.56 12.87 -20.28
CA ALA A 228 -53.45 12.02 -19.50
C ALA A 228 -52.67 11.10 -18.60
N PHE A 229 -51.52 10.58 -19.07
CA PHE A 229 -50.70 9.69 -18.25
C PHE A 229 -50.05 10.45 -17.10
N PHE A 230 -49.35 11.56 -17.38
CA PHE A 230 -48.63 12.30 -16.37
C PHE A 230 -49.52 12.96 -15.31
N SER A 231 -50.59 13.65 -15.75
CA SER A 231 -51.46 14.39 -14.84
C SER A 231 -52.70 13.62 -14.31
N VAL A 232 -52.94 12.36 -14.76
CA VAL A 232 -54.11 11.61 -14.28
C VAL A 232 -53.70 10.20 -13.78
N LEU A 233 -53.25 9.29 -14.67
CA LEU A 233 -52.91 7.93 -14.27
C LEU A 233 -51.73 7.87 -13.30
N ARG A 234 -50.63 8.58 -13.61
CA ARG A 234 -49.41 8.57 -12.82
C ARG A 234 -49.64 8.80 -11.33
N ILE A 235 -50.60 9.66 -10.93
CA ILE A 235 -50.85 9.91 -9.51
C ILE A 235 -51.33 8.63 -8.81
N TYR A 236 -52.18 7.83 -9.47
CA TYR A 236 -52.69 6.60 -8.85
C TYR A 236 -51.68 5.46 -8.82
N LEU A 237 -50.59 5.55 -9.59
CA LEU A 237 -49.52 4.56 -9.56
C LEU A 237 -48.40 4.99 -8.59
N SER A 238 -48.53 6.15 -7.88
CA SER A 238 -47.50 6.69 -6.99
C SER A 238 -47.65 6.11 -5.59
N GLY A 239 -46.52 5.94 -4.91
CA GLY A 239 -46.48 5.37 -3.57
C GLY A 239 -46.12 6.34 -2.49
N TRP A 240 -45.69 5.82 -1.34
CA TRP A 240 -45.39 6.64 -0.16
C TRP A 240 -44.01 6.32 0.44
N LYS A 241 -43.02 6.07 -0.44
CA LYS A 241 -41.63 5.87 -0.02
C LYS A 241 -40.87 7.07 -0.59
N GLY A 242 -40.44 7.96 0.29
CA GLY A 242 -39.73 9.17 -0.12
C GLY A 242 -40.61 10.25 -0.72
N ASN A 243 -41.95 10.05 -0.75
CA ASN A 243 -42.85 11.04 -1.31
C ASN A 243 -43.05 12.16 -0.27
N PRO A 244 -42.79 13.45 -0.60
CA PRO A 244 -43.01 14.51 0.43
C PRO A 244 -44.46 14.67 0.91
N GLN A 245 -45.44 14.18 0.13
CA GLN A 245 -46.86 14.27 0.51
C GLN A 245 -47.12 13.37 1.72
N LEU A 246 -46.55 12.15 1.72
CA LEU A 246 -46.64 11.22 2.85
C LEU A 246 -45.19 10.97 3.27
N SER A 247 -44.54 12.01 3.80
CA SER A 247 -43.13 11.95 4.20
C SER A 247 -42.79 10.77 5.12
N ASP A 248 -43.66 10.46 6.10
CA ASP A 248 -43.44 9.37 7.03
C ASP A 248 -43.99 8.02 6.54
N GLY A 249 -44.97 8.04 5.64
CA GLY A 249 -45.59 6.84 5.08
C GLY A 249 -47.10 6.86 5.22
N LEU A 250 -47.75 5.69 5.07
CA LEU A 250 -49.20 5.54 5.21
C LEU A 250 -49.50 4.68 6.44
N VAL A 251 -50.49 5.07 7.25
CA VAL A 251 -50.87 4.30 8.43
C VAL A 251 -51.91 3.27 8.03
N TYR A 252 -51.59 1.99 8.16
CA TYR A 252 -52.52 0.90 7.86
C TYR A 252 -53.23 0.62 9.17
N GLU A 253 -54.31 1.37 9.44
CA GLU A 253 -55.07 1.31 10.68
C GLU A 253 -55.48 -0.11 11.06
N GLY A 254 -55.21 -0.47 12.31
CA GLY A 254 -55.54 -1.79 12.85
C GLY A 254 -54.43 -2.81 12.70
N PHE A 255 -53.60 -2.69 11.65
CA PHE A 255 -52.53 -3.63 11.40
C PHE A 255 -51.18 -3.16 12.00
N TRP A 256 -50.76 -1.92 11.68
CA TRP A 256 -49.52 -1.34 12.19
C TRP A 256 -49.81 0.00 12.85
N GLU A 257 -49.21 0.26 14.02
CA GLU A 257 -49.39 1.53 14.74
C GLU A 257 -48.58 2.66 14.10
N ASP A 258 -47.51 2.36 13.35
CA ASP A 258 -46.63 3.35 12.72
C ASP A 258 -46.87 3.43 11.21
N PRO A 259 -46.66 4.60 10.58
CA PRO A 259 -46.83 4.68 9.11
C PRO A 259 -45.72 3.91 8.41
N LYS A 260 -46.07 3.23 7.32
CA LYS A 260 -45.12 2.42 6.57
C LYS A 260 -44.90 3.00 5.18
N GLU A 261 -43.67 2.90 4.71
CA GLU A 261 -43.24 3.44 3.43
C GLU A 261 -43.11 2.33 2.39
N PHE A 262 -43.92 2.40 1.32
CA PHE A 262 -43.87 1.43 0.23
C PHE A 262 -43.79 2.18 -1.08
N ALA A 263 -42.94 1.72 -1.99
CA ALA A 263 -42.71 2.38 -3.27
C ALA A 263 -43.86 2.20 -4.25
N GLY A 264 -43.98 3.16 -5.18
CA GLY A 264 -45.00 3.13 -6.21
C GLY A 264 -44.58 2.29 -7.40
N GLY A 265 -45.16 2.60 -8.55
CA GLY A 265 -44.89 1.87 -9.77
C GLY A 265 -43.64 2.22 -10.53
N SER A 266 -43.04 1.21 -11.17
CA SER A 266 -41.85 1.38 -11.98
C SER A 266 -41.59 0.14 -12.83
N ALA A 267 -40.90 0.32 -13.96
CA ALA A 267 -40.57 -0.79 -14.86
C ALA A 267 -39.70 -1.87 -14.17
N GLY A 268 -39.00 -1.52 -13.09
CA GLY A 268 -38.17 -2.44 -12.32
C GLY A 268 -38.94 -3.56 -11.65
N GLN A 269 -40.27 -3.39 -11.44
CA GLN A 269 -41.12 -4.45 -10.85
C GLN A 269 -41.36 -5.62 -11.83
N SER A 270 -41.07 -5.44 -13.12
CA SER A 270 -41.19 -6.50 -14.11
C SER A 270 -40.02 -7.46 -13.94
N SER A 271 -40.30 -8.74 -13.80
CA SER A 271 -39.26 -9.74 -13.63
C SER A 271 -38.47 -9.98 -14.94
N VAL A 272 -39.07 -9.69 -16.11
CA VAL A 272 -38.47 -9.86 -17.46
C VAL A 272 -37.18 -9.01 -17.62
N PHE A 273 -37.17 -7.79 -17.09
CA PHE A 273 -36.00 -6.90 -17.21
C PHE A 273 -34.79 -7.54 -16.48
N GLN A 274 -34.98 -7.96 -15.24
CA GLN A 274 -33.94 -8.60 -14.43
C GLN A 274 -33.66 -10.05 -14.83
N CYS A 275 -34.58 -10.70 -15.57
CA CYS A 275 -34.43 -12.08 -15.98
C CYS A 275 -33.25 -12.23 -16.94
N PHE A 276 -33.23 -11.44 -18.01
CA PHE A 276 -32.16 -11.53 -19.00
C PHE A 276 -30.86 -10.87 -18.55
N ASP A 277 -30.90 -9.97 -17.55
CA ASP A 277 -29.67 -9.42 -17.00
C ASP A 277 -28.94 -10.52 -16.24
N VAL A 278 -29.67 -11.32 -15.43
CA VAL A 278 -29.09 -12.42 -14.66
C VAL A 278 -28.63 -13.56 -15.60
N LEU A 279 -29.42 -13.84 -16.66
CA LEU A 279 -29.09 -14.89 -17.62
C LEU A 279 -27.76 -14.59 -18.33
N LEU A 280 -27.55 -13.33 -18.74
CA LEU A 280 -26.33 -12.89 -19.45
C LEU A 280 -25.18 -12.43 -18.53
N GLY A 281 -25.32 -12.56 -17.21
CA GLY A 281 -24.26 -12.18 -16.28
C GLY A 281 -24.06 -10.68 -16.11
N ILE A 282 -25.07 -9.89 -16.46
CA ILE A 282 -25.04 -8.43 -16.30
C ILE A 282 -25.40 -8.12 -14.83
N GLN A 283 -24.48 -7.57 -14.02
CA GLN A 283 -24.80 -7.23 -12.62
C GLN A 283 -25.85 -6.11 -12.54
N GLY A 288 -24.79 0.10 -9.72
CA GLY A 288 -23.54 0.12 -9.01
C GLY A 288 -23.71 0.06 -7.50
N GLY A 289 -24.26 1.14 -6.94
CA GLY A 289 -24.53 1.29 -5.52
C GLY A 289 -25.99 1.63 -5.28
N HIS A 290 -26.38 2.86 -5.62
CA HIS A 290 -27.77 3.31 -5.46
C HIS A 290 -28.70 2.60 -6.45
N ALA A 291 -28.19 2.24 -7.64
CA ALA A 291 -28.98 1.53 -8.65
C ALA A 291 -29.11 0.05 -8.30
N ALA A 292 -28.02 -0.59 -7.83
CA ALA A 292 -28.02 -2.02 -7.47
C ALA A 292 -28.97 -2.30 -6.30
N GLN A 293 -28.95 -1.45 -5.25
CA GLN A 293 -29.81 -1.62 -4.10
C GLN A 293 -31.28 -1.42 -4.47
N PHE A 294 -31.58 -0.52 -5.41
CA PHE A 294 -32.94 -0.26 -5.86
C PHE A 294 -33.53 -1.46 -6.61
N LEU A 295 -32.74 -2.09 -7.50
CA LEU A 295 -33.22 -3.26 -8.23
C LEU A 295 -33.40 -4.46 -7.31
N GLN A 296 -32.53 -4.61 -6.30
CA GLN A 296 -32.67 -5.70 -5.32
C GLN A 296 -33.93 -5.46 -4.45
N ASP A 297 -34.25 -4.19 -4.15
CA ASP A 297 -35.44 -3.83 -3.39
C ASP A 297 -36.71 -4.11 -4.23
N MET A 298 -36.67 -3.86 -5.56
CA MET A 298 -37.82 -4.12 -6.44
C MET A 298 -38.20 -5.59 -6.55
N ARG A 299 -37.30 -6.52 -6.18
CA ARG A 299 -37.64 -7.93 -6.17
C ARG A 299 -38.68 -8.21 -5.10
N ARG A 300 -38.63 -7.50 -3.96
CA ARG A 300 -39.61 -7.62 -2.88
C ARG A 300 -41.04 -7.36 -3.41
N TYR A 301 -41.17 -6.44 -4.40
CA TYR A 301 -42.44 -6.08 -5.02
C TYR A 301 -42.91 -7.09 -6.08
N MET A 302 -42.10 -8.12 -6.41
CA MET A 302 -42.51 -9.14 -7.39
C MET A 302 -43.12 -10.35 -6.68
N PRO A 303 -43.92 -11.22 -7.34
CA PRO A 303 -44.46 -12.40 -6.64
C PRO A 303 -43.36 -13.30 -6.08
N PRO A 304 -43.61 -14.01 -4.97
CA PRO A 304 -42.55 -14.84 -4.37
C PRO A 304 -41.94 -15.90 -5.30
N ALA A 305 -42.77 -16.56 -6.13
CA ALA A 305 -42.27 -17.57 -7.06
C ALA A 305 -41.36 -16.99 -8.14
N HIS A 306 -41.60 -15.73 -8.55
CA HIS A 306 -40.79 -15.08 -9.57
C HIS A 306 -39.44 -14.64 -9.03
N ARG A 307 -39.38 -14.15 -7.79
CA ARG A 307 -38.08 -13.77 -7.21
C ARG A 307 -37.24 -15.02 -6.88
N ASN A 308 -37.87 -16.19 -6.62
CA ASN A 308 -37.16 -17.45 -6.42
C ASN A 308 -36.56 -17.91 -7.78
N PHE A 309 -37.27 -17.66 -8.90
CA PHE A 309 -36.80 -17.99 -10.25
C PHE A 309 -35.58 -17.12 -10.60
N LEU A 310 -35.69 -15.77 -10.50
CA LEU A 310 -34.57 -14.85 -10.75
C LEU A 310 -33.32 -15.22 -9.95
N CYS A 311 -33.51 -15.85 -8.81
CA CYS A 311 -32.44 -16.25 -7.93
C CYS A 311 -31.89 -17.65 -8.29
N SER A 312 -32.75 -18.55 -8.80
CA SER A 312 -32.31 -19.86 -9.29
C SER A 312 -31.41 -19.68 -10.54
N LEU A 313 -31.71 -18.67 -11.39
CA LEU A 313 -30.90 -18.38 -12.57
C LEU A 313 -29.50 -17.96 -12.15
N GLU A 314 -29.39 -17.17 -11.06
CA GLU A 314 -28.09 -16.71 -10.54
C GLU A 314 -27.20 -17.91 -10.16
N SER A 315 -27.78 -18.96 -9.58
CA SER A 315 -27.04 -20.15 -9.17
C SER A 315 -26.91 -21.23 -10.27
N ASN A 316 -27.21 -20.88 -11.54
CA ASN A 316 -27.00 -21.79 -12.69
C ASN A 316 -25.66 -21.43 -13.34
N PRO A 317 -25.01 -22.33 -14.11
CA PRO A 317 -23.72 -21.98 -14.73
C PRO A 317 -23.77 -20.70 -15.57
N SER A 318 -22.70 -19.90 -15.49
CA SER A 318 -22.64 -18.61 -16.19
C SER A 318 -22.59 -18.79 -17.71
N VAL A 319 -23.55 -18.19 -18.43
CA VAL A 319 -23.56 -18.23 -19.89
C VAL A 319 -22.43 -17.33 -20.41
N ARG A 320 -22.23 -16.15 -19.79
CA ARG A 320 -21.16 -15.22 -20.13
C ARG A 320 -19.78 -15.90 -20.02
N GLU A 321 -19.51 -16.63 -18.92
CA GLU A 321 -18.21 -17.29 -18.73
C GLU A 321 -17.97 -18.40 -19.76
N PHE A 322 -19.05 -19.07 -20.21
CA PHE A 322 -18.94 -20.15 -21.19
C PHE A 322 -18.59 -19.60 -22.58
N VAL A 323 -19.33 -18.59 -23.07
CA VAL A 323 -19.06 -18.00 -24.38
C VAL A 323 -17.64 -17.43 -24.45
N LEU A 324 -17.12 -16.88 -23.33
CA LEU A 324 -15.76 -16.35 -23.26
C LEU A 324 -14.70 -17.44 -23.23
N SER A 325 -14.96 -18.55 -22.53
CA SER A 325 -14.00 -19.65 -22.46
C SER A 325 -13.89 -20.37 -23.80
N LYS A 326 -15.01 -20.53 -24.52
CA LYS A 326 -14.99 -21.20 -25.81
C LYS A 326 -14.17 -20.45 -26.88
N GLY A 327 -14.06 -19.11 -26.76
CA GLY A 327 -13.31 -18.31 -27.73
C GLY A 327 -13.82 -18.47 -29.14
N ASP A 328 -15.16 -18.46 -29.27
CA ASP A 328 -15.90 -18.66 -30.52
C ASP A 328 -16.51 -17.33 -30.93
N ALA A 329 -16.30 -16.89 -32.17
CA ALA A 329 -16.82 -15.62 -32.66
C ALA A 329 -18.35 -15.64 -32.80
N GLY A 330 -18.91 -16.78 -33.21
CA GLY A 330 -20.33 -16.94 -33.40
C GLY A 330 -21.12 -16.80 -32.11
N LEU A 331 -20.68 -17.51 -31.05
CA LEU A 331 -21.34 -17.42 -29.75
C LEU A 331 -21.14 -16.03 -29.14
N ARG A 332 -19.96 -15.41 -29.34
CA ARG A 332 -19.70 -14.04 -28.85
C ARG A 332 -20.65 -13.05 -29.53
N GLU A 333 -20.86 -13.19 -30.85
CA GLU A 333 -21.76 -12.31 -31.58
C GLU A 333 -23.21 -12.54 -31.16
N ALA A 334 -23.62 -13.82 -30.99
CA ALA A 334 -24.98 -14.16 -30.54
C ALA A 334 -25.25 -13.69 -29.11
N TYR A 335 -24.22 -13.63 -28.26
CA TYR A 335 -24.36 -13.13 -26.90
C TYR A 335 -24.58 -11.62 -26.99
N ASP A 336 -23.73 -10.90 -27.78
CA ASP A 336 -23.86 -9.46 -27.98
C ASP A 336 -25.18 -9.08 -28.67
N ALA A 337 -25.82 -9.99 -29.41
CA ALA A 337 -27.12 -9.72 -30.02
C ALA A 337 -28.17 -9.54 -28.92
N CYS A 338 -28.09 -10.38 -27.85
CA CYS A 338 -29.00 -10.31 -26.70
C CYS A 338 -28.71 -9.07 -25.86
N VAL A 339 -27.43 -8.69 -25.71
CA VAL A 339 -27.03 -7.52 -24.94
C VAL A 339 -27.50 -6.27 -25.66
N LYS A 340 -27.25 -6.16 -26.98
CA LYS A 340 -27.70 -5.01 -27.77
C LYS A 340 -29.22 -4.89 -27.78
N ALA A 341 -29.96 -6.03 -27.68
CA ALA A 341 -31.42 -6.01 -27.61
C ALA A 341 -31.88 -5.39 -26.30
N LEU A 342 -31.15 -5.64 -25.19
CA LEU A 342 -31.47 -5.04 -23.90
C LEU A 342 -31.14 -3.56 -23.91
N VAL A 343 -30.00 -3.17 -24.50
CA VAL A 343 -29.58 -1.77 -24.64
C VAL A 343 -30.61 -0.97 -25.47
N SER A 344 -31.16 -1.58 -26.54
CA SER A 344 -32.18 -0.92 -27.38
C SER A 344 -33.48 -0.69 -26.61
N LEU A 345 -33.88 -1.66 -25.76
CA LEU A 345 -35.08 -1.53 -24.94
C LEU A 345 -34.90 -0.44 -23.89
N ARG A 346 -33.76 -0.38 -23.22
CA ARG A 346 -33.51 0.64 -22.20
C ARG A 346 -33.33 2.03 -22.81
N SER A 347 -32.82 2.13 -24.04
CA SER A 347 -32.68 3.43 -24.71
C SER A 347 -34.06 3.93 -25.13
N TYR A 348 -34.91 3.04 -25.69
CA TYR A 348 -36.27 3.41 -26.08
C TYR A 348 -37.15 3.68 -24.85
N HIS A 349 -36.88 3.01 -23.71
CA HIS A 349 -37.58 3.24 -22.45
C HIS A 349 -37.30 4.66 -21.98
N LEU A 350 -36.02 5.05 -21.89
CA LEU A 350 -35.60 6.43 -21.53
C LEU A 350 -36.29 7.47 -22.43
N GLN A 351 -36.45 7.12 -23.70
CA GLN A 351 -37.04 7.91 -24.76
C GLN A 351 -38.55 8.18 -24.49
N ILE A 352 -39.25 7.14 -23.99
CA ILE A 352 -40.67 7.19 -23.61
C ILE A 352 -40.82 7.90 -22.25
N VAL A 353 -39.86 7.74 -21.32
CA VAL A 353 -39.89 8.49 -20.06
C VAL A 353 -39.74 10.02 -20.36
N THR A 354 -39.04 10.39 -21.44
CA THR A 354 -38.89 11.79 -21.85
C THR A 354 -40.25 12.35 -22.30
N LYS A 355 -40.98 11.59 -23.13
CA LYS A 355 -42.27 12.00 -23.67
C LYS A 355 -43.40 12.03 -22.64
N TYR A 356 -43.52 10.97 -21.82
CA TYR A 356 -44.60 10.79 -20.86
C TYR A 356 -44.35 11.35 -19.45
N ILE A 357 -43.12 11.79 -19.11
CA ILE A 357 -42.84 12.36 -17.80
C ILE A 357 -42.09 13.71 -17.87
N LEU A 358 -40.95 13.74 -18.55
CA LEU A 358 -40.12 14.95 -18.58
C LEU A 358 -40.79 16.14 -19.31
N ILE A 359 -41.40 15.92 -20.48
CA ILE A 359 -42.04 17.00 -21.24
C ILE A 359 -43.30 17.53 -20.52
N PRO A 360 -44.25 16.67 -20.05
CA PRO A 360 -45.43 17.20 -19.34
C PRO A 360 -45.09 17.85 -17.99
N ALA A 361 -44.03 17.40 -17.31
CA ALA A 361 -43.64 17.99 -16.01
C ALA A 361 -43.21 19.44 -16.16
N SER A 362 -42.47 19.79 -17.21
CA SER A 362 -42.02 21.16 -17.41
C SER A 362 -43.08 22.05 -18.08
N GLN A 363 -44.38 21.75 -17.86
CA GLN A 363 -45.48 22.48 -18.48
C GLN A 363 -46.70 22.49 -17.56
N ASP A 386 -34.99 12.72 -12.40
CA ASP A 386 -34.34 11.93 -11.37
C ASP A 386 -34.37 10.46 -11.77
N LEU A 387 -35.58 9.93 -12.17
CA LEU A 387 -35.77 8.57 -12.69
C LEU A 387 -34.87 8.31 -13.92
N MET A 388 -34.56 9.37 -14.67
CA MET A 388 -33.75 9.29 -15.88
C MET A 388 -32.33 8.89 -15.53
N ASN A 389 -31.77 9.44 -14.45
CA ASN A 389 -30.40 9.16 -14.02
C ASN A 389 -30.23 7.67 -13.71
N PHE A 390 -31.20 7.08 -13.01
CA PHE A 390 -31.18 5.65 -12.70
C PHE A 390 -31.20 4.83 -13.98
N LEU A 391 -32.10 5.13 -14.91
CA LEU A 391 -32.21 4.40 -16.17
C LEU A 391 -30.95 4.54 -17.03
N LYS A 392 -30.32 5.73 -17.08
CA LYS A 392 -29.07 5.92 -17.83
C LYS A 392 -27.94 5.11 -17.22
N THR A 393 -27.92 4.97 -15.88
CA THR A 393 -26.90 4.21 -15.16
C THR A 393 -27.04 2.71 -15.45
N VAL A 394 -28.26 2.17 -15.35
CA VAL A 394 -28.55 0.75 -15.61
C VAL A 394 -28.37 0.41 -17.11
N ARG A 395 -28.47 1.41 -18.03
CA ARG A 395 -28.24 1.20 -19.46
C ARG A 395 -26.72 1.17 -19.75
N SER A 396 -25.93 2.00 -19.04
CA SER A 396 -24.47 2.02 -19.21
C SER A 396 -23.85 0.70 -18.73
N THR A 397 -24.42 0.08 -17.68
CA THR A 397 -23.95 -1.21 -17.17
C THR A 397 -24.22 -2.33 -18.18
N THR A 398 -25.34 -2.23 -18.93
CA THR A 398 -25.71 -3.19 -19.97
C THR A 398 -24.73 -3.02 -21.14
N GLU A 399 -24.47 -1.76 -21.56
CA GLU A 399 -23.51 -1.45 -22.63
C GLU A 399 -22.10 -1.94 -22.29
N LYS A 400 -21.70 -1.83 -21.02
CA LYS A 400 -20.36 -2.27 -20.59
C LYS A 400 -20.18 -3.79 -20.65
N SER A 401 -21.26 -4.58 -20.59
CA SER A 401 -21.15 -6.04 -20.64
C SER A 401 -21.00 -6.59 -22.08
N LEU A 402 -20.89 -5.73 -23.11
CA LEU A 402 -20.67 -6.20 -24.47
C LEU A 402 -19.25 -6.74 -24.57
N LEU A 403 -19.07 -7.84 -25.31
CA LEU A 403 -17.77 -8.49 -25.48
C LEU A 403 -16.94 -7.83 -26.60
N LYS A 404 -17.54 -7.60 -27.78
CA LYS A 404 -16.85 -6.99 -28.93
C LYS A 404 -16.60 -5.50 -28.66
N GLU B 17 -39.03 -24.76 6.57
CA GLU B 17 -39.19 -24.89 5.12
C GLU B 17 -37.82 -25.05 4.38
N TYR B 18 -36.77 -24.31 4.80
CA TYR B 18 -35.44 -24.35 4.15
C TYR B 18 -34.44 -25.35 4.77
N HIS B 19 -34.90 -26.35 5.52
CA HIS B 19 -34.05 -27.39 6.12
C HIS B 19 -32.90 -26.82 6.95
N ILE B 20 -33.26 -26.08 8.00
CA ILE B 20 -32.31 -25.49 8.94
C ILE B 20 -32.79 -25.90 10.33
N ASP B 21 -32.09 -26.85 10.96
CA ASP B 21 -32.45 -27.36 12.28
C ASP B 21 -32.16 -26.27 13.34
N GLU B 22 -32.98 -26.18 14.38
CA GLU B 22 -32.78 -25.17 15.43
C GLU B 22 -31.42 -25.37 16.15
N GLU B 23 -31.06 -26.63 16.44
CA GLU B 23 -29.83 -26.99 17.15
C GLU B 23 -28.60 -27.07 16.24
N VAL B 24 -28.70 -27.89 15.18
CA VAL B 24 -27.62 -28.21 14.28
C VAL B 24 -27.43 -27.17 13.13
N GLY B 25 -28.48 -26.44 12.79
CA GLY B 25 -28.43 -25.42 11.74
C GLY B 25 -28.43 -25.98 10.34
N PHE B 26 -27.53 -25.50 9.48
CA PHE B 26 -27.43 -26.00 8.10
C PHE B 26 -27.00 -27.47 8.03
N ALA B 27 -26.37 -28.01 9.09
CA ALA B 27 -25.96 -29.42 9.08
C ALA B 27 -27.14 -30.38 9.06
N LEU B 28 -26.95 -31.59 8.52
CA LEU B 28 -28.02 -32.59 8.45
C LEU B 28 -28.27 -33.14 9.85
N PRO B 29 -29.45 -32.94 10.46
CA PRO B 29 -29.67 -33.47 11.82
C PRO B 29 -29.78 -35.00 11.81
N ASN B 30 -29.04 -35.67 12.70
CA ASN B 30 -29.07 -37.14 12.80
C ASN B 30 -28.83 -37.82 11.43
N PRO B 31 -27.64 -37.66 10.83
CA PRO B 31 -27.38 -38.28 9.52
C PRO B 31 -27.54 -39.79 9.55
N GLN B 32 -28.00 -40.40 8.44
CA GLN B 32 -28.16 -41.86 8.37
C GLN B 32 -26.79 -42.52 8.32
N GLU B 33 -26.61 -43.64 9.02
CA GLU B 33 -25.33 -44.34 9.11
C GLU B 33 -25.23 -45.55 8.17
N ASN B 34 -26.36 -46.24 7.90
CA ASN B 34 -26.39 -47.43 7.05
C ASN B 34 -27.29 -47.28 5.85
N LEU B 35 -26.91 -47.89 4.73
CA LEU B 35 -27.69 -47.89 3.49
C LEU B 35 -28.42 -49.24 3.39
N PRO B 36 -29.49 -49.37 2.58
CA PRO B 36 -30.12 -50.69 2.42
C PRO B 36 -29.14 -51.79 1.97
N ASP B 37 -29.47 -53.08 2.26
CA ASP B 37 -28.66 -54.24 1.84
C ASP B 37 -28.23 -54.18 0.37
N PHE B 38 -29.03 -53.51 -0.47
CA PHE B 38 -28.78 -53.39 -1.91
C PHE B 38 -27.43 -52.72 -2.22
N TYR B 39 -27.00 -51.75 -1.41
CA TYR B 39 -25.75 -51.01 -1.63
C TYR B 39 -24.61 -51.44 -0.71
N ASN B 40 -24.53 -52.72 -0.35
CA ASN B 40 -23.45 -53.21 0.53
C ASN B 40 -22.08 -53.09 -0.14
N ASP B 41 -21.99 -53.30 -1.46
CA ASP B 41 -20.73 -53.20 -2.19
C ASP B 41 -20.20 -51.76 -2.20
N TRP B 42 -21.08 -50.76 -2.29
CA TRP B 42 -20.69 -49.36 -2.23
C TRP B 42 -20.17 -49.05 -0.81
N MET B 43 -20.94 -49.44 0.22
CA MET B 43 -20.61 -49.19 1.61
C MET B 43 -19.31 -49.82 2.04
N PHE B 44 -19.05 -51.06 1.61
CA PHE B 44 -17.81 -51.76 1.96
C PHE B 44 -16.57 -50.99 1.56
N ILE B 45 -16.57 -50.46 0.32
CA ILE B 45 -15.42 -49.73 -0.19
C ILE B 45 -15.23 -48.42 0.58
N ALA B 46 -16.30 -47.61 0.70
CA ALA B 46 -16.22 -46.33 1.41
C ALA B 46 -15.78 -46.47 2.86
N LYS B 47 -16.26 -47.50 3.56
CA LYS B 47 -15.85 -47.72 4.97
C LYS B 47 -14.40 -48.23 5.09
N HIS B 48 -13.79 -48.75 4.00
CA HIS B 48 -12.43 -49.28 4.01
C HIS B 48 -11.46 -48.48 3.14
N LEU B 49 -11.67 -47.15 2.97
CA LEU B 49 -10.77 -46.35 2.14
C LEU B 49 -9.33 -46.35 2.70
N PRO B 50 -9.08 -46.21 4.02
CA PRO B 50 -7.69 -46.25 4.50
C PRO B 50 -6.91 -47.52 4.17
N ASP B 51 -7.58 -48.67 4.15
CA ASP B 51 -6.96 -49.95 3.86
C ASP B 51 -6.82 -50.17 2.36
N LEU B 52 -7.86 -49.82 1.58
CA LEU B 52 -7.86 -50.00 0.14
C LEU B 52 -6.91 -49.04 -0.59
N ILE B 53 -6.79 -47.79 -0.10
CA ILE B 53 -5.88 -46.81 -0.70
C ILE B 53 -4.44 -47.22 -0.44
N GLU B 54 -4.12 -47.66 0.79
CA GLU B 54 -2.77 -48.06 1.15
C GLU B 54 -2.34 -49.33 0.40
N SER B 55 -3.19 -50.37 0.38
CA SER B 55 -2.87 -51.61 -0.34
C SER B 55 -2.98 -51.48 -1.86
N GLY B 56 -3.70 -50.45 -2.34
CA GLY B 56 -3.90 -50.21 -3.76
C GLY B 56 -5.00 -51.05 -4.39
N GLN B 57 -5.72 -51.84 -3.58
CA GLN B 57 -6.84 -52.67 -4.04
C GLN B 57 -8.12 -51.83 -4.28
N LEU B 58 -8.06 -50.50 -4.15
CA LEU B 58 -9.23 -49.65 -4.32
C LEU B 58 -9.72 -49.61 -5.77
N ARG B 59 -8.90 -49.12 -6.70
CA ARG B 59 -9.28 -48.97 -8.09
C ARG B 59 -9.77 -50.27 -8.72
N GLU B 60 -9.20 -51.42 -8.31
CA GLU B 60 -9.65 -52.72 -8.80
C GLU B 60 -11.03 -53.05 -8.26
N ARG B 61 -11.32 -52.72 -6.98
CA ARG B 61 -12.63 -52.98 -6.40
C ARG B 61 -13.69 -52.04 -6.99
N VAL B 62 -13.31 -50.80 -7.34
CA VAL B 62 -14.26 -49.87 -7.97
C VAL B 62 -14.54 -50.32 -9.42
N GLU B 63 -13.50 -50.76 -10.15
CA GLU B 63 -13.64 -51.23 -11.53
C GLU B 63 -14.40 -52.57 -11.61
N LYS B 64 -14.29 -53.45 -10.59
CA LYS B 64 -15.02 -54.73 -10.57
C LYS B 64 -16.41 -54.60 -9.90
N LEU B 65 -16.93 -53.37 -9.73
CA LEU B 65 -18.20 -53.09 -9.06
C LEU B 65 -19.35 -53.17 -10.07
N ASN B 66 -20.49 -53.77 -9.70
CA ASN B 66 -21.65 -53.85 -10.60
C ASN B 66 -22.44 -52.53 -10.53
N MET B 67 -23.21 -52.24 -11.60
CA MET B 67 -23.98 -51.00 -11.70
C MET B 67 -25.27 -51.07 -10.87
N LEU B 68 -25.35 -50.35 -9.72
CA LEU B 68 -26.53 -50.36 -8.84
C LEU B 68 -27.44 -49.17 -9.14
N SER B 69 -28.75 -49.43 -9.23
CA SER B 69 -29.74 -48.40 -9.50
C SER B 69 -30.01 -47.58 -8.24
N ILE B 70 -30.17 -46.27 -8.38
CA ILE B 70 -30.44 -45.38 -7.23
C ILE B 70 -31.93 -45.36 -6.82
N ASP B 71 -32.76 -46.30 -7.31
CA ASP B 71 -34.19 -46.33 -7.01
C ASP B 71 -34.50 -46.74 -5.57
N HIS B 72 -33.60 -47.50 -4.91
CA HIS B 72 -33.83 -47.90 -3.53
C HIS B 72 -33.46 -46.83 -2.48
N LEU B 73 -32.85 -45.71 -2.92
CA LEU B 73 -32.52 -44.57 -2.06
C LEU B 73 -33.72 -43.64 -2.16
N THR B 74 -34.76 -43.91 -1.37
CA THR B 74 -36.01 -43.19 -1.44
C THR B 74 -36.10 -41.89 -0.65
N ASP B 75 -35.59 -41.86 0.59
CA ASP B 75 -35.67 -40.67 1.45
C ASP B 75 -34.41 -39.80 1.32
N HIS B 76 -34.52 -38.52 1.72
CA HIS B 76 -33.40 -37.58 1.62
C HIS B 76 -32.15 -38.02 2.38
N LYS B 77 -32.29 -38.52 3.61
CA LYS B 77 -31.12 -38.93 4.41
C LYS B 77 -30.36 -40.13 3.82
N SER B 78 -31.05 -41.06 3.15
CA SER B 78 -30.39 -42.20 2.51
C SER B 78 -29.71 -41.73 1.22
N GLN B 79 -30.35 -40.82 0.46
CA GLN B 79 -29.77 -40.23 -0.74
C GLN B 79 -28.51 -39.44 -0.39
N ARG B 80 -28.53 -38.68 0.71
CA ARG B 80 -27.36 -37.92 1.17
C ARG B 80 -26.25 -38.83 1.65
N LEU B 81 -26.58 -39.94 2.33
CA LEU B 81 -25.57 -40.89 2.79
C LEU B 81 -24.91 -41.54 1.58
N ALA B 82 -25.71 -41.95 0.56
CA ALA B 82 -25.16 -42.56 -0.65
C ALA B 82 -24.28 -41.59 -1.43
N ARG B 83 -24.57 -40.28 -1.37
CA ARG B 83 -23.75 -39.24 -2.02
C ARG B 83 -22.41 -39.11 -1.29
N LEU B 84 -22.41 -39.22 0.03
CA LEU B 84 -21.20 -39.19 0.85
C LEU B 84 -20.37 -40.45 0.58
N VAL B 85 -21.03 -41.62 0.45
CA VAL B 85 -20.37 -42.88 0.14
C VAL B 85 -19.68 -42.78 -1.23
N LEU B 86 -20.45 -42.45 -2.30
CA LEU B 86 -19.91 -42.38 -3.66
C LEU B 86 -18.92 -41.23 -3.83
N GLY B 87 -19.13 -40.12 -3.13
CA GLY B 87 -18.23 -38.97 -3.19
C GLY B 87 -16.85 -39.29 -2.67
N CYS B 88 -16.77 -39.93 -1.50
CA CYS B 88 -15.48 -40.31 -0.93
C CYS B 88 -14.79 -41.35 -1.81
N ILE B 89 -15.55 -42.29 -2.39
CA ILE B 89 -14.96 -43.30 -3.27
C ILE B 89 -14.41 -42.64 -4.53
N THR B 90 -15.13 -41.66 -5.10
CA THR B 90 -14.70 -40.95 -6.32
C THR B 90 -13.39 -40.18 -6.10
N MET B 91 -13.23 -39.49 -4.98
CA MET B 91 -11.99 -38.75 -4.70
C MET B 91 -10.83 -39.72 -4.52
N ALA B 92 -11.08 -40.88 -3.88
CA ALA B 92 -10.05 -41.89 -3.69
C ALA B 92 -9.69 -42.56 -5.03
N TYR B 93 -10.66 -42.75 -5.94
CA TYR B 93 -10.41 -43.35 -7.25
C TYR B 93 -9.62 -42.37 -8.11
N VAL B 94 -9.97 -41.08 -8.09
CA VAL B 94 -9.29 -40.09 -8.90
C VAL B 94 -7.83 -39.86 -8.44
N TRP B 95 -7.62 -39.58 -7.15
CA TRP B 95 -6.29 -39.26 -6.62
C TRP B 95 -5.41 -40.46 -6.25
N GLY B 96 -6.01 -41.56 -5.79
CA GLY B 96 -5.24 -42.74 -5.41
C GLY B 96 -4.32 -42.47 -4.24
N LYS B 97 -3.05 -42.88 -4.32
CA LYS B 97 -2.08 -42.63 -3.24
C LYS B 97 -1.66 -41.14 -3.17
N GLY B 98 -1.79 -40.41 -4.28
CA GLY B 98 -1.45 -38.99 -4.34
C GLY B 98 -0.01 -38.72 -4.75
N HIS B 99 0.52 -39.53 -5.70
CA HIS B 99 1.90 -39.39 -6.18
C HIS B 99 1.94 -39.24 -7.72
N GLY B 100 0.97 -38.51 -8.27
CA GLY B 100 0.89 -38.29 -9.71
C GLY B 100 0.06 -39.31 -10.47
N ASP B 101 -0.06 -40.55 -9.95
CA ASP B 101 -0.88 -41.58 -10.62
C ASP B 101 -2.35 -41.25 -10.37
N VAL B 102 -2.92 -40.49 -11.31
CA VAL B 102 -4.30 -40.01 -11.27
C VAL B 102 -5.13 -40.65 -12.39
N ARG B 103 -6.45 -40.77 -12.17
CA ARG B 103 -7.39 -41.30 -13.17
C ARG B 103 -8.19 -40.14 -13.76
N LYS B 104 -8.25 -40.05 -15.10
CA LYS B 104 -9.02 -39.02 -15.78
C LYS B 104 -10.44 -39.48 -16.16
N VAL B 105 -10.79 -40.77 -15.94
CA VAL B 105 -12.11 -41.32 -16.27
C VAL B 105 -12.66 -42.08 -15.07
N LEU B 106 -13.90 -41.77 -14.65
CA LEU B 106 -14.58 -42.45 -13.55
C LEU B 106 -15.41 -43.60 -14.16
N PRO B 107 -15.27 -44.88 -13.73
CA PRO B 107 -16.01 -45.97 -14.40
C PRO B 107 -17.55 -45.84 -14.45
N ARG B 108 -18.18 -46.25 -15.58
CA ARG B 108 -19.64 -46.26 -15.81
C ARG B 108 -20.43 -46.78 -14.61
N ASN B 109 -19.94 -47.86 -14.00
CA ASN B 109 -20.55 -48.56 -12.86
C ASN B 109 -20.84 -47.66 -11.65
N ILE B 110 -20.06 -46.60 -11.49
CA ILE B 110 -20.10 -45.67 -10.34
C ILE B 110 -20.42 -44.23 -10.79
N ALA B 111 -19.94 -43.81 -11.98
CA ALA B 111 -20.18 -42.46 -12.50
C ALA B 111 -21.65 -42.19 -12.85
N VAL B 112 -22.38 -43.15 -13.49
CA VAL B 112 -23.77 -42.87 -13.87
C VAL B 112 -24.69 -42.87 -12.59
N PRO B 113 -24.63 -43.83 -11.62
CA PRO B 113 -25.47 -43.68 -10.41
C PRO B 113 -25.13 -42.44 -9.56
N TYR B 114 -23.84 -42.07 -9.46
CA TYR B 114 -23.43 -40.89 -8.72
C TYR B 114 -23.95 -39.61 -9.39
N CYS B 115 -23.98 -39.57 -10.73
CA CYS B 115 -24.51 -38.41 -11.44
C CYS B 115 -26.03 -38.38 -11.42
N GLN B 116 -26.69 -39.54 -11.41
CA GLN B 116 -28.14 -39.61 -11.31
C GLN B 116 -28.57 -39.11 -9.92
N LEU B 117 -27.85 -39.54 -8.88
CA LEU B 117 -28.13 -39.15 -7.50
C LEU B 117 -27.83 -37.67 -7.28
N SER B 118 -26.75 -37.16 -7.89
CA SER B 118 -26.37 -35.76 -7.80
C SER B 118 -27.40 -34.87 -8.51
N LYS B 119 -27.94 -35.32 -9.65
CA LYS B 119 -28.97 -34.59 -10.38
C LYS B 119 -30.25 -34.51 -9.53
N LYS B 120 -30.63 -35.64 -8.89
CA LYS B 120 -31.82 -35.74 -8.04
C LYS B 120 -31.74 -34.76 -6.88
N LEU B 121 -30.58 -34.68 -6.24
CA LEU B 121 -30.35 -33.78 -5.12
C LEU B 121 -29.91 -32.36 -5.53
N GLU B 122 -29.76 -32.08 -6.85
CA GLU B 122 -29.34 -30.78 -7.37
C GLU B 122 -27.98 -30.34 -6.84
N LEU B 123 -27.01 -31.25 -6.83
CA LEU B 123 -25.64 -30.97 -6.38
C LEU B 123 -24.66 -31.46 -7.46
N PRO B 124 -23.44 -30.87 -7.55
CA PRO B 124 -22.50 -31.33 -8.58
C PRO B 124 -21.92 -32.70 -8.24
N PRO B 125 -21.55 -33.53 -9.24
CA PRO B 125 -21.00 -34.85 -8.93
C PRO B 125 -19.52 -34.79 -8.50
N ILE B 126 -19.31 -34.27 -7.31
CA ILE B 126 -18.00 -34.14 -6.66
C ILE B 126 -18.23 -34.07 -5.14
N LEU B 127 -17.24 -34.49 -4.32
CA LEU B 127 -17.40 -34.42 -2.86
C LEU B 127 -17.51 -32.97 -2.45
N VAL B 128 -18.49 -32.67 -1.63
CA VAL B 128 -18.85 -31.31 -1.26
C VAL B 128 -19.03 -31.22 0.26
N TYR B 129 -18.99 -30.00 0.79
CA TYR B 129 -19.16 -29.68 2.21
C TYR B 129 -20.39 -30.33 2.81
N ALA B 130 -21.54 -30.24 2.11
CA ALA B 130 -22.81 -30.86 2.54
C ALA B 130 -22.64 -32.36 2.83
N ASP B 131 -21.77 -33.04 2.04
CA ASP B 131 -21.48 -34.46 2.18
C ASP B 131 -20.45 -34.75 3.29
N CYS B 132 -19.18 -34.31 3.14
CA CYS B 132 -18.12 -34.69 4.05
C CYS B 132 -18.09 -33.96 5.40
N VAL B 133 -18.97 -32.99 5.67
CA VAL B 133 -19.00 -32.32 6.97
C VAL B 133 -20.41 -32.36 7.57
N LEU B 134 -21.40 -31.86 6.81
CA LEU B 134 -22.79 -31.75 7.26
C LEU B 134 -23.50 -33.09 7.43
N ALA B 135 -23.22 -34.07 6.56
CA ALA B 135 -23.83 -35.41 6.65
C ALA B 135 -22.85 -36.51 7.14
N ASN B 136 -21.60 -36.15 7.49
CA ASN B 136 -20.55 -37.10 7.87
C ASN B 136 -20.26 -37.06 9.38
N TRP B 137 -21.29 -37.27 10.23
CA TRP B 137 -21.10 -37.24 11.67
C TRP B 137 -22.09 -38.11 12.44
N LYS B 138 -21.76 -38.41 13.70
CA LYS B 138 -22.63 -39.16 14.59
C LYS B 138 -22.30 -38.81 16.05
N LYS B 139 -23.24 -39.11 16.97
CA LYS B 139 -23.05 -38.91 18.41
C LYS B 139 -22.63 -40.27 18.97
N LYS B 140 -21.54 -40.33 19.74
CA LYS B 140 -21.06 -41.57 20.34
C LYS B 140 -22.11 -42.10 21.33
N ASP B 141 -22.56 -41.23 22.26
CA ASP B 141 -23.60 -41.51 23.25
C ASP B 141 -24.73 -40.51 22.92
N PRO B 142 -25.94 -40.95 22.57
CA PRO B 142 -27.01 -39.96 22.27
C PRO B 142 -27.49 -39.13 23.47
N ASN B 143 -27.14 -39.54 24.70
CA ASN B 143 -27.53 -38.84 25.92
C ASN B 143 -26.68 -37.57 26.17
N LYS B 144 -25.41 -37.56 25.73
CA LYS B 144 -24.49 -36.43 25.94
C LYS B 144 -24.63 -35.35 24.83
N PRO B 145 -24.11 -34.12 25.01
CA PRO B 145 -24.33 -33.07 24.00
C PRO B 145 -23.40 -33.13 22.77
N LEU B 146 -23.58 -32.17 21.84
CA LEU B 146 -22.78 -32.05 20.62
C LEU B 146 -21.42 -31.42 20.93
N THR B 147 -20.49 -32.23 21.44
CA THR B 147 -19.11 -31.81 21.77
C THR B 147 -18.16 -32.77 21.04
N TYR B 148 -16.95 -32.31 20.68
CA TYR B 148 -15.97 -33.15 19.96
C TYR B 148 -15.75 -34.52 20.62
N GLU B 149 -15.71 -34.54 21.96
CA GLU B 149 -15.48 -35.77 22.74
C GLU B 149 -16.61 -36.79 22.53
N ASN B 150 -17.87 -36.32 22.37
CA ASN B 150 -19.03 -37.18 22.16
C ASN B 150 -19.39 -37.33 20.67
N MET B 151 -18.46 -37.10 19.74
CA MET B 151 -18.76 -37.17 18.31
C MET B 151 -17.67 -37.89 17.53
N ASP B 152 -18.02 -38.37 16.33
CA ASP B 152 -17.11 -39.04 15.40
C ASP B 152 -17.62 -38.86 13.95
N VAL B 153 -16.80 -39.23 12.97
CA VAL B 153 -17.15 -39.14 11.55
C VAL B 153 -17.52 -40.54 11.01
N LEU B 154 -18.31 -40.59 9.95
CA LEU B 154 -18.72 -41.84 9.32
C LEU B 154 -17.66 -42.36 8.35
N PHE B 155 -16.97 -41.46 7.61
CA PHE B 155 -15.96 -41.85 6.63
C PHE B 155 -14.66 -41.02 6.73
N SER B 156 -13.53 -41.68 6.48
CA SER B 156 -12.17 -41.13 6.45
C SER B 156 -11.45 -41.59 5.17
N PHE B 157 -10.31 -40.96 4.83
CA PHE B 157 -9.57 -41.30 3.63
C PHE B 157 -8.33 -42.15 3.91
N ARG B 158 -7.55 -41.76 4.90
CA ARG B 158 -6.32 -42.46 5.28
C ARG B 158 -6.15 -42.43 6.79
N ASP B 159 -5.39 -43.37 7.33
CA ASP B 159 -5.10 -43.36 8.76
C ASP B 159 -4.11 -42.21 9.00
N GLY B 160 -4.42 -41.33 9.95
CA GLY B 160 -3.59 -40.17 10.25
C GLY B 160 -3.87 -38.95 9.38
N ASP B 161 -4.92 -38.98 8.54
CA ASP B 161 -5.25 -37.82 7.70
C ASP B 161 -5.85 -36.64 8.48
N CYS B 162 -6.26 -36.85 9.75
CA CYS B 162 -6.91 -35.86 10.59
C CYS B 162 -8.27 -35.46 10.02
N SER B 163 -8.99 -36.40 9.38
CA SER B 163 -10.31 -36.13 8.84
C SER B 163 -11.33 -36.04 9.98
N LYS B 164 -11.18 -36.82 11.07
CA LYS B 164 -12.07 -36.68 12.23
C LYS B 164 -11.91 -35.27 12.83
N GLY B 165 -10.67 -34.81 12.95
CA GLY B 165 -10.39 -33.48 13.46
C GLY B 165 -10.86 -32.36 12.55
N PHE B 166 -10.57 -32.45 11.25
CA PHE B 166 -10.92 -31.40 10.30
C PHE B 166 -12.43 -31.28 10.07
N PHE B 167 -13.11 -32.39 9.79
CA PHE B 167 -14.55 -32.36 9.53
C PHE B 167 -15.37 -32.05 10.78
N LEU B 168 -14.98 -32.57 11.96
CA LEU B 168 -15.71 -32.29 13.19
C LEU B 168 -15.53 -30.86 13.68
N VAL B 169 -14.31 -30.30 13.61
CA VAL B 169 -14.10 -28.91 14.03
C VAL B 169 -14.83 -27.96 13.05
N SER B 170 -14.89 -28.30 11.74
CA SER B 170 -15.65 -27.50 10.78
C SER B 170 -17.14 -27.54 11.14
N LEU B 171 -17.66 -28.74 11.48
CA LEU B 171 -19.06 -28.97 11.86
C LEU B 171 -19.41 -28.25 13.15
N LEU B 172 -18.52 -28.29 14.15
CA LEU B 172 -18.75 -27.63 15.42
C LEU B 172 -18.88 -26.12 15.25
N VAL B 173 -18.21 -25.52 14.24
CA VAL B 173 -18.35 -24.10 13.93
C VAL B 173 -19.76 -23.87 13.34
N GLU B 174 -20.23 -24.75 12.46
CA GLU B 174 -21.57 -24.66 11.91
C GLU B 174 -22.64 -24.73 13.00
N ILE B 175 -22.45 -25.60 13.99
CA ILE B 175 -23.41 -25.73 15.09
C ILE B 175 -23.36 -24.49 15.99
N ALA B 176 -22.18 -23.92 16.22
CA ALA B 176 -22.04 -22.71 17.02
C ALA B 176 -22.72 -21.52 16.34
N ALA B 177 -22.54 -21.40 15.02
CA ALA B 177 -23.16 -20.32 14.25
C ALA B 177 -24.67 -20.50 14.06
N ALA B 178 -25.19 -21.74 14.21
CA ALA B 178 -26.62 -22.03 14.10
C ALA B 178 -27.45 -21.26 15.13
N SER B 179 -26.86 -20.96 16.31
CA SER B 179 -27.53 -20.19 17.35
C SER B 179 -27.85 -18.77 16.88
N ALA B 180 -27.00 -18.19 16.02
CA ALA B 180 -27.22 -16.85 15.47
C ALA B 180 -28.33 -16.86 14.40
N ILE B 181 -28.48 -17.97 13.66
CA ILE B 181 -29.48 -18.09 12.59
C ILE B 181 -30.90 -18.12 13.16
N LYS B 182 -31.11 -18.83 14.28
CA LYS B 182 -32.45 -18.88 14.89
C LYS B 182 -32.94 -17.51 15.43
N VAL B 183 -32.04 -16.51 15.49
CA VAL B 183 -32.33 -15.12 15.92
C VAL B 183 -32.80 -14.25 14.72
N ILE B 184 -32.58 -14.70 13.48
CA ILE B 184 -32.88 -13.92 12.27
C ILE B 184 -34.37 -13.53 12.18
N PRO B 185 -35.34 -14.44 12.46
CA PRO B 185 -36.74 -14.02 12.43
C PRO B 185 -37.05 -12.88 13.40
N THR B 186 -36.39 -12.87 14.58
CA THR B 186 -36.57 -11.81 15.58
C THR B 186 -36.07 -10.46 15.06
N VAL B 187 -35.01 -10.45 14.24
CA VAL B 187 -34.45 -9.22 13.68
C VAL B 187 -35.48 -8.53 12.78
N PHE B 188 -36.10 -9.28 11.86
CA PHE B 188 -37.10 -8.72 10.95
C PHE B 188 -38.41 -8.41 11.64
N LYS B 189 -38.79 -9.18 12.66
CA LYS B 189 -40.03 -8.92 13.41
C LYS B 189 -39.90 -7.59 14.18
N ALA B 190 -38.70 -7.31 14.73
CA ALA B 190 -38.44 -6.07 15.47
C ALA B 190 -38.43 -4.85 14.55
N MET B 191 -37.93 -4.99 13.32
CA MET B 191 -37.91 -3.90 12.37
C MET B 191 -39.34 -3.54 11.95
N GLN B 192 -40.23 -4.55 11.76
CA GLN B 192 -41.64 -4.33 11.41
C GLN B 192 -42.42 -3.66 12.55
N MET B 193 -42.15 -4.04 13.80
CA MET B 193 -42.84 -3.47 14.96
C MET B 193 -42.07 -2.32 15.62
N GLN B 194 -41.00 -1.80 14.98
CA GLN B 194 -40.23 -0.68 15.49
C GLN B 194 -39.72 -0.88 16.94
N GLU B 195 -39.39 -2.13 17.32
CA GLU B 195 -38.90 -2.42 18.67
C GLU B 195 -37.37 -2.28 18.67
N ARG B 196 -36.87 -1.12 19.09
CA ARG B 196 -35.44 -0.82 19.13
C ARG B 196 -34.68 -1.72 20.11
N ASP B 197 -35.21 -1.91 21.31
CA ASP B 197 -34.55 -2.75 22.31
C ASP B 197 -34.54 -4.23 21.89
N THR B 198 -35.62 -4.71 21.23
CA THR B 198 -35.68 -6.09 20.74
C THR B 198 -34.69 -6.29 19.59
N LEU B 199 -34.56 -5.29 18.71
CA LEU B 199 -33.61 -5.35 17.59
C LEU B 199 -32.17 -5.26 18.08
N LEU B 200 -31.89 -4.42 19.06
CA LEU B 200 -30.54 -4.24 19.60
C LEU B 200 -30.05 -5.54 20.28
N LYS B 201 -30.91 -6.19 21.10
CA LYS B 201 -30.53 -7.45 21.73
C LYS B 201 -30.31 -8.53 20.68
N ALA B 202 -31.11 -8.53 19.58
CA ALA B 202 -30.97 -9.51 18.50
C ALA B 202 -29.63 -9.37 17.77
N LEU B 203 -29.20 -8.14 17.46
CA LEU B 203 -27.92 -7.90 16.81
C LEU B 203 -26.77 -8.28 17.74
N LEU B 204 -26.90 -8.02 19.05
CA LEU B 204 -25.88 -8.39 20.03
C LEU B 204 -25.79 -9.91 20.19
N GLU B 205 -26.91 -10.64 20.08
CA GLU B 205 -26.92 -12.10 20.17
C GLU B 205 -26.23 -12.69 18.93
N ILE B 206 -26.44 -12.09 17.74
CA ILE B 206 -25.78 -12.56 16.52
C ILE B 206 -24.27 -12.35 16.66
N ALA B 207 -23.85 -11.18 17.17
CA ALA B 207 -22.44 -10.88 17.37
C ALA B 207 -21.82 -11.84 18.40
N SER B 208 -22.51 -12.06 19.55
CA SER B 208 -22.05 -12.96 20.60
C SER B 208 -21.93 -14.39 20.11
N CYS B 209 -22.84 -14.82 19.22
CA CYS B 209 -22.82 -16.16 18.66
C CYS B 209 -21.68 -16.33 17.67
N LEU B 210 -21.42 -15.31 16.83
CA LEU B 210 -20.32 -15.34 15.87
C LEU B 210 -18.95 -15.25 16.57
N GLU B 211 -18.88 -14.60 17.76
CA GLU B 211 -17.66 -14.55 18.55
C GLU B 211 -17.43 -15.92 19.21
N LYS B 212 -18.50 -16.60 19.66
CA LYS B 212 -18.41 -17.95 20.24
C LYS B 212 -17.97 -18.97 19.19
N ALA B 213 -18.37 -18.78 17.92
CA ALA B 213 -17.96 -19.64 16.81
C ALA B 213 -16.45 -19.54 16.55
N LEU B 214 -15.86 -18.36 16.78
CA LEU B 214 -14.41 -18.15 16.63
C LEU B 214 -13.66 -18.95 17.71
N GLN B 215 -14.18 -18.97 18.96
CA GLN B 215 -13.57 -19.72 20.06
C GLN B 215 -13.65 -21.23 19.80
N VAL B 216 -14.75 -21.70 19.20
CA VAL B 216 -14.91 -23.10 18.82
C VAL B 216 -13.88 -23.47 17.73
N PHE B 217 -13.63 -22.56 16.78
CA PHE B 217 -12.68 -22.75 15.69
C PHE B 217 -11.23 -22.92 16.21
N HIS B 218 -10.90 -22.37 17.40
CA HIS B 218 -9.56 -22.52 17.99
C HIS B 218 -9.20 -24.01 18.21
N GLN B 219 -10.20 -24.91 18.33
CA GLN B 219 -9.98 -26.35 18.54
C GLN B 219 -9.30 -27.06 17.36
N ILE B 220 -9.19 -26.41 16.19
CA ILE B 220 -8.54 -27.00 15.01
C ILE B 220 -7.10 -27.41 15.33
N HIS B 221 -6.39 -26.56 16.09
CA HIS B 221 -4.99 -26.80 16.47
C HIS B 221 -4.84 -28.07 17.32
N ASP B 222 -5.85 -28.38 18.14
CA ASP B 222 -5.82 -29.55 19.02
C ASP B 222 -6.05 -30.87 18.28
N HIS B 223 -6.86 -30.87 17.21
CA HIS B 223 -7.24 -32.10 16.53
C HIS B 223 -6.77 -32.24 15.06
N VAL B 224 -6.01 -31.26 14.51
CA VAL B 224 -5.50 -31.35 13.13
C VAL B 224 -4.01 -31.02 13.10
N ASN B 225 -3.23 -31.80 12.34
CA ASN B 225 -1.79 -31.63 12.19
C ASN B 225 -1.53 -30.95 10.83
N PRO B 226 -0.78 -29.83 10.75
CA PRO B 226 -0.54 -29.20 9.43
C PRO B 226 0.07 -30.11 8.34
N LYS B 227 1.08 -30.94 8.68
CA LYS B 227 1.72 -31.84 7.72
C LYS B 227 0.73 -32.89 7.21
N ALA B 228 -0.04 -33.50 8.12
CA ALA B 228 -1.03 -34.51 7.76
C ALA B 228 -2.15 -33.92 6.93
N PHE B 229 -2.57 -32.68 7.25
CA PHE B 229 -3.62 -32.02 6.50
C PHE B 229 -3.15 -31.67 5.08
N PHE B 230 -2.03 -30.95 4.96
CA PHE B 230 -1.54 -30.49 3.66
C PHE B 230 -1.12 -31.62 2.71
N SER B 231 -0.34 -32.59 3.20
CA SER B 231 0.19 -33.66 2.37
C SER B 231 -0.66 -34.95 2.31
N VAL B 232 -1.77 -35.07 3.06
CA VAL B 232 -2.60 -36.29 3.02
C VAL B 232 -4.09 -35.96 2.76
N LEU B 233 -4.78 -35.28 3.70
CA LEU B 233 -6.21 -35.01 3.53
C LEU B 233 -6.49 -34.10 2.34
N ARG B 234 -5.77 -32.98 2.26
CA ARG B 234 -5.98 -31.95 1.24
C ARG B 234 -6.01 -32.51 -0.20
N ILE B 235 -5.31 -33.62 -0.46
CA ILE B 235 -5.30 -34.25 -1.78
C ILE B 235 -6.71 -34.77 -2.12
N TYR B 236 -7.37 -35.41 -1.15
CA TYR B 236 -8.71 -35.98 -1.36
C TYR B 236 -9.84 -34.97 -1.35
N LEU B 237 -9.60 -33.75 -0.87
CA LEU B 237 -10.60 -32.69 -0.95
C LEU B 237 -10.37 -31.79 -2.17
N SER B 238 -9.43 -32.14 -3.09
CA SER B 238 -9.13 -31.35 -4.28
C SER B 238 -10.00 -31.78 -5.45
N GLY B 239 -10.35 -30.82 -6.31
CA GLY B 239 -11.22 -31.06 -7.45
C GLY B 239 -10.52 -30.99 -8.78
N TRP B 240 -11.29 -30.80 -9.85
CA TRP B 240 -10.78 -30.80 -11.21
C TRP B 240 -11.25 -29.59 -12.02
N LYS B 241 -11.31 -28.42 -11.36
CA LYS B 241 -11.61 -27.15 -12.02
C LYS B 241 -10.33 -26.33 -11.93
N GLY B 242 -9.68 -26.12 -13.06
CA GLY B 242 -8.42 -25.39 -13.11
C GLY B 242 -7.21 -26.16 -12.57
N ASN B 243 -7.38 -27.44 -12.20
CA ASN B 243 -6.27 -28.25 -11.70
C ASN B 243 -5.41 -28.71 -12.90
N PRO B 244 -4.09 -28.43 -12.96
CA PRO B 244 -3.30 -28.91 -14.11
C PRO B 244 -3.22 -30.43 -14.28
N GLN B 245 -3.51 -31.21 -13.22
CA GLN B 245 -3.49 -32.67 -13.28
C GLN B 245 -4.64 -33.17 -14.15
N LEU B 246 -5.83 -32.56 -14.00
CA LEU B 246 -6.99 -32.85 -14.84
C LEU B 246 -7.36 -31.52 -15.51
N SER B 247 -6.49 -31.04 -16.39
CA SER B 247 -6.65 -29.76 -17.08
C SER B 247 -8.02 -29.58 -17.74
N ASP B 248 -8.53 -30.63 -18.40
CA ASP B 248 -9.82 -30.60 -19.10
C ASP B 248 -11.01 -30.97 -18.20
N GLY B 249 -10.76 -31.73 -17.13
CA GLY B 249 -11.78 -32.18 -16.19
C GLY B 249 -11.77 -33.67 -15.99
N LEU B 250 -12.87 -34.22 -15.44
CA LEU B 250 -13.02 -35.67 -15.21
C LEU B 250 -14.13 -36.20 -16.11
N VAL B 251 -13.92 -37.37 -16.75
CA VAL B 251 -14.94 -37.97 -17.62
C VAL B 251 -15.82 -38.86 -16.77
N TYR B 252 -17.11 -38.54 -16.66
CA TYR B 252 -18.08 -39.33 -15.93
C TYR B 252 -18.65 -40.29 -16.94
N GLU B 253 -17.97 -41.44 -17.12
CA GLU B 253 -18.30 -42.45 -18.12
C GLU B 253 -19.77 -42.88 -18.07
N GLY B 254 -20.41 -42.89 -19.23
CA GLY B 254 -21.81 -43.26 -19.37
C GLY B 254 -22.79 -42.12 -19.25
N PHE B 255 -22.43 -41.09 -18.47
CA PHE B 255 -23.31 -39.95 -18.26
C PHE B 255 -23.01 -38.79 -19.24
N TRP B 256 -21.73 -38.36 -19.30
CA TRP B 256 -21.31 -37.28 -20.19
C TRP B 256 -20.14 -37.76 -21.06
N GLU B 257 -20.17 -37.45 -22.37
CA GLU B 257 -19.10 -37.84 -23.28
C GLU B 257 -17.85 -36.94 -23.13
N ASP B 258 -18.01 -35.72 -22.59
CA ASP B 258 -16.90 -34.77 -22.41
C ASP B 258 -16.47 -34.67 -20.94
N PRO B 259 -15.20 -34.36 -20.65
CA PRO B 259 -14.79 -34.20 -19.25
C PRO B 259 -15.40 -32.94 -18.65
N LYS B 260 -15.80 -33.00 -17.38
CA LYS B 260 -16.43 -31.88 -16.71
C LYS B 260 -15.55 -31.38 -15.56
N GLU B 261 -15.56 -30.08 -15.37
CA GLU B 261 -14.75 -29.40 -14.37
C GLU B 261 -15.59 -28.99 -13.16
N PHE B 262 -15.27 -29.55 -11.98
CA PHE B 262 -15.96 -29.22 -10.74
C PHE B 262 -14.93 -28.88 -9.69
N ALA B 263 -15.18 -27.83 -8.91
CA ALA B 263 -14.25 -27.35 -7.90
C ALA B 263 -14.17 -28.25 -6.67
N GLY B 264 -13.04 -28.20 -5.98
CA GLY B 264 -12.81 -28.95 -4.76
C GLY B 264 -13.35 -28.23 -3.53
N GLY B 265 -12.78 -28.55 -2.39
CA GLY B 265 -13.22 -28.01 -1.12
C GLY B 265 -12.77 -26.62 -0.76
N SER B 266 -13.63 -25.89 -0.08
CA SER B 266 -13.34 -24.54 0.37
C SER B 266 -14.35 -24.10 1.44
N ALA B 267 -13.92 -23.17 2.32
CA ALA B 267 -14.79 -22.60 3.36
C ALA B 267 -16.01 -21.87 2.74
N GLY B 268 -15.91 -21.46 1.47
CA GLY B 268 -16.99 -20.77 0.77
C GLY B 268 -18.23 -21.63 0.56
N GLN B 269 -18.09 -22.97 0.61
CA GLN B 269 -19.23 -23.89 0.48
C GLN B 269 -20.16 -23.85 1.70
N SER B 270 -19.70 -23.31 2.85
CA SER B 270 -20.51 -23.17 4.06
C SER B 270 -21.50 -22.04 3.84
N SER B 271 -22.77 -22.30 4.07
CA SER B 271 -23.81 -21.28 3.90
C SER B 271 -23.77 -20.22 5.02
N VAL B 272 -23.20 -20.55 6.20
CA VAL B 272 -23.09 -19.67 7.38
C VAL B 272 -22.25 -18.41 7.07
N PHE B 273 -21.17 -18.56 6.29
CA PHE B 273 -20.31 -17.42 5.93
C PHE B 273 -21.11 -16.39 5.12
N GLN B 274 -21.82 -16.87 4.08
CA GLN B 274 -22.63 -16.04 3.20
C GLN B 274 -23.96 -15.60 3.84
N CYS B 275 -24.40 -16.28 4.90
CA CYS B 275 -25.66 -15.98 5.58
C CYS B 275 -25.62 -14.62 6.27
N PHE B 276 -24.61 -14.39 7.09
CA PHE B 276 -24.50 -13.13 7.82
C PHE B 276 -23.98 -11.99 6.95
N ASP B 277 -23.33 -12.27 5.82
CA ASP B 277 -22.93 -11.21 4.89
C ASP B 277 -24.20 -10.63 4.26
N VAL B 278 -25.13 -11.49 3.83
CA VAL B 278 -26.39 -11.06 3.23
C VAL B 278 -27.31 -10.38 4.26
N LEU B 279 -27.33 -10.88 5.50
CA LEU B 279 -28.14 -10.32 6.58
C LEU B 279 -27.71 -8.86 6.86
N LEU B 280 -26.39 -8.63 6.98
CA LEU B 280 -25.84 -7.31 7.28
C LEU B 280 -25.61 -6.40 6.06
N GLY B 281 -26.03 -6.82 4.87
CA GLY B 281 -25.90 -6.00 3.67
C GLY B 281 -24.48 -5.87 3.13
N ILE B 282 -23.60 -6.81 3.52
CA ILE B 282 -22.22 -6.86 3.06
C ILE B 282 -22.28 -7.52 1.65
N GLN B 283 -22.14 -6.69 0.61
CA GLN B 283 -22.26 -7.15 -0.78
C GLN B 283 -21.04 -7.94 -1.24
N GLY B 288 -15.40 -8.34 -5.13
CA GLY B 288 -15.56 -7.25 -6.09
C GLY B 288 -15.95 -7.75 -7.47
N GLY B 289 -15.01 -8.43 -8.12
CA GLY B 289 -15.19 -9.00 -9.45
C GLY B 289 -14.89 -10.49 -9.44
N HIS B 290 -13.60 -10.83 -9.31
CA HIS B 290 -13.16 -12.23 -9.26
C HIS B 290 -13.62 -12.92 -7.97
N ALA B 291 -13.72 -12.15 -6.86
CA ALA B 291 -14.16 -12.68 -5.57
C ALA B 291 -15.69 -12.85 -5.55
N ALA B 292 -16.43 -11.86 -6.07
CA ALA B 292 -17.90 -11.90 -6.11
C ALA B 292 -18.42 -13.07 -6.95
N GLN B 293 -17.84 -13.29 -8.15
CA GLN B 293 -18.24 -14.39 -9.03
C GLN B 293 -17.93 -15.75 -8.41
N PHE B 294 -16.82 -15.85 -7.65
CA PHE B 294 -16.44 -17.10 -6.98
C PHE B 294 -17.43 -17.48 -5.89
N LEU B 295 -17.86 -16.51 -5.07
CA LEU B 295 -18.83 -16.79 -4.00
C LEU B 295 -20.20 -17.13 -4.57
N GLN B 296 -20.59 -16.49 -5.69
CA GLN B 296 -21.86 -16.82 -6.34
C GLN B 296 -21.80 -18.24 -6.96
N ASP B 297 -20.63 -18.65 -7.46
CA ASP B 297 -20.41 -19.99 -8.01
C ASP B 297 -20.48 -21.03 -6.88
N MET B 298 -19.94 -20.69 -5.70
CA MET B 298 -19.95 -21.58 -4.53
C MET B 298 -21.34 -21.91 -4.01
N ARG B 299 -22.36 -21.11 -4.33
CA ARG B 299 -23.75 -21.41 -3.95
C ARG B 299 -24.23 -22.66 -4.67
N ARG B 300 -23.79 -22.89 -5.93
CA ARG B 300 -24.14 -24.10 -6.70
C ARG B 300 -23.72 -25.37 -5.96
N TYR B 301 -22.62 -25.29 -5.18
CA TYR B 301 -22.10 -26.39 -4.38
C TYR B 301 -22.84 -26.58 -3.04
N MET B 302 -23.79 -25.70 -2.68
CA MET B 302 -24.56 -25.83 -1.43
C MET B 302 -25.90 -26.55 -1.71
N PRO B 303 -26.57 -27.16 -0.70
CA PRO B 303 -27.87 -27.80 -0.98
C PRO B 303 -28.90 -26.82 -1.56
N PRO B 304 -29.83 -27.28 -2.40
CA PRO B 304 -30.80 -26.34 -3.00
C PRO B 304 -31.63 -25.52 -2.02
N ALA B 305 -32.08 -26.13 -0.91
CA ALA B 305 -32.87 -25.42 0.09
C ALA B 305 -32.08 -24.31 0.77
N HIS B 306 -30.76 -24.50 0.94
CA HIS B 306 -29.90 -23.49 1.58
C HIS B 306 -29.63 -22.31 0.65
N ARG B 307 -29.60 -22.53 -0.68
CA ARG B 307 -29.44 -21.43 -1.63
C ARG B 307 -30.73 -20.61 -1.63
N ASN B 308 -31.90 -21.28 -1.64
CA ASN B 308 -33.20 -20.62 -1.61
C ASN B 308 -33.31 -19.73 -0.35
N PHE B 309 -32.67 -20.14 0.77
CA PHE B 309 -32.66 -19.37 2.00
C PHE B 309 -31.76 -18.14 1.84
N LEU B 310 -30.46 -18.31 1.47
CA LEU B 310 -29.53 -17.19 1.25
C LEU B 310 -30.09 -16.14 0.30
N CYS B 311 -30.96 -16.56 -0.61
CA CYS B 311 -31.56 -15.68 -1.58
C CYS B 311 -32.85 -15.03 -1.04
N SER B 312 -33.61 -15.73 -0.18
CA SER B 312 -34.79 -15.14 0.46
C SER B 312 -34.34 -14.01 1.43
N LEU B 313 -33.18 -14.16 2.09
CA LEU B 313 -32.65 -13.12 2.97
C LEU B 313 -32.34 -11.85 2.15
N GLU B 314 -31.82 -12.00 0.92
CA GLU B 314 -31.52 -10.86 0.05
C GLU B 314 -32.78 -10.04 -0.25
N SER B 315 -33.93 -10.71 -0.44
CA SER B 315 -35.19 -10.05 -0.73
C SER B 315 -35.99 -9.63 0.53
N ASN B 316 -35.36 -9.66 1.72
CA ASN B 316 -35.99 -9.17 2.96
C ASN B 316 -35.52 -7.72 3.21
N PRO B 317 -36.26 -6.90 3.99
CA PRO B 317 -35.80 -5.52 4.22
C PRO B 317 -34.35 -5.42 4.73
N SER B 318 -33.61 -4.41 4.24
CA SER B 318 -32.22 -4.24 4.61
C SER B 318 -32.05 -3.84 6.09
N VAL B 319 -31.28 -4.64 6.86
CA VAL B 319 -30.99 -4.34 8.26
C VAL B 319 -30.02 -3.14 8.30
N ARG B 320 -29.01 -3.15 7.44
CA ARG B 320 -28.03 -2.07 7.27
C ARG B 320 -28.74 -0.72 7.01
N GLU B 321 -29.73 -0.66 6.08
CA GLU B 321 -30.43 0.59 5.75
C GLU B 321 -31.31 1.07 6.90
N PHE B 322 -31.92 0.13 7.64
CA PHE B 322 -32.80 0.46 8.77
C PHE B 322 -32.00 1.11 9.90
N VAL B 323 -30.90 0.48 10.31
CA VAL B 323 -30.04 0.97 11.39
C VAL B 323 -29.50 2.39 11.06
N LEU B 324 -29.10 2.61 9.81
CA LEU B 324 -28.60 3.91 9.34
C LEU B 324 -29.71 4.97 9.31
N SER B 325 -30.93 4.56 8.93
CA SER B 325 -32.08 5.48 8.85
C SER B 325 -32.51 5.98 10.23
N LYS B 326 -32.35 5.14 11.26
CA LYS B 326 -32.76 5.51 12.61
C LYS B 326 -31.77 6.50 13.28
N GLY B 327 -30.50 6.46 12.89
CA GLY B 327 -29.50 7.36 13.46
C GLY B 327 -29.35 7.17 14.96
N ASP B 328 -29.29 5.91 15.39
CA ASP B 328 -29.20 5.49 16.79
C ASP B 328 -27.81 4.93 17.02
N ALA B 329 -27.10 5.40 18.06
CA ALA B 329 -25.75 4.95 18.37
C ALA B 329 -25.70 3.49 18.83
N GLY B 330 -26.71 3.08 19.59
CA GLY B 330 -26.80 1.72 20.12
C GLY B 330 -26.93 0.68 19.02
N LEU B 331 -27.87 0.90 18.09
CA LEU B 331 -28.05 -0.03 16.96
C LEU B 331 -26.83 -0.01 16.05
N ARG B 332 -26.20 1.16 15.83
CA ARG B 332 -25.00 1.22 14.99
C ARG B 332 -23.85 0.44 15.64
N GLU B 333 -23.70 0.55 16.97
CA GLU B 333 -22.65 -0.19 17.67
C GLU B 333 -22.95 -1.70 17.63
N ALA B 334 -24.22 -2.10 17.85
CA ALA B 334 -24.62 -3.50 17.81
C ALA B 334 -24.47 -4.10 16.40
N TYR B 335 -24.62 -3.28 15.35
CA TYR B 335 -24.43 -3.72 13.98
C TYR B 335 -22.94 -3.97 13.77
N ASP B 336 -22.09 -3.00 14.18
CA ASP B 336 -20.63 -3.13 14.08
C ASP B 336 -20.08 -4.27 14.94
N ALA B 337 -20.79 -4.71 15.99
CA ALA B 337 -20.36 -5.85 16.79
C ALA B 337 -20.42 -7.12 15.93
N CYS B 338 -21.47 -7.25 15.09
CA CYS B 338 -21.65 -8.39 14.18
C CYS B 338 -20.63 -8.34 13.04
N VAL B 339 -20.33 -7.13 12.54
CA VAL B 339 -19.37 -6.93 11.46
C VAL B 339 -17.96 -7.28 11.97
N LYS B 340 -17.56 -6.76 13.13
CA LYS B 340 -16.27 -7.05 13.74
C LYS B 340 -16.12 -8.54 14.05
N ALA B 341 -17.24 -9.24 14.38
CA ALA B 341 -17.21 -10.68 14.63
C ALA B 341 -16.89 -11.45 13.33
N LEU B 342 -17.39 -10.97 12.18
CA LEU B 342 -17.09 -11.58 10.89
C LEU B 342 -15.65 -11.31 10.49
N VAL B 343 -15.12 -10.07 10.71
CA VAL B 343 -13.72 -9.79 10.37
C VAL B 343 -12.80 -10.63 11.26
N SER B 344 -13.13 -10.83 12.56
CA SER B 344 -12.30 -11.64 13.45
C SER B 344 -12.22 -13.09 12.96
N LEU B 345 -13.34 -13.62 12.45
CA LEU B 345 -13.38 -14.98 11.90
C LEU B 345 -12.54 -15.08 10.62
N ARG B 346 -12.66 -14.11 9.71
CA ARG B 346 -11.90 -14.12 8.47
C ARG B 346 -10.41 -13.86 8.70
N SER B 347 -10.05 -13.09 9.74
CA SER B 347 -8.64 -12.83 10.06
C SER B 347 -8.03 -14.11 10.64
N TYR B 348 -8.75 -14.79 11.56
CA TYR B 348 -8.28 -16.04 12.14
C TYR B 348 -8.26 -17.18 11.12
N HIS B 349 -9.17 -17.14 10.13
CA HIS B 349 -9.22 -18.11 9.04
C HIS B 349 -7.94 -17.97 8.22
N LEU B 350 -7.53 -16.73 7.90
CA LEU B 350 -6.28 -16.47 7.20
C LEU B 350 -5.08 -17.00 8.00
N GLN B 351 -5.08 -16.82 9.33
CA GLN B 351 -3.99 -17.32 10.18
C GLN B 351 -3.89 -18.84 10.11
N ILE B 352 -5.03 -19.53 10.01
CA ILE B 352 -5.05 -20.99 9.93
C ILE B 352 -4.65 -21.46 8.51
N VAL B 353 -5.03 -20.71 7.45
CA VAL B 353 -4.59 -21.04 6.10
C VAL B 353 -3.04 -20.88 6.01
N THR B 354 -2.45 -19.96 6.80
CA THR B 354 -1.00 -19.78 6.84
C THR B 354 -0.32 -21.03 7.45
N LYS B 355 -0.87 -21.53 8.56
CA LYS B 355 -0.33 -22.68 9.28
C LYS B 355 -0.49 -24.01 8.53
N TYR B 356 -1.71 -24.27 8.03
CA TYR B 356 -2.07 -25.54 7.39
C TYR B 356 -1.85 -25.61 5.87
N ILE B 357 -1.51 -24.50 5.19
CA ILE B 357 -1.27 -24.53 3.74
C ILE B 357 0.06 -23.82 3.35
N LEU B 358 0.23 -22.53 3.72
CA LEU B 358 1.45 -21.81 3.32
C LEU B 358 2.75 -22.37 3.88
N ILE B 359 2.78 -22.67 5.20
CA ILE B 359 4.01 -23.15 5.81
C ILE B 359 4.39 -24.57 5.29
N PRO B 360 3.46 -25.56 5.25
CA PRO B 360 3.84 -26.88 4.70
C PRO B 360 4.17 -26.85 3.21
N ALA B 361 3.56 -25.96 2.43
CA ALA B 361 3.84 -25.88 0.99
C ALA B 361 5.28 -25.47 0.70
N SER B 362 5.83 -24.52 1.47
CA SER B 362 7.20 -24.07 1.26
C SER B 362 8.25 -24.99 1.91
N GLN B 363 7.99 -26.31 1.92
CA GLN B 363 8.87 -27.34 2.47
C GLN B 363 8.81 -28.57 1.55
N THR B 385 -1.09 -19.88 -1.95
CA THR B 385 -0.88 -18.43 -2.00
C THR B 385 -2.09 -17.74 -2.65
N ASP B 386 -2.57 -18.28 -3.80
CA ASP B 386 -3.73 -17.73 -4.51
C ASP B 386 -4.96 -17.67 -3.60
N LEU B 387 -5.13 -18.66 -2.70
CA LEU B 387 -6.28 -18.67 -1.80
C LEU B 387 -6.26 -17.51 -0.80
N MET B 388 -5.06 -17.08 -0.39
CA MET B 388 -4.88 -16.01 0.59
C MET B 388 -5.37 -14.69 0.04
N ASN B 389 -5.09 -14.41 -1.24
CA ASN B 389 -5.48 -13.15 -1.88
C ASN B 389 -7.00 -13.01 -1.88
N PHE B 390 -7.72 -14.10 -2.20
CA PHE B 390 -9.18 -14.10 -2.17
C PHE B 390 -9.70 -13.80 -0.77
N LEU B 391 -9.18 -14.50 0.24
CA LEU B 391 -9.61 -14.30 1.62
C LEU B 391 -9.32 -12.88 2.14
N LYS B 392 -8.14 -12.31 1.77
CA LYS B 392 -7.78 -10.94 2.15
C LYS B 392 -8.76 -9.94 1.53
N THR B 393 -9.19 -10.20 0.28
CA THR B 393 -10.13 -9.34 -0.44
C THR B 393 -11.52 -9.37 0.21
N VAL B 394 -12.02 -10.56 0.59
CA VAL B 394 -13.33 -10.70 1.23
C VAL B 394 -13.32 -10.07 2.63
N ARG B 395 -12.18 -10.16 3.34
CA ARG B 395 -12.04 -9.57 4.67
C ARG B 395 -12.02 -8.04 4.59
N SER B 396 -11.42 -7.46 3.53
CA SER B 396 -11.39 -6.00 3.36
C SER B 396 -12.79 -5.46 3.05
N THR B 397 -13.62 -6.23 2.32
CA THR B 397 -15.00 -5.83 2.00
C THR B 397 -15.87 -5.85 3.28
N THR B 398 -15.58 -6.77 4.21
CA THR B 398 -16.28 -6.88 5.49
C THR B 398 -15.86 -5.67 6.35
N GLU B 399 -14.56 -5.36 6.42
CA GLU B 399 -14.03 -4.21 7.16
C GLU B 399 -14.61 -2.89 6.64
N LYS B 400 -14.79 -2.77 5.31
CA LYS B 400 -15.34 -1.56 4.70
C LYS B 400 -16.82 -1.33 5.06
N SER B 401 -17.55 -2.41 5.45
CA SER B 401 -18.95 -2.37 5.84
C SER B 401 -19.20 -1.86 7.28
N LEU B 402 -18.14 -1.43 7.99
CA LEU B 402 -18.30 -0.88 9.33
C LEU B 402 -18.83 0.55 9.24
N LEU B 403 -19.74 0.92 10.14
CA LEU B 403 -20.37 2.25 10.17
C LEU B 403 -19.48 3.28 10.90
N LYS B 404 -18.99 2.94 12.10
CA LYS B 404 -18.15 3.85 12.90
C LYS B 404 -16.76 4.00 12.27
N GLU C 17 30.52 8.97 -9.56
CA GLU C 17 31.40 8.82 -8.39
C GLU C 17 30.64 8.46 -7.10
N TYR C 18 29.67 9.31 -6.71
CA TYR C 18 28.92 9.13 -5.45
C TYR C 18 27.62 8.30 -5.59
N HIS C 19 27.41 7.52 -6.68
CA HIS C 19 26.18 6.72 -6.84
C HIS C 19 24.92 7.57 -6.73
N ILE C 20 24.77 8.53 -7.65
CA ILE C 20 23.62 9.40 -7.73
C ILE C 20 23.15 9.33 -9.17
N ASP C 21 22.04 8.63 -9.42
CA ASP C 21 21.48 8.47 -10.76
C ASP C 21 20.89 9.81 -11.23
N GLU C 22 20.98 10.11 -12.53
CA GLU C 22 20.44 11.37 -13.07
C GLU C 22 18.92 11.46 -12.87
N GLU C 23 18.21 10.34 -13.10
CA GLU C 23 16.74 10.26 -12.98
C GLU C 23 16.25 10.03 -11.53
N VAL C 24 16.71 8.95 -10.84
CA VAL C 24 16.23 8.64 -9.48
C VAL C 24 17.06 9.27 -8.34
N GLY C 25 18.19 9.88 -8.65
CA GLY C 25 19.01 10.54 -7.64
C GLY C 25 19.66 9.62 -6.64
N PHE C 26 19.46 9.89 -5.34
CA PHE C 26 20.04 9.06 -4.28
C PHE C 26 19.42 7.66 -4.22
N ALA C 27 18.21 7.45 -4.79
CA ALA C 27 17.59 6.13 -4.77
C ALA C 27 18.35 5.11 -5.63
N LEU C 28 18.23 3.81 -5.29
CA LEU C 28 18.91 2.75 -6.03
C LEU C 28 18.22 2.59 -7.39
N PRO C 29 18.89 2.85 -8.53
CA PRO C 29 18.21 2.69 -9.82
C PRO C 29 17.96 1.23 -10.13
N ASN C 30 16.72 0.86 -10.53
CA ASN C 30 16.36 -0.51 -10.89
C ASN C 30 16.77 -1.53 -9.79
N PRO C 31 16.19 -1.44 -8.58
CA PRO C 31 16.56 -2.37 -7.52
C PRO C 31 16.33 -3.84 -7.91
N GLN C 32 17.16 -4.76 -7.37
CA GLN C 32 16.98 -6.18 -7.67
C GLN C 32 15.76 -6.72 -6.94
N GLU C 33 15.00 -7.59 -7.60
CA GLU C 33 13.78 -8.15 -7.04
C GLU C 33 13.95 -9.56 -6.47
N ASN C 34 14.85 -10.37 -7.04
CA ASN C 34 15.06 -11.76 -6.60
C ASN C 34 16.51 -12.01 -6.18
N LEU C 35 16.69 -12.86 -5.18
CA LEU C 35 18.01 -13.26 -4.68
C LEU C 35 18.34 -14.64 -5.28
N PRO C 36 19.63 -15.07 -5.30
CA PRO C 36 19.92 -16.42 -5.80
C PRO C 36 19.15 -17.53 -5.06
N ASP C 37 18.96 -18.70 -5.69
CA ASP C 37 18.28 -19.87 -5.11
C ASP C 37 18.77 -20.19 -3.69
N PHE C 38 20.03 -19.86 -3.37
CA PHE C 38 20.65 -20.11 -2.08
C PHE C 38 19.90 -19.45 -0.92
N TYR C 39 19.31 -18.26 -1.13
CA TYR C 39 18.60 -17.53 -0.07
C TYR C 39 17.07 -17.59 -0.20
N ASN C 40 16.52 -18.72 -0.66
CA ASN C 40 15.07 -18.86 -0.78
C ASN C 40 14.37 -18.83 0.57
N ASP C 41 14.99 -19.39 1.62
CA ASP C 41 14.40 -19.39 2.97
C ASP C 41 14.30 -17.98 3.54
N TRP C 42 15.30 -17.11 3.27
CA TRP C 42 15.26 -15.71 3.71
C TRP C 42 14.11 -15.00 2.97
N MET C 43 14.07 -15.15 1.64
CA MET C 43 13.10 -14.49 0.78
C MET C 43 11.68 -14.88 1.12
N PHE C 44 11.42 -16.17 1.40
CA PHE C 44 10.08 -16.65 1.72
C PHE C 44 9.50 -15.91 2.93
N ILE C 45 10.29 -15.76 3.99
CA ILE C 45 9.84 -15.11 5.21
C ILE C 45 9.55 -13.63 4.95
N ALA C 46 10.52 -12.90 4.37
CA ALA C 46 10.35 -11.47 4.07
C ALA C 46 9.15 -11.17 3.18
N LYS C 47 8.90 -12.00 2.16
CA LYS C 47 7.76 -11.80 1.27
C LYS C 47 6.41 -12.12 1.95
N HIS C 48 6.39 -12.86 3.09
CA HIS C 48 5.16 -13.23 3.79
C HIS C 48 5.10 -12.68 5.22
N LEU C 49 5.67 -11.48 5.45
CA LEU C 49 5.61 -10.87 6.78
C LEU C 49 4.16 -10.61 7.24
N PRO C 50 3.24 -10.08 6.37
CA PRO C 50 1.85 -9.90 6.83
C PRO C 50 1.14 -11.15 7.34
N ASP C 51 1.43 -12.32 6.74
CA ASP C 51 0.81 -13.58 7.11
C ASP C 51 1.49 -14.19 8.34
N LEU C 52 2.83 -14.21 8.35
CA LEU C 52 3.58 -14.82 9.44
C LEU C 52 3.48 -14.01 10.75
N ILE C 53 3.37 -12.68 10.67
CA ILE C 53 3.21 -11.85 11.89
C ILE C 53 1.81 -12.06 12.45
N GLU C 54 0.77 -12.02 11.61
CA GLU C 54 -0.62 -12.17 12.06
C GLU C 54 -0.84 -13.55 12.69
N SER C 55 -0.39 -14.63 12.02
CA SER C 55 -0.52 -15.98 12.55
C SER C 55 0.42 -16.29 13.73
N GLY C 56 1.50 -15.52 13.86
CA GLY C 56 2.44 -15.70 14.95
C GLY C 56 3.52 -16.74 14.70
N GLN C 57 3.63 -17.31 13.48
CA GLN C 57 4.71 -18.28 13.20
C GLN C 57 5.94 -17.60 12.61
N LEU C 58 6.07 -16.25 12.65
CA LEU C 58 7.27 -15.62 12.09
C LEU C 58 8.46 -15.96 12.95
N ARG C 59 8.34 -15.78 14.27
CA ARG C 59 9.45 -16.05 15.17
C ARG C 59 9.89 -17.52 15.11
N GLU C 60 8.95 -18.46 14.92
CA GLU C 60 9.29 -19.88 14.78
C GLU C 60 10.02 -20.14 13.44
N ARG C 61 9.55 -19.53 12.33
CA ARG C 61 10.20 -19.69 11.02
C ARG C 61 11.61 -19.07 11.01
N VAL C 62 11.84 -18.01 11.78
CA VAL C 62 13.15 -17.36 11.87
C VAL C 62 14.07 -18.19 12.75
N GLU C 63 13.56 -18.69 13.89
CA GLU C 63 14.34 -19.52 14.81
C GLU C 63 14.69 -20.89 14.19
N LYS C 64 13.84 -21.44 13.30
CA LYS C 64 14.12 -22.71 12.61
C LYS C 64 14.92 -22.52 11.30
N LEU C 65 15.51 -21.35 11.08
CA LEU C 65 16.24 -21.00 9.87
C LEU C 65 17.69 -21.44 9.96
N ASN C 66 18.27 -21.99 8.88
CA ASN C 66 19.69 -22.39 8.88
C ASN C 66 20.57 -21.16 8.59
N MET C 67 21.84 -21.21 9.00
CA MET C 67 22.74 -20.08 8.81
C MET C 67 23.32 -20.05 7.41
N LEU C 68 22.93 -19.06 6.61
CA LEU C 68 23.39 -18.93 5.23
C LEU C 68 24.54 -17.94 5.13
N SER C 69 25.58 -18.32 4.37
CA SER C 69 26.76 -17.48 4.18
C SER C 69 26.45 -16.37 3.19
N ILE C 70 26.96 -15.15 3.44
CA ILE C 70 26.73 -14.01 2.54
C ILE C 70 27.69 -13.98 1.33
N ASP C 71 28.42 -15.08 1.07
CA ASP C 71 29.40 -15.14 -0.02
C ASP C 71 28.75 -15.16 -1.40
N HIS C 72 27.51 -15.62 -1.53
CA HIS C 72 26.83 -15.66 -2.84
C HIS C 72 26.19 -14.31 -3.23
N LEU C 73 26.20 -13.31 -2.33
CA LEU C 73 25.71 -11.96 -2.61
C LEU C 73 26.93 -11.18 -3.05
N THR C 74 27.27 -11.30 -4.33
CA THR C 74 28.49 -10.72 -4.87
C THR C 74 28.42 -9.25 -5.30
N ASP C 75 27.33 -8.85 -5.98
CA ASP C 75 27.18 -7.47 -6.48
C ASP C 75 26.43 -6.58 -5.48
N HIS C 76 26.56 -5.25 -5.62
CA HIS C 76 25.93 -4.29 -4.73
C HIS C 76 24.40 -4.42 -4.67
N LYS C 77 23.72 -4.58 -5.81
CA LYS C 77 22.26 -4.66 -5.83
C LYS C 77 21.71 -5.92 -5.13
N SER C 78 22.43 -7.05 -5.19
CA SER C 78 22.00 -8.28 -4.51
C SER C 78 22.26 -8.13 -3.00
N GLN C 79 23.39 -7.53 -2.61
CA GLN C 79 23.71 -7.29 -1.21
C GLN C 79 22.68 -6.32 -0.59
N ARG C 80 22.28 -5.29 -1.36
CA ARG C 80 21.28 -4.32 -0.95
C ARG C 80 19.91 -4.99 -0.77
N LEU C 81 19.54 -5.88 -1.71
CA LEU C 81 18.27 -6.61 -1.63
C LEU C 81 18.28 -7.50 -0.41
N ALA C 82 19.38 -8.23 -0.16
CA ALA C 82 19.48 -9.11 1.01
C ALA C 82 19.43 -8.32 2.32
N ARG C 83 19.94 -7.09 2.32
CA ARG C 83 19.90 -6.18 3.48
C ARG C 83 18.45 -5.76 3.76
N LEU C 84 17.67 -5.51 2.70
CA LEU C 84 16.24 -5.16 2.78
C LEU C 84 15.45 -6.38 3.28
N VAL C 85 15.79 -7.58 2.79
CA VAL C 85 15.15 -8.83 3.19
C VAL C 85 15.39 -9.06 4.70
N LEU C 86 16.67 -9.08 5.13
CA LEU C 86 17.01 -9.33 6.53
C LEU C 86 16.57 -8.20 7.45
N GLY C 87 16.60 -6.98 6.97
CA GLY C 87 16.18 -5.81 7.75
C GLY C 87 14.72 -5.87 8.11
N CYS C 88 13.86 -6.16 7.14
CA CYS C 88 12.42 -6.27 7.40
C CYS C 88 12.12 -7.45 8.31
N ILE C 89 12.85 -8.57 8.18
CA ILE C 89 12.64 -9.74 9.02
C ILE C 89 13.05 -9.42 10.46
N THR C 90 14.15 -8.66 10.64
CA THR C 90 14.65 -8.29 11.98
C THR C 90 13.67 -7.38 12.72
N MET C 91 13.05 -6.40 12.04
CA MET C 91 12.08 -5.51 12.69
C MET C 91 10.83 -6.32 13.07
N ALA C 92 10.42 -7.27 12.23
CA ALA C 92 9.27 -8.11 12.50
C ALA C 92 9.56 -9.09 13.65
N TYR C 93 10.80 -9.60 13.75
CA TYR C 93 11.18 -10.51 14.81
C TYR C 93 11.27 -9.77 16.14
N VAL C 94 11.86 -8.56 16.14
CA VAL C 94 12.01 -7.78 17.36
C VAL C 94 10.64 -7.34 17.91
N TRP C 95 9.81 -6.70 17.08
CA TRP C 95 8.53 -6.14 17.51
C TRP C 95 7.34 -7.12 17.54
N GLY C 96 7.27 -8.04 16.59
CA GLY C 96 6.17 -9.01 16.55
C GLY C 96 4.85 -8.35 16.22
N LYS C 97 3.78 -8.66 16.96
CA LYS C 97 2.47 -8.03 16.73
C LYS C 97 2.43 -6.55 17.16
N GLY C 98 3.33 -6.15 18.09
CA GLY C 98 3.42 -4.78 18.59
C GLY C 98 2.56 -4.52 19.81
N HIS C 99 2.46 -5.51 20.72
CA HIS C 99 1.66 -5.37 21.94
C HIS C 99 2.51 -5.66 23.20
N GLY C 100 3.76 -5.22 23.19
CA GLY C 100 4.65 -5.42 24.32
C GLY C 100 5.51 -6.67 24.24
N ASP C 101 5.02 -7.73 23.54
CA ASP C 101 5.81 -8.97 23.41
C ASP C 101 6.93 -8.71 22.41
N VAL C 102 8.08 -8.30 22.95
CA VAL C 102 9.28 -7.94 22.18
C VAL C 102 10.41 -8.94 22.46
N ARG C 103 11.32 -9.10 21.49
CA ARG C 103 12.50 -9.95 21.62
C ARG C 103 13.73 -9.08 21.80
N LYS C 104 14.53 -9.37 22.83
CA LYS C 104 15.77 -8.62 23.10
C LYS C 104 17.01 -9.30 22.46
N VAL C 105 16.87 -10.50 21.85
CA VAL C 105 17.98 -11.21 21.23
C VAL C 105 17.59 -11.66 19.83
N LEU C 106 18.43 -11.34 18.82
CA LEU C 106 18.20 -11.73 17.43
C LEU C 106 18.95 -13.07 17.20
N PRO C 107 18.30 -14.17 16.73
CA PRO C 107 19.02 -15.45 16.61
C PRO C 107 20.29 -15.48 15.77
N ARG C 108 21.24 -16.31 16.21
CA ARG C 108 22.57 -16.55 15.62
C ARG C 108 22.55 -16.66 14.09
N ASN C 109 21.65 -17.48 13.54
CA ASN C 109 21.59 -17.80 12.11
C ASN C 109 21.06 -16.65 11.22
N ILE C 110 20.54 -15.55 11.82
CA ILE C 110 20.11 -14.36 11.07
C ILE C 110 20.94 -13.13 11.48
N ALA C 111 21.31 -13.01 12.77
CA ALA C 111 22.09 -11.88 13.28
C ALA C 111 23.51 -11.80 12.72
N VAL C 112 24.19 -12.96 12.60
CA VAL C 112 25.56 -12.96 12.08
C VAL C 112 25.60 -12.58 10.59
N PRO C 113 24.85 -13.26 9.68
CA PRO C 113 24.88 -12.85 8.27
C PRO C 113 24.41 -11.41 8.03
N TYR C 114 23.42 -10.94 8.79
CA TYR C 114 22.93 -9.56 8.66
C TYR C 114 24.01 -8.56 9.10
N CYS C 115 24.79 -8.88 10.14
CA CYS C 115 25.87 -8.01 10.60
C CYS C 115 27.08 -8.08 9.67
N GLN C 116 27.34 -9.24 9.06
CA GLN C 116 28.44 -9.40 8.10
C GLN C 116 28.11 -8.55 6.85
N LEU C 117 26.86 -8.64 6.39
CA LEU C 117 26.40 -7.90 5.22
C LEU C 117 26.37 -6.40 5.49
N SER C 118 25.96 -5.99 6.69
CA SER C 118 25.91 -4.58 7.09
C SER C 118 27.32 -4.00 7.18
N LYS C 119 28.28 -4.79 7.68
CA LYS C 119 29.68 -4.37 7.79
C LYS C 119 30.24 -4.15 6.36
N LYS C 120 29.95 -5.08 5.44
CA LYS C 120 30.40 -5.02 4.04
C LYS C 120 29.88 -3.75 3.36
N LEU C 121 28.61 -3.40 3.60
CA LEU C 121 27.99 -2.20 3.03
C LEU C 121 28.20 -0.94 3.86
N GLU C 122 28.89 -1.01 5.01
CA GLU C 122 29.15 0.12 5.89
C GLU C 122 27.87 0.80 6.37
N LEU C 123 26.88 -0.01 6.77
CA LEU C 123 25.61 0.48 7.28
C LEU C 123 25.32 -0.21 8.62
N PRO C 124 24.55 0.41 9.52
CA PRO C 124 24.27 -0.24 10.82
C PRO C 124 23.32 -1.42 10.67
N PRO C 125 23.40 -2.48 11.51
CA PRO C 125 22.47 -3.62 11.36
C PRO C 125 21.08 -3.34 11.91
N ILE C 126 20.36 -2.48 11.18
CA ILE C 126 18.98 -2.08 11.48
C ILE C 126 18.34 -1.61 10.16
N LEU C 127 17.01 -1.71 10.02
CA LEU C 127 16.34 -1.27 8.78
C LEU C 127 16.51 0.25 8.67
N VAL C 128 16.89 0.69 7.51
CA VAL C 128 17.26 2.07 7.25
C VAL C 128 16.58 2.57 5.97
N TYR C 129 16.50 3.90 5.79
CA TYR C 129 15.89 4.57 4.64
C TYR C 129 16.41 4.01 3.30
N ALA C 130 17.74 3.82 3.19
CA ALA C 130 18.39 3.24 2.00
C ALA C 130 17.77 1.90 1.62
N ASP C 131 17.27 1.13 2.61
CA ASP C 131 16.64 -0.16 2.37
C ASP C 131 15.14 -0.06 2.12
N CYS C 132 14.33 0.35 3.13
CA CYS C 132 12.88 0.37 3.02
C CYS C 132 12.31 1.38 2.02
N VAL C 133 13.10 2.34 1.49
CA VAL C 133 12.56 3.30 0.51
C VAL C 133 13.37 3.31 -0.81
N LEU C 134 14.68 3.51 -0.70
CA LEU C 134 15.56 3.64 -1.86
C LEU C 134 15.76 2.35 -2.66
N ALA C 135 15.82 1.20 -1.99
CA ALA C 135 15.99 -0.10 -2.66
C ALA C 135 14.71 -0.96 -2.60
N ASN C 136 13.55 -0.41 -2.17
CA ASN C 136 12.31 -1.17 -2.01
C ASN C 136 11.23 -0.69 -2.99
N TRP C 137 11.50 -0.78 -4.30
CA TRP C 137 10.55 -0.34 -5.32
C TRP C 137 10.71 -1.05 -6.67
N LYS C 138 9.59 -1.04 -7.46
CA LYS C 138 9.42 -1.65 -8.79
C LYS C 138 8.81 -0.64 -9.79
N LYS C 139 8.70 -1.06 -11.07
CA LYS C 139 7.98 -0.39 -12.14
C LYS C 139 6.99 -1.47 -12.59
N LYS C 140 5.66 -1.23 -12.47
CA LYS C 140 4.66 -2.23 -12.86
C LYS C 140 4.78 -2.56 -14.36
N ASP C 141 4.80 -1.51 -15.19
CA ASP C 141 4.98 -1.59 -16.64
C ASP C 141 6.26 -0.81 -16.94
N PRO C 142 7.32 -1.44 -17.48
CA PRO C 142 8.56 -0.67 -17.75
C PRO C 142 8.43 0.42 -18.83
N ASN C 143 7.34 0.40 -19.62
CA ASN C 143 7.12 1.38 -20.68
C ASN C 143 6.60 2.72 -20.14
N LYS C 144 5.88 2.72 -19.02
CA LYS C 144 5.30 3.94 -18.42
C LYS C 144 6.30 4.65 -17.47
N PRO C 145 6.08 5.94 -17.07
CA PRO C 145 7.08 6.64 -16.25
C PRO C 145 7.03 6.33 -14.75
N LEU C 146 7.92 6.97 -13.96
CA LEU C 146 7.99 6.81 -12.52
C LEU C 146 6.91 7.64 -11.83
N THR C 147 5.69 7.08 -11.79
CA THR C 147 4.50 7.66 -11.14
C THR C 147 3.92 6.63 -10.17
N TYR C 148 3.27 7.07 -9.09
CA TYR C 148 2.70 6.15 -8.08
C TYR C 148 1.85 5.02 -8.70
N GLU C 149 1.06 5.36 -9.72
CA GLU C 149 0.17 4.41 -10.39
C GLU C 149 0.97 3.29 -11.08
N ASN C 150 2.16 3.60 -11.63
CA ASN C 150 3.01 2.62 -12.30
C ASN C 150 4.11 2.06 -11.38
N MET C 151 3.94 2.11 -10.05
CA MET C 151 4.97 1.64 -9.13
C MET C 151 4.38 0.82 -7.98
N ASP C 152 5.25 0.02 -7.33
CA ASP C 152 4.89 -0.81 -6.17
C ASP C 152 6.14 -1.06 -5.30
N VAL C 153 5.95 -1.59 -4.10
CA VAL C 153 7.05 -1.92 -3.18
C VAL C 153 7.33 -3.42 -3.20
N LEU C 154 8.55 -3.80 -2.85
CA LEU C 154 8.95 -5.20 -2.83
C LEU C 154 8.52 -5.89 -1.52
N PHE C 155 8.59 -5.17 -0.37
CA PHE C 155 8.24 -5.72 0.94
C PHE C 155 7.34 -4.80 1.78
N SER C 156 6.42 -5.43 2.54
CA SER C 156 5.46 -4.80 3.46
C SER C 156 5.51 -5.53 4.81
N PHE C 157 4.95 -4.93 5.88
CA PHE C 157 4.98 -5.54 7.21
C PHE C 157 3.65 -6.19 7.59
N ARG C 158 2.53 -5.48 7.39
CA ARG C 158 1.19 -5.97 7.71
C ARG C 158 0.22 -5.53 6.63
N ASP C 159 -0.93 -6.20 6.51
CA ASP C 159 -1.96 -5.79 5.56
C ASP C 159 -2.61 -4.53 6.15
N GLY C 160 -2.71 -3.48 5.34
CA GLY C 160 -3.29 -2.22 5.77
C GLY C 160 -2.32 -1.29 6.47
N ASP C 161 -1.01 -1.62 6.51
CA ASP C 161 0.00 -0.75 7.16
C ASP C 161 0.30 0.54 6.37
N CYS C 162 -0.16 0.63 5.09
CA CYS C 162 0.11 1.76 4.21
C CYS C 162 1.60 1.89 3.92
N SER C 163 2.33 0.76 3.83
CA SER C 163 3.74 0.77 3.52
C SER C 163 3.95 1.09 2.04
N LYS C 164 3.04 0.64 1.14
CA LYS C 164 3.15 1.01 -0.29
C LYS C 164 2.98 2.53 -0.42
N GLY C 165 2.02 3.11 0.30
CA GLY C 165 1.80 4.55 0.28
C GLY C 165 2.92 5.34 0.91
N PHE C 166 3.40 4.93 2.09
CA PHE C 166 4.44 5.66 2.79
C PHE C 166 5.80 5.61 2.11
N PHE C 167 6.26 4.40 1.73
CA PHE C 167 7.57 4.26 1.10
C PHE C 167 7.59 4.83 -0.32
N LEU C 168 6.50 4.66 -1.10
CA LEU C 168 6.46 5.21 -2.47
C LEU C 168 6.36 6.73 -2.50
N VAL C 169 5.53 7.34 -1.63
CA VAL C 169 5.42 8.81 -1.60
C VAL C 169 6.77 9.40 -1.10
N SER C 170 7.47 8.73 -0.17
CA SER C 170 8.78 9.19 0.29
C SER C 170 9.77 9.14 -0.89
N LEU C 171 9.75 8.04 -1.66
CA LEU C 171 10.60 7.81 -2.83
C LEU C 171 10.31 8.82 -3.94
N LEU C 172 9.03 9.10 -4.21
CA LEU C 172 8.65 10.07 -5.23
C LEU C 172 9.17 11.47 -4.91
N VAL C 173 9.33 11.82 -3.62
CA VAL C 173 9.91 13.10 -3.22
C VAL C 173 11.41 13.07 -3.54
N GLU C 174 12.10 11.95 -3.26
CA GLU C 174 13.51 11.80 -3.61
C GLU C 174 13.74 11.94 -5.11
N ILE C 175 12.85 11.37 -5.93
CA ILE C 175 12.98 11.45 -7.39
C ILE C 175 12.72 12.90 -7.86
N ALA C 176 11.75 13.59 -7.24
CA ALA C 176 11.45 14.97 -7.60
C ALA C 176 12.63 15.89 -7.25
N ALA C 177 13.24 15.68 -6.08
CA ALA C 177 14.39 16.48 -5.66
C ALA C 177 15.68 16.12 -6.42
N ALA C 178 15.75 14.94 -7.06
CA ALA C 178 16.91 14.52 -7.86
C ALA C 178 17.15 15.46 -9.04
N SER C 179 16.09 16.11 -9.57
CA SER C 179 16.22 17.07 -10.66
C SER C 179 17.05 18.30 -10.23
N ALA C 180 16.99 18.67 -8.93
CA ALA C 180 17.77 19.79 -8.37
C ALA C 180 19.22 19.39 -8.09
N ILE C 181 19.53 18.09 -7.96
CA ILE C 181 20.90 17.62 -7.68
C ILE C 181 21.71 17.62 -8.98
N LYS C 182 21.09 17.30 -10.14
CA LYS C 182 21.81 17.30 -11.42
C LYS C 182 22.20 18.72 -11.92
N VAL C 183 21.64 19.80 -11.34
CA VAL C 183 22.05 21.16 -11.72
C VAL C 183 23.13 21.75 -10.74
N ILE C 184 23.54 20.98 -9.67
CA ILE C 184 24.60 21.38 -8.73
C ILE C 184 25.95 21.61 -9.46
N PRO C 185 26.40 20.73 -10.40
CA PRO C 185 27.65 21.02 -11.12
C PRO C 185 27.61 22.35 -11.87
N THR C 186 26.44 22.73 -12.40
CA THR C 186 26.27 23.99 -13.12
C THR C 186 26.45 25.20 -12.18
N VAL C 187 26.04 25.06 -10.90
CA VAL C 187 26.16 26.14 -9.91
C VAL C 187 27.63 26.48 -9.66
N PHE C 188 28.46 25.46 -9.42
CA PHE C 188 29.88 25.68 -9.16
C PHE C 188 30.61 26.11 -10.43
N LYS C 189 30.23 25.56 -11.60
CA LYS C 189 30.88 25.95 -12.85
C LYS C 189 30.65 27.42 -13.17
N ALA C 190 29.44 27.94 -12.87
CA ALA C 190 29.09 29.34 -13.11
C ALA C 190 29.82 30.30 -12.18
N MET C 191 30.05 29.89 -10.92
CA MET C 191 30.75 30.74 -9.97
C MET C 191 32.26 30.72 -10.25
N GLN C 192 32.83 29.57 -10.64
CA GLN C 192 34.26 29.48 -10.91
C GLN C 192 34.68 30.24 -12.18
N MET C 193 33.96 30.01 -13.30
CA MET C 193 34.26 30.63 -14.60
C MET C 193 33.63 32.02 -14.82
N GLN C 194 32.67 32.45 -13.96
CA GLN C 194 32.00 33.75 -14.06
C GLN C 194 31.01 33.77 -15.23
N LYS C 201 19.89 31.31 -13.23
CA LYS C 201 18.97 30.29 -13.73
C LYS C 201 19.13 28.99 -12.92
N ALA C 202 20.37 28.64 -12.53
CA ALA C 202 20.65 27.43 -11.75
C ALA C 202 19.99 27.47 -10.37
N LEU C 203 20.08 28.61 -9.67
CA LEU C 203 19.45 28.78 -8.35
C LEU C 203 17.91 28.74 -8.49
N LEU C 204 17.37 29.31 -9.57
CA LEU C 204 15.93 29.28 -9.82
C LEU C 204 15.43 27.88 -10.15
N GLU C 205 16.25 27.06 -10.85
CA GLU C 205 15.89 25.68 -11.16
C GLU C 205 15.89 24.84 -9.88
N ILE C 206 16.84 25.10 -8.95
CA ILE C 206 16.88 24.38 -7.68
C ILE C 206 15.62 24.73 -6.87
N ALA C 207 15.26 26.02 -6.83
CA ALA C 207 14.06 26.46 -6.11
C ALA C 207 12.81 25.84 -6.73
N SER C 208 12.69 25.87 -8.08
CA SER C 208 11.54 25.31 -8.80
C SER C 208 11.42 23.81 -8.58
N CYS C 209 12.55 23.10 -8.48
CA CYS C 209 12.56 21.67 -8.26
C CYS C 209 12.15 21.33 -6.82
N LEU C 210 12.63 22.12 -5.83
CA LEU C 210 12.26 21.93 -4.43
C LEU C 210 10.79 22.29 -4.17
N GLU C 211 10.21 23.22 -4.96
CA GLU C 211 8.79 23.57 -4.87
C GLU C 211 7.96 22.43 -5.48
N LYS C 212 8.43 21.81 -6.58
CA LYS C 212 7.76 20.68 -7.21
C LYS C 212 7.77 19.45 -6.28
N ALA C 213 8.83 19.28 -5.48
CA ALA C 213 8.94 18.18 -4.51
C ALA C 213 7.89 18.32 -3.40
N LEU C 214 7.53 19.57 -3.04
CA LEU C 214 6.48 19.83 -2.04
C LEU C 214 5.12 19.39 -2.58
N GLN C 215 4.84 19.65 -3.87
CA GLN C 215 3.58 19.26 -4.51
C GLN C 215 3.47 17.73 -4.60
N VAL C 216 4.59 17.05 -4.85
CA VAL C 216 4.64 15.59 -4.88
C VAL C 216 4.35 15.03 -3.47
N PHE C 217 4.87 15.70 -2.43
CA PHE C 217 4.69 15.31 -1.04
C PHE C 217 3.21 15.42 -0.58
N HIS C 218 2.37 16.22 -1.26
CA HIS C 218 0.94 16.32 -0.96
C HIS C 218 0.22 14.98 -1.16
N GLN C 219 0.76 14.07 -2.00
CA GLN C 219 0.16 12.76 -2.27
C GLN C 219 0.12 11.81 -1.07
N ILE C 220 0.84 12.14 0.03
CA ILE C 220 0.85 11.31 1.24
C ILE C 220 -0.58 11.11 1.78
N HIS C 221 -1.39 12.17 1.74
CA HIS C 221 -2.77 12.14 2.23
C HIS C 221 -3.64 11.16 1.45
N ASP C 222 -3.35 11.00 0.15
CA ASP C 222 -4.13 10.10 -0.72
C ASP C 222 -3.81 8.62 -0.50
N HIS C 223 -2.56 8.29 -0.13
CA HIS C 223 -2.14 6.89 -0.01
C HIS C 223 -1.72 6.42 1.39
N VAL C 224 -1.81 7.27 2.44
CA VAL C 224 -1.47 6.86 3.81
C VAL C 224 -2.58 7.28 4.77
N ASN C 225 -2.92 6.39 5.71
CA ASN C 225 -3.96 6.63 6.72
C ASN C 225 -3.26 6.95 8.06
N PRO C 226 -3.63 8.04 8.78
CA PRO C 226 -2.93 8.35 10.05
C PRO C 226 -2.96 7.24 11.10
N LYS C 227 -4.12 6.60 11.31
CA LYS C 227 -4.28 5.53 12.29
C LYS C 227 -3.43 4.32 11.93
N ALA C 228 -3.47 3.91 10.65
CA ALA C 228 -2.69 2.77 10.17
C ALA C 228 -1.20 3.04 10.25
N PHE C 229 -0.78 4.28 9.96
CA PHE C 229 0.63 4.64 10.03
C PHE C 229 1.14 4.64 11.48
N PHE C 230 0.46 5.38 12.36
CA PHE C 230 0.90 5.52 13.74
C PHE C 230 0.86 4.22 14.55
N SER C 231 -0.25 3.47 14.47
CA SER C 231 -0.44 2.25 15.26
C SER C 231 -0.03 0.93 14.58
N VAL C 232 0.43 0.95 13.31
CA VAL C 232 0.84 -0.30 12.65
C VAL C 232 2.26 -0.15 12.01
N LEU C 233 2.44 0.70 10.98
CA LEU C 233 3.74 0.83 10.28
C LEU C 233 4.85 1.41 11.14
N ARG C 234 4.54 2.45 11.92
CA ARG C 234 5.49 3.14 12.78
C ARG C 234 6.20 2.22 13.79
N ILE C 235 5.54 1.14 14.22
CA ILE C 235 6.13 0.17 15.16
C ILE C 235 7.32 -0.53 14.51
N TYR C 236 7.18 -0.95 13.25
CA TYR C 236 8.24 -1.66 12.52
C TYR C 236 9.37 -0.79 12.02
N LEU C 237 9.17 0.54 11.99
CA LEU C 237 10.24 1.46 11.63
C LEU C 237 10.94 2.01 12.91
N SER C 238 10.62 1.50 14.12
CA SER C 238 11.21 1.95 15.39
C SER C 238 12.47 1.15 15.71
N GLY C 239 13.42 1.80 16.35
CA GLY C 239 14.70 1.18 16.69
C GLY C 239 14.90 0.93 18.16
N TRP C 240 16.17 0.72 18.54
CA TRP C 240 16.53 0.38 19.91
C TRP C 240 17.65 1.27 20.45
N LYS C 241 17.56 2.59 20.18
CA LYS C 241 18.46 3.59 20.73
C LYS C 241 17.57 4.50 21.58
N GLY C 242 17.73 4.43 22.90
CA GLY C 242 16.92 5.22 23.82
C GLY C 242 15.48 4.73 23.98
N ASN C 243 15.12 3.59 23.35
CA ASN C 243 13.76 3.05 23.46
C ASN C 243 13.63 2.35 24.83
N PRO C 244 12.67 2.70 25.71
CA PRO C 244 12.56 1.98 27.00
C PRO C 244 12.26 0.48 26.91
N GLN C 245 11.71 0.02 25.76
CA GLN C 245 11.39 -1.39 25.56
C GLN C 245 12.69 -2.21 25.48
N LEU C 246 13.70 -1.68 24.75
CA LEU C 246 15.03 -2.30 24.68
C LEU C 246 15.99 -1.25 25.22
N SER C 247 15.89 -0.96 26.52
CA SER C 247 16.70 0.06 27.19
C SER C 247 18.20 -0.07 26.93
N ASP C 248 18.73 -1.30 26.96
CA ASP C 248 20.15 -1.57 26.74
C ASP C 248 20.52 -1.77 25.25
N GLY C 249 19.56 -2.18 24.43
CA GLY C 249 19.76 -2.42 23.01
C GLY C 249 19.29 -3.80 22.59
N LEU C 250 19.75 -4.25 21.40
CA LEU C 250 19.41 -5.58 20.89
C LEU C 250 20.68 -6.44 20.83
N VAL C 251 20.60 -7.71 21.24
CA VAL C 251 21.75 -8.60 21.20
C VAL C 251 21.78 -9.29 19.85
N TYR C 252 22.84 -9.04 19.06
CA TYR C 252 23.03 -9.68 17.75
C TYR C 252 23.82 -10.93 18.05
N GLU C 253 23.12 -12.01 18.39
CA GLU C 253 23.71 -13.29 18.79
C GLU C 253 24.76 -13.80 17.80
N GLY C 254 25.93 -14.18 18.32
CA GLY C 254 27.03 -14.70 17.53
C GLY C 254 27.99 -13.64 17.05
N PHE C 255 27.51 -12.39 16.84
CA PHE C 255 28.36 -11.31 16.35
C PHE C 255 28.92 -10.47 17.51
N TRP C 256 28.04 -9.97 18.41
CA TRP C 256 28.43 -9.15 19.56
C TRP C 256 27.88 -9.77 20.84
N GLU C 257 28.70 -9.85 21.89
CA GLU C 257 28.25 -10.39 23.18
C GLU C 257 27.38 -9.40 23.97
N ASP C 258 27.48 -8.09 23.68
CA ASP C 258 26.70 -7.05 24.38
C ASP C 258 25.58 -6.50 23.49
N PRO C 259 24.46 -6.02 24.09
CA PRO C 259 23.40 -5.44 23.26
C PRO C 259 23.83 -4.13 22.66
N LYS C 260 23.44 -3.86 21.41
CA LYS C 260 23.82 -2.64 20.71
C LYS C 260 22.59 -1.77 20.42
N GLU C 261 22.80 -0.46 20.52
CA GLU C 261 21.76 0.53 20.32
C GLU C 261 21.86 1.14 18.92
N PHE C 262 20.80 1.03 18.10
CA PHE C 262 20.74 1.63 16.78
C PHE C 262 19.40 2.35 16.62
N ALA C 263 19.41 3.56 16.06
CA ALA C 263 18.22 4.37 15.91
C ALA C 263 17.26 3.86 14.83
N GLY C 264 15.99 4.20 14.98
CA GLY C 264 14.96 3.85 14.02
C GLY C 264 14.86 4.83 12.87
N GLY C 265 13.70 4.89 12.25
CA GLY C 265 13.46 5.73 11.09
C GLY C 265 13.15 7.19 11.33
N SER C 266 13.56 8.04 10.38
CA SER C 266 13.30 9.49 10.42
C SER C 266 13.63 10.15 9.08
N ALA C 267 13.00 11.31 8.80
CA ALA C 267 13.25 12.07 7.56
C ALA C 267 14.72 12.52 7.41
N GLY C 268 15.45 12.59 8.53
CA GLY C 268 16.85 12.97 8.55
C GLY C 268 17.77 11.99 7.84
N GLN C 269 17.35 10.72 7.66
CA GLN C 269 18.14 9.71 6.93
C GLN C 269 18.19 9.98 5.42
N SER C 270 17.31 10.86 4.90
CA SER C 270 17.31 11.24 3.49
C SER C 270 18.46 12.20 3.26
N SER C 271 19.31 11.91 2.28
CA SER C 271 20.45 12.77 1.98
C SER C 271 20.02 14.08 1.29
N VAL C 272 18.84 14.13 0.65
CA VAL C 272 18.43 15.32 -0.09
C VAL C 272 18.00 16.48 0.82
N PHE C 273 17.58 16.22 2.08
CA PHE C 273 17.29 17.30 3.03
C PHE C 273 18.61 18.04 3.37
N GLN C 274 19.66 17.29 3.74
CA GLN C 274 20.96 17.83 4.08
C GLN C 274 21.74 18.31 2.85
N CYS C 275 21.36 17.88 1.63
CA CYS C 275 22.05 18.23 0.39
C CYS C 275 22.00 19.73 0.09
N PHE C 276 20.80 20.32 0.11
CA PHE C 276 20.64 21.73 -0.18
C PHE C 276 20.87 22.62 1.04
N ASP C 277 20.87 22.05 2.27
CA ASP C 277 21.25 22.86 3.44
C ASP C 277 22.75 23.16 3.32
N VAL C 278 23.56 22.16 2.96
CA VAL C 278 25.00 22.31 2.78
C VAL C 278 25.31 23.20 1.56
N LEU C 279 24.52 23.10 0.47
CA LEU C 279 24.75 23.95 -0.71
C LEU C 279 24.59 25.43 -0.32
N LEU C 280 23.48 25.76 0.35
CA LEU C 280 23.17 27.13 0.77
C LEU C 280 23.99 27.62 1.97
N GLY C 281 24.54 26.71 2.76
CA GLY C 281 25.32 27.06 3.93
C GLY C 281 24.46 27.34 5.14
N ILE C 282 23.68 26.33 5.55
CA ILE C 282 22.81 26.42 6.73
C ILE C 282 23.39 25.49 7.81
N GLN C 283 23.52 25.97 9.05
CA GLN C 283 24.09 25.19 10.16
C GLN C 283 23.09 24.16 10.65
N HIS C 290 21.82 20.22 20.19
CA HIS C 290 21.14 18.94 20.15
C HIS C 290 20.63 18.58 18.75
N ALA C 291 20.26 19.59 17.94
CA ALA C 291 19.79 19.38 16.58
C ALA C 291 20.96 19.11 15.63
N ALA C 292 22.07 19.85 15.77
CA ALA C 292 23.25 19.69 14.93
C ALA C 292 23.89 18.30 15.09
N GLN C 293 24.03 17.83 16.35
CA GLN C 293 24.61 16.52 16.62
C GLN C 293 23.72 15.39 16.09
N PHE C 294 22.38 15.57 16.11
CA PHE C 294 21.44 14.57 15.61
C PHE C 294 21.55 14.43 14.09
N LEU C 295 21.65 15.54 13.35
CA LEU C 295 21.77 15.48 11.89
C LEU C 295 23.12 14.90 11.49
N GLN C 296 24.19 15.18 12.23
CA GLN C 296 25.50 14.60 11.95
C GLN C 296 25.48 13.07 12.23
N ASP C 297 24.72 12.64 13.24
CA ASP C 297 24.53 11.22 13.55
C ASP C 297 23.76 10.51 12.41
N MET C 298 22.76 11.17 11.80
CA MET C 298 21.97 10.58 10.71
C MET C 298 22.78 10.31 9.44
N ARG C 299 23.97 10.92 9.30
CA ARG C 299 24.87 10.65 8.17
C ARG C 299 25.31 9.18 8.23
N ARG C 300 25.59 8.65 9.46
CA ARG C 300 26.01 7.26 9.73
C ARG C 300 25.04 6.24 9.12
N TYR C 301 23.74 6.55 9.14
CA TYR C 301 22.66 5.70 8.64
C TYR C 301 22.45 5.86 7.12
N MET C 302 23.18 6.76 6.42
CA MET C 302 23.07 6.91 4.97
C MET C 302 24.14 6.04 4.27
N PRO C 303 23.99 5.68 2.98
CA PRO C 303 25.05 4.90 2.32
C PRO C 303 26.40 5.61 2.34
N PRO C 304 27.53 4.87 2.36
CA PRO C 304 28.85 5.53 2.44
C PRO C 304 29.14 6.54 1.33
N ALA C 305 28.76 6.24 0.09
CA ALA C 305 28.98 7.14 -1.04
C ALA C 305 28.20 8.45 -0.91
N HIS C 306 27.01 8.40 -0.30
CA HIS C 306 26.18 9.59 -0.13
C HIS C 306 26.70 10.52 0.95
N ARG C 307 27.21 9.96 2.06
CA ARG C 307 27.77 10.82 3.10
C ARG C 307 29.10 11.46 2.63
N ASN C 308 29.76 10.92 1.57
CA ASN C 308 30.94 11.54 0.97
C ASN C 308 30.53 12.69 0.07
N PHE C 309 29.39 12.58 -0.62
CA PHE C 309 28.89 13.65 -1.49
C PHE C 309 28.50 14.82 -0.62
N LEU C 310 27.70 14.59 0.45
CA LEU C 310 27.31 15.66 1.37
C LEU C 310 28.53 16.39 1.97
N CYS C 311 29.64 15.69 2.09
CA CYS C 311 30.86 16.23 2.64
C CYS C 311 31.69 16.94 1.56
N SER C 312 31.68 16.45 0.31
CA SER C 312 32.39 17.12 -0.78
C SER C 312 31.73 18.48 -1.06
N LEU C 313 30.40 18.60 -0.90
CA LEU C 313 29.71 19.87 -1.10
C LEU C 313 30.17 20.89 -0.06
N GLU C 314 30.40 20.44 1.20
CA GLU C 314 30.88 21.32 2.26
C GLU C 314 32.22 21.96 1.90
N SER C 315 33.12 21.18 1.28
CA SER C 315 34.43 21.66 0.91
C SER C 315 34.49 22.33 -0.51
N ASN C 316 33.33 22.68 -1.09
CA ASN C 316 33.27 23.40 -2.38
C ASN C 316 33.06 24.90 -2.06
N PRO C 317 33.38 25.83 -2.99
CA PRO C 317 33.20 27.26 -2.69
C PRO C 317 31.80 27.63 -2.21
N SER C 318 31.71 28.54 -1.25
CA SER C 318 30.44 28.96 -0.66
C SER C 318 29.53 29.69 -1.63
N VAL C 319 28.34 29.12 -1.86
CA VAL C 319 27.32 29.70 -2.73
C VAL C 319 26.52 30.81 -1.97
N ARG C 320 26.90 31.14 -0.71
CA ARG C 320 26.29 32.19 0.11
C ARG C 320 27.26 33.38 0.26
N GLU C 321 28.59 33.12 0.25
CA GLU C 321 29.60 34.18 0.39
C GLU C 321 29.50 35.29 -0.65
N PHE C 322 29.10 35.00 -1.91
CA PHE C 322 28.96 36.06 -2.93
C PHE C 322 27.53 36.65 -3.00
N VAL C 323 26.60 36.15 -2.18
CA VAL C 323 25.25 36.73 -2.10
C VAL C 323 25.34 38.02 -1.26
N LEU C 324 26.15 38.00 -0.17
CA LEU C 324 26.33 39.14 0.74
C LEU C 324 27.63 39.92 0.38
N SER C 325 27.96 40.06 -0.92
CA SER C 325 29.18 40.78 -1.32
C SER C 325 29.21 41.23 -2.82
N LYS C 326 29.04 40.28 -3.78
CA LYS C 326 29.10 40.60 -5.21
C LYS C 326 27.91 41.47 -5.63
N ASP C 328 24.23 41.68 -5.74
CA ASP C 328 23.30 41.55 -6.86
C ASP C 328 21.92 41.19 -6.29
N ALA C 329 20.89 41.97 -6.62
CA ALA C 329 19.53 41.71 -6.13
C ALA C 329 18.93 40.43 -6.73
N GLY C 330 19.23 40.16 -7.99
CA GLY C 330 18.73 38.98 -8.69
C GLY C 330 19.22 37.68 -8.09
N LEU C 331 20.53 37.58 -7.85
CA LEU C 331 21.10 36.39 -7.23
C LEU C 331 20.64 36.25 -5.77
N ARG C 332 20.46 37.39 -5.05
CA ARG C 332 19.97 37.40 -3.67
C ARG C 332 18.53 36.88 -3.61
N GLU C 333 17.69 37.27 -4.59
CA GLU C 333 16.31 36.81 -4.67
C GLU C 333 16.26 35.33 -5.07
N ALA C 334 17.09 34.91 -6.05
CA ALA C 334 17.14 33.51 -6.48
C ALA C 334 17.68 32.59 -5.38
N TYR C 335 18.55 33.11 -4.48
CA TYR C 335 19.08 32.39 -3.33
C TYR C 335 17.94 32.19 -2.33
N ASP C 336 17.18 33.27 -2.04
CA ASP C 336 16.04 33.22 -1.13
C ASP C 336 14.88 32.37 -1.68
N ALA C 337 14.79 32.18 -3.00
CA ALA C 337 13.77 31.31 -3.58
C ALA C 337 14.01 29.86 -3.15
N CYS C 338 15.30 29.43 -3.12
CA CYS C 338 15.71 28.08 -2.70
C CYS C 338 15.53 27.93 -1.18
N VAL C 339 15.81 28.99 -0.41
CA VAL C 339 15.67 28.97 1.04
C VAL C 339 14.19 28.86 1.40
N LYS C 340 13.33 29.70 0.79
CA LYS C 340 11.88 29.66 1.02
C LYS C 340 11.28 28.31 0.60
N ALA C 341 11.87 27.65 -0.42
CA ALA C 341 11.41 26.32 -0.85
C ALA C 341 11.69 25.28 0.24
N LEU C 342 12.84 25.41 0.95
CA LEU C 342 13.19 24.51 2.05
C LEU C 342 12.30 24.78 3.26
N VAL C 343 11.98 26.06 3.58
CA VAL C 343 11.10 26.37 4.72
C VAL C 343 9.68 25.88 4.43
N SER C 344 9.23 25.95 3.16
CA SER C 344 7.89 25.46 2.81
C SER C 344 7.82 23.94 3.01
N LEU C 345 8.88 23.21 2.67
CA LEU C 345 8.94 21.76 2.85
C LEU C 345 8.96 21.40 4.33
N ARG C 346 9.74 22.11 5.13
CA ARG C 346 9.84 21.83 6.57
C ARG C 346 8.60 22.27 7.33
N SER C 347 7.87 23.28 6.83
CA SER C 347 6.62 23.70 7.45
C SER C 347 5.54 22.66 7.14
N TYR C 348 5.48 22.19 5.88
CA TYR C 348 4.50 21.16 5.49
C TYR C 348 4.84 19.80 6.12
N HIS C 349 6.13 19.53 6.37
CA HIS C 349 6.59 18.31 7.04
C HIS C 349 6.04 18.33 8.47
N LEU C 350 6.14 19.47 9.17
CA LEU C 350 5.58 19.63 10.51
C LEU C 350 4.06 19.41 10.50
N GLN C 351 3.36 19.92 9.48
CA GLN C 351 1.91 19.73 9.36
C GLN C 351 1.56 18.24 9.23
N ILE C 352 2.39 17.48 8.50
CA ILE C 352 2.16 16.05 8.31
C ILE C 352 2.54 15.26 9.58
N VAL C 353 3.58 15.68 10.32
CA VAL C 353 3.91 15.05 11.61
C VAL C 353 2.75 15.29 12.62
N THR C 354 2.01 16.42 12.50
CA THR C 354 0.86 16.70 13.36
C THR C 354 -0.26 15.69 13.06
N LYS C 355 -0.55 15.46 11.78
CA LYS C 355 -1.62 14.56 11.34
C LYS C 355 -1.33 13.08 11.61
N TYR C 356 -0.13 12.62 11.25
CA TYR C 356 0.26 11.21 11.32
C TYR C 356 0.93 10.76 12.64
N ILE C 357 1.27 11.69 13.56
CA ILE C 357 1.87 11.30 14.84
C ILE C 357 1.18 11.98 16.05
N LEU C 358 1.08 13.32 16.08
CA LEU C 358 0.47 13.99 17.23
C LEU C 358 -1.01 13.68 17.45
N ILE C 359 -1.83 13.74 16.39
CA ILE C 359 -3.26 13.49 16.54
C ILE C 359 -3.54 12.02 16.93
N PRO C 360 -2.95 11.00 16.25
CA PRO C 360 -3.22 9.61 16.66
C PRO C 360 -2.62 9.22 18.01
N ALA C 361 -1.56 9.90 18.47
CA ALA C 361 -0.97 9.62 19.79
C ALA C 361 -1.92 10.07 20.89
N SER C 362 -2.59 11.24 20.69
CA SER C 362 -3.54 11.86 21.60
C SER C 362 -4.93 11.20 21.59
N GLN C 363 -5.24 10.38 20.54
CA GLN C 363 -6.53 9.71 20.42
C GLN C 363 -6.50 8.32 21.08
N ASP C 386 7.73 15.75 20.84
CA ASP C 386 9.16 15.83 21.08
C ASP C 386 9.93 16.01 19.75
N LEU C 387 9.66 15.16 18.75
CA LEU C 387 10.32 15.31 17.43
C LEU C 387 9.84 16.61 16.71
N MET C 388 8.71 17.21 17.15
CA MET C 388 8.22 18.50 16.63
C MET C 388 9.19 19.61 17.01
N ASN C 389 9.73 19.56 18.24
CA ASN C 389 10.66 20.58 18.73
C ASN C 389 11.92 20.60 17.85
N PHE C 390 12.45 19.42 17.50
CA PHE C 390 13.60 19.31 16.62
C PHE C 390 13.31 19.93 15.25
N LEU C 391 12.18 19.57 14.64
CA LEU C 391 11.80 20.09 13.33
C LEU C 391 11.57 21.61 13.34
N LYS C 392 10.96 22.15 14.41
CA LYS C 392 10.76 23.61 14.53
C LYS C 392 12.09 24.34 14.67
N THR C 393 13.08 23.72 15.35
CA THR C 393 14.41 24.29 15.53
C THR C 393 15.15 24.37 14.20
N VAL C 394 15.09 23.29 13.41
CA VAL C 394 15.75 23.27 12.11
C VAL C 394 15.02 24.21 11.13
N ARG C 395 13.69 24.35 11.26
CA ARG C 395 12.89 25.25 10.43
C ARG C 395 13.29 26.71 10.69
N SER C 396 13.59 27.05 11.95
CA SER C 396 14.00 28.41 12.33
C SER C 396 15.41 28.75 11.82
N THR C 397 16.32 27.76 11.79
CA THR C 397 17.68 27.95 11.28
C THR C 397 17.66 28.20 9.76
N THR C 398 16.71 27.56 9.04
CA THR C 398 16.52 27.74 7.60
C THR C 398 15.97 29.15 7.37
N GLU C 399 14.96 29.57 8.14
CA GLU C 399 14.37 30.91 8.05
C GLU C 399 15.41 32.00 8.33
N LYS C 400 16.31 31.76 9.29
CA LYS C 400 17.34 32.73 9.64
C LYS C 400 18.37 32.96 8.52
N SER C 401 18.49 32.03 7.55
CA SER C 401 19.42 32.21 6.43
C SER C 401 18.99 33.33 5.46
N LEU C 402 17.76 33.87 5.57
CA LEU C 402 17.27 34.96 4.71
C LEU C 402 18.06 36.26 4.99
N LEU C 403 18.20 37.12 3.97
CA LEU C 403 18.92 38.39 4.07
C LEU C 403 18.01 39.60 4.19
N LYS C 404 16.76 39.51 3.69
CA LYS C 404 15.80 40.61 3.76
C LYS C 404 14.39 40.04 3.91
N LYS D 16 45.22 6.20 -5.04
CA LYS D 16 45.93 7.30 -4.39
C LYS D 16 45.57 8.64 -5.07
N GLU D 17 44.27 8.90 -5.29
CA GLU D 17 43.81 10.15 -5.91
C GLU D 17 43.56 11.25 -4.85
N TYR D 18 44.29 11.19 -3.72
CA TYR D 18 44.21 12.15 -2.62
C TYR D 18 45.51 12.96 -2.42
N HIS D 19 46.58 12.64 -3.18
CA HIS D 19 47.85 13.37 -3.15
C HIS D 19 48.44 13.50 -1.76
N ILE D 20 48.72 12.36 -1.13
CA ILE D 20 49.32 12.28 0.20
C ILE D 20 50.52 11.34 0.06
N ASP D 21 51.73 11.89 0.08
CA ASP D 21 52.96 11.11 -0.06
C ASP D 21 53.22 10.31 1.21
N GLU D 22 53.83 9.12 1.08
CA GLU D 22 54.13 8.29 2.23
C GLU D 22 55.10 8.97 3.19
N GLU D 23 56.14 9.61 2.67
CA GLU D 23 57.19 10.28 3.45
C GLU D 23 56.80 11.71 3.89
N VAL D 24 56.43 12.53 2.92
CA VAL D 24 56.15 13.95 3.09
C VAL D 24 54.70 14.26 3.55
N GLY D 25 53.76 13.37 3.27
CA GLY D 25 52.38 13.54 3.67
C GLY D 25 51.61 14.53 2.83
N PHE D 26 50.87 15.46 3.48
CA PHE D 26 50.13 16.49 2.75
C PHE D 26 51.04 17.46 2.01
N ALA D 27 52.32 17.57 2.39
CA ALA D 27 53.25 18.46 1.70
C ALA D 27 53.53 17.99 0.27
N LEU D 28 53.88 18.91 -0.62
CA LEU D 28 54.18 18.57 -2.01
C LEU D 28 55.51 17.84 -2.06
N PRO D 29 55.58 16.56 -2.49
CA PRO D 29 56.88 15.88 -2.53
C PRO D 29 57.76 16.42 -3.64
N ASN D 30 59.03 16.75 -3.33
CA ASN D 30 59.99 17.27 -4.30
C ASN D 30 59.41 18.47 -5.10
N PRO D 31 59.12 19.59 -4.41
CA PRO D 31 58.55 20.75 -5.13
C PRO D 31 59.44 21.24 -6.24
N GLN D 32 58.84 21.78 -7.31
CA GLN D 32 59.61 22.32 -8.42
C GLN D 32 60.35 23.57 -7.95
N GLU D 33 61.62 23.74 -8.36
CA GLU D 33 62.41 24.89 -7.98
C GLU D 33 62.45 25.95 -9.08
N ASN D 34 62.40 25.54 -10.36
CA ASN D 34 62.49 26.47 -11.49
C ASN D 34 61.27 26.39 -12.41
N LEU D 35 60.87 27.53 -12.97
CA LEU D 35 59.77 27.62 -13.92
C LEU D 35 60.37 27.67 -15.34
N PRO D 36 59.64 27.33 -16.41
CA PRO D 36 60.24 27.45 -17.76
C PRO D 36 60.72 28.88 -18.06
N ASP D 37 61.62 29.01 -19.03
CA ASP D 37 62.21 30.30 -19.45
C ASP D 37 61.17 31.40 -19.67
N PHE D 38 59.93 31.01 -20.04
CA PHE D 38 58.83 31.93 -20.30
C PHE D 38 58.49 32.81 -19.09
N TYR D 39 58.64 32.28 -17.86
CA TYR D 39 58.32 33.00 -16.62
C TYR D 39 59.54 33.50 -15.84
N ASN D 40 60.60 33.93 -16.55
CA ASN D 40 61.80 34.45 -15.89
C ASN D 40 61.54 35.78 -15.17
N ASP D 41 60.69 36.65 -15.74
CA ASP D 41 60.37 37.94 -15.12
C ASP D 41 59.61 37.77 -13.81
N TRP D 42 58.73 36.76 -13.74
CA TRP D 42 58.00 36.45 -12.52
C TRP D 42 58.99 35.96 -11.46
N MET D 43 59.82 35.00 -11.83
CA MET D 43 60.78 34.36 -10.94
C MET D 43 61.79 35.35 -10.38
N PHE D 44 62.29 36.27 -11.22
CA PHE D 44 63.28 37.26 -10.77
C PHE D 44 62.76 38.09 -9.59
N ILE D 45 61.52 38.56 -9.68
CA ILE D 45 60.93 39.39 -8.65
C ILE D 45 60.76 38.59 -7.37
N ALA D 46 60.09 37.42 -7.44
CA ALA D 46 59.86 36.57 -6.27
C ALA D 46 61.15 36.16 -5.56
N LYS D 47 62.20 35.83 -6.30
CA LYS D 47 63.48 35.45 -5.70
C LYS D 47 64.22 36.65 -5.05
N HIS D 48 63.85 37.90 -5.40
CA HIS D 48 64.50 39.12 -4.89
C HIS D 48 63.55 39.98 -4.06
N LEU D 49 62.57 39.39 -3.36
CA LEU D 49 61.65 40.19 -2.55
C LEU D 49 62.38 40.96 -1.42
N PRO D 50 63.34 40.37 -0.67
CA PRO D 50 64.04 41.17 0.36
C PRO D 50 64.75 42.42 -0.14
N ASP D 51 65.29 42.39 -1.36
CA ASP D 51 66.01 43.51 -1.95
C ASP D 51 65.04 44.54 -2.55
N LEU D 52 64.05 44.06 -3.31
CA LEU D 52 63.10 44.94 -3.98
C LEU D 52 62.14 45.63 -3.00
N ILE D 53 61.78 44.98 -1.87
CA ILE D 53 60.92 45.60 -0.87
C ILE D 53 61.70 46.70 -0.14
N GLU D 54 62.94 46.38 0.30
CA GLU D 54 63.77 47.33 1.05
C GLU D 54 64.10 48.57 0.20
N SER D 55 64.52 48.38 -1.06
CA SER D 55 64.82 49.49 -1.97
C SER D 55 63.57 50.23 -2.49
N GLY D 56 62.42 49.56 -2.44
CA GLY D 56 61.17 50.16 -2.88
C GLY D 56 60.90 50.06 -4.37
N GLN D 57 61.73 49.33 -5.15
CA GLN D 57 61.44 49.17 -6.60
C GLN D 57 60.61 47.93 -6.88
N LEU D 58 59.99 47.28 -5.85
CA LEU D 58 59.18 46.09 -6.13
C LEU D 58 57.95 46.49 -6.91
N ARG D 59 57.22 47.50 -6.44
CA ARG D 59 56.00 47.93 -7.09
C ARG D 59 56.29 48.44 -8.52
N GLU D 60 57.47 49.06 -8.76
CA GLU D 60 57.85 49.47 -10.10
C GLU D 60 58.13 48.24 -10.99
N ARG D 61 58.86 47.25 -10.48
CA ARG D 61 59.15 46.04 -11.25
C ARG D 61 57.89 45.25 -11.58
N VAL D 62 56.93 45.18 -10.65
CA VAL D 62 55.66 44.48 -10.85
C VAL D 62 54.80 45.24 -11.85
N GLU D 63 54.67 46.56 -11.67
CA GLU D 63 53.90 47.40 -12.59
C GLU D 63 54.50 47.41 -14.01
N LYS D 64 55.82 47.23 -14.14
CA LYS D 64 56.49 47.16 -15.45
C LYS D 64 56.53 45.73 -16.03
N LEU D 65 55.77 44.77 -15.48
CA LEU D 65 55.74 43.40 -15.99
C LEU D 65 54.81 43.29 -17.16
N ASN D 66 55.15 42.43 -18.11
CA ASN D 66 54.25 42.11 -19.21
C ASN D 66 53.31 40.97 -18.77
N MET D 67 52.15 40.86 -19.42
CA MET D 67 51.16 39.84 -19.05
C MET D 67 51.52 38.49 -19.66
N LEU D 68 51.90 37.52 -18.81
CA LEU D 68 52.27 36.19 -19.27
C LEU D 68 51.10 35.22 -19.15
N SER D 69 50.89 34.42 -20.20
CA SER D 69 49.81 33.44 -20.22
C SER D 69 50.18 32.24 -19.38
N ILE D 70 49.21 31.66 -18.64
CA ILE D 70 49.48 30.49 -17.81
C ILE D 70 49.43 29.15 -18.59
N ASP D 71 49.43 29.20 -19.94
CA ASP D 71 49.34 28.00 -20.77
C ASP D 71 50.60 27.14 -20.73
N HIS D 72 51.78 27.73 -20.44
CA HIS D 72 53.02 26.95 -20.38
C HIS D 72 53.22 26.23 -19.04
N LEU D 73 52.36 26.48 -18.03
CA LEU D 73 52.40 25.80 -16.74
C LEU D 73 51.45 24.61 -16.90
N THR D 74 51.97 23.53 -17.47
CA THR D 74 51.16 22.36 -17.81
C THR D 74 50.94 21.33 -16.70
N ASP D 75 51.98 21.01 -15.92
CA ASP D 75 51.89 20.01 -14.85
C ASP D 75 51.56 20.66 -13.51
N HIS D 76 51.07 19.85 -12.56
CA HIS D 76 50.69 20.34 -11.24
C HIS D 76 51.83 21.02 -10.47
N LYS D 77 53.04 20.44 -10.47
CA LYS D 77 54.17 21.02 -9.73
C LYS D 77 54.63 22.39 -10.27
N SER D 78 54.53 22.62 -11.59
CA SER D 78 54.90 23.90 -12.17
C SER D 78 53.80 24.93 -11.85
N GLN D 79 52.52 24.50 -11.90
CA GLN D 79 51.38 25.37 -11.56
C GLN D 79 51.46 25.78 -10.08
N ARG D 80 51.83 24.85 -9.18
CA ARG D 80 51.97 25.14 -7.76
C ARG D 80 53.16 26.06 -7.51
N LEU D 81 54.27 25.88 -8.23
CA LEU D 81 55.43 26.76 -8.08
C LEU D 81 55.07 28.17 -8.53
N ALA D 82 54.37 28.31 -9.67
CA ALA D 82 53.94 29.62 -10.17
C ALA D 82 52.96 30.29 -9.21
N ARG D 83 52.14 29.51 -8.49
CA ARG D 83 51.19 30.00 -7.47
C ARG D 83 51.96 30.58 -6.28
N LEU D 84 53.06 29.91 -5.90
CA LEU D 84 53.93 30.35 -4.81
C LEU D 84 54.68 31.61 -5.22
N VAL D 85 55.15 31.67 -6.49
CA VAL D 85 55.84 32.83 -7.04
C VAL D 85 54.90 34.04 -7.02
N LEU D 86 53.71 33.92 -7.66
CA LEU D 86 52.76 35.02 -7.75
C LEU D 86 52.15 35.39 -6.39
N GLY D 87 51.96 34.41 -5.52
CA GLY D 87 51.41 34.65 -4.20
C GLY D 87 52.31 35.50 -3.34
N CYS D 88 53.60 35.18 -3.31
CA CYS D 88 54.56 35.96 -2.53
C CYS D 88 54.70 37.37 -3.10
N ILE D 89 54.65 37.51 -4.44
CA ILE D 89 54.77 38.84 -5.06
C ILE D 89 53.51 39.67 -4.73
N THR D 90 52.33 39.05 -4.71
CA THR D 90 51.09 39.75 -4.40
C THR D 90 51.07 40.28 -2.95
N MET D 91 51.54 39.50 -1.98
CA MET D 91 51.57 39.96 -0.58
C MET D 91 52.58 41.10 -0.44
N ALA D 92 53.71 41.03 -1.16
CA ALA D 92 54.72 42.08 -1.12
C ALA D 92 54.22 43.36 -1.82
N TYR D 93 53.43 43.21 -2.90
CA TYR D 93 52.88 44.35 -3.61
C TYR D 93 51.80 45.03 -2.77
N VAL D 94 50.95 44.25 -2.10
CA VAL D 94 49.88 44.82 -1.29
C VAL D 94 50.43 45.53 -0.03
N TRP D 95 51.28 44.85 0.76
CA TRP D 95 51.78 45.40 2.03
C TRP D 95 53.01 46.31 1.90
N GLY D 96 53.89 46.06 0.95
CA GLY D 96 55.08 46.88 0.77
C GLY D 96 56.00 46.80 1.96
N LYS D 97 56.48 47.94 2.47
CA LYS D 97 57.36 47.95 3.65
C LYS D 97 56.61 47.61 4.96
N GLY D 98 55.29 47.82 4.98
CA GLY D 98 54.45 47.55 6.13
C GLY D 98 54.31 48.72 7.10
N HIS D 99 54.23 49.95 6.56
CA HIS D 99 54.10 51.16 7.37
C HIS D 99 52.87 51.98 6.94
N GLY D 100 51.77 51.29 6.60
CA GLY D 100 50.54 51.94 6.19
C GLY D 100 50.42 52.17 4.69
N ASP D 101 51.54 52.29 3.95
CA ASP D 101 51.50 52.49 2.50
C ASP D 101 51.13 51.15 1.86
N VAL D 102 49.83 50.96 1.64
CA VAL D 102 49.23 49.74 1.11
C VAL D 102 48.60 50.01 -0.26
N ARG D 103 48.53 48.97 -1.12
CA ARG D 103 47.95 49.06 -2.46
C ARG D 103 46.61 48.30 -2.50
N LYS D 104 45.51 48.99 -2.84
CA LYS D 104 44.17 48.39 -2.89
C LYS D 104 43.85 47.75 -4.25
N VAL D 105 44.74 47.89 -5.27
CA VAL D 105 44.53 47.33 -6.61
C VAL D 105 45.76 46.56 -7.05
N LEU D 106 45.58 45.30 -7.48
CA LEU D 106 46.67 44.45 -7.97
C LEU D 106 46.74 44.62 -9.50
N PRO D 107 47.89 45.00 -10.12
CA PRO D 107 47.89 45.25 -11.58
C PRO D 107 47.42 44.12 -12.48
N ARG D 108 46.76 44.52 -13.58
CA ARG D 108 46.18 43.69 -14.65
C ARG D 108 47.08 42.51 -15.10
N ASN D 109 48.37 42.79 -15.34
CA ASN D 109 49.34 41.81 -15.86
C ASN D 109 49.80 40.75 -14.85
N ILE D 110 49.46 40.90 -13.54
CA ILE D 110 49.77 39.89 -12.52
C ILE D 110 48.47 39.34 -11.90
N ALA D 111 47.43 40.17 -11.73
CA ALA D 111 46.15 39.75 -11.16
C ALA D 111 45.38 38.77 -12.01
N VAL D 112 45.35 38.96 -13.35
CA VAL D 112 44.63 38.04 -14.23
C VAL D 112 45.30 36.64 -14.26
N PRO D 113 46.61 36.52 -14.59
CA PRO D 113 47.23 35.19 -14.59
C PRO D 113 47.18 34.49 -13.22
N TYR D 114 47.30 35.23 -12.13
CA TYR D 114 47.22 34.66 -10.78
C TYR D 114 45.83 34.11 -10.53
N CYS D 115 44.80 34.84 -10.96
CA CYS D 115 43.42 34.40 -10.76
C CYS D 115 43.06 33.23 -11.69
N GLN D 116 43.64 33.20 -12.90
CA GLN D 116 43.42 32.10 -13.83
C GLN D 116 44.06 30.83 -13.24
N LEU D 117 45.28 30.94 -12.70
CA LEU D 117 45.98 29.81 -12.10
C LEU D 117 45.28 29.31 -10.83
N SER D 118 44.83 30.25 -9.98
CA SER D 118 44.13 29.93 -8.74
C SER D 118 42.80 29.23 -9.04
N LYS D 119 42.11 29.65 -10.11
CA LYS D 119 40.86 29.02 -10.52
C LYS D 119 41.16 27.57 -10.96
N LYS D 120 42.23 27.37 -11.76
CA LYS D 120 42.65 26.07 -12.27
C LYS D 120 42.97 25.11 -11.14
N LEU D 121 43.67 25.56 -10.10
CA LEU D 121 43.98 24.72 -8.94
C LEU D 121 42.91 24.73 -7.85
N GLU D 122 41.81 25.48 -8.01
CA GLU D 122 40.73 25.55 -7.05
C GLU D 122 41.18 26.07 -5.68
N LEU D 123 41.96 27.15 -5.68
CA LEU D 123 42.44 27.79 -4.46
C LEU D 123 42.15 29.30 -4.57
N PRO D 124 41.91 30.03 -3.45
CA PRO D 124 41.60 31.47 -3.58
C PRO D 124 42.83 32.30 -3.98
N PRO D 125 42.71 33.41 -4.75
CA PRO D 125 43.90 34.17 -5.18
C PRO D 125 44.52 34.99 -4.04
N ILE D 126 45.06 34.29 -3.05
CA ILE D 126 45.75 34.81 -1.87
C ILE D 126 46.75 33.73 -1.41
N LEU D 127 47.92 34.12 -0.88
CA LEU D 127 48.92 33.13 -0.43
C LEU D 127 48.33 32.27 0.70
N VAL D 128 48.40 30.94 0.54
CA VAL D 128 47.90 29.99 1.52
C VAL D 128 49.04 29.03 1.92
N TYR D 129 48.82 28.28 3.02
CA TYR D 129 49.71 27.27 3.61
C TYR D 129 50.27 26.30 2.56
N ALA D 130 49.41 25.86 1.62
CA ALA D 130 49.80 24.98 0.53
C ALA D 130 50.97 25.54 -0.28
N ASP D 131 51.09 26.87 -0.36
CA ASP D 131 52.16 27.50 -1.12
C ASP D 131 53.35 27.84 -0.25
N CYS D 132 53.19 28.70 0.78
CA CYS D 132 54.32 29.16 1.57
C CYS D 132 54.96 28.09 2.47
N VAL D 133 54.32 26.92 2.68
CA VAL D 133 54.93 25.87 3.52
C VAL D 133 55.07 24.51 2.81
N LEU D 134 54.00 24.03 2.18
CA LEU D 134 53.97 22.72 1.51
C LEU D 134 54.74 22.64 0.19
N ALA D 135 54.71 23.71 -0.62
CA ALA D 135 55.45 23.74 -1.87
C ALA D 135 56.70 24.62 -1.80
N ASN D 136 57.02 25.21 -0.62
CA ASN D 136 58.14 26.13 -0.44
C ASN D 136 59.27 25.48 0.36
N TRP D 137 59.99 24.53 -0.24
CA TRP D 137 61.09 23.85 0.44
C TRP D 137 61.95 23.01 -0.50
N LYS D 138 63.19 22.70 -0.08
CA LYS D 138 64.14 21.90 -0.84
C LYS D 138 65.15 21.19 0.09
N LYS D 139 65.85 20.17 -0.44
CA LYS D 139 66.90 19.46 0.29
C LYS D 139 68.24 20.04 -0.15
N LYS D 140 69.11 20.44 0.80
CA LYS D 140 70.42 21.00 0.46
C LYS D 140 71.27 19.92 -0.22
N ASP D 141 71.36 18.73 0.40
CA ASP D 141 72.06 17.55 -0.12
C ASP D 141 70.97 16.49 -0.29
N PRO D 142 70.70 15.98 -1.50
CA PRO D 142 69.65 14.95 -1.62
C PRO D 142 69.96 13.61 -0.95
N ASN D 143 71.23 13.37 -0.56
CA ASN D 143 71.65 12.12 0.09
C ASN D 143 71.27 12.08 1.57
N LYS D 144 71.19 13.24 2.24
CA LYS D 144 70.87 13.31 3.68
C LYS D 144 69.32 13.35 3.92
N PRO D 145 68.83 13.12 5.17
CA PRO D 145 67.36 13.06 5.38
C PRO D 145 66.66 14.42 5.51
N LEU D 146 65.32 14.40 5.71
CA LEU D 146 64.50 15.59 5.88
C LEU D 146 64.65 16.14 7.30
N THR D 147 65.74 16.88 7.54
CA THR D 147 66.04 17.54 8.82
C THR D 147 66.28 19.03 8.55
N TYR D 148 65.98 19.91 9.51
CA TYR D 148 66.16 21.37 9.34
C TYR D 148 67.55 21.74 8.78
N GLU D 149 68.59 21.05 9.25
CA GLU D 149 69.98 21.33 8.84
C GLU D 149 70.18 21.03 7.34
N ASN D 150 69.49 20.02 6.79
CA ASN D 150 69.59 19.65 5.38
C ASN D 150 68.47 20.25 4.53
N MET D 151 67.82 21.33 4.98
CA MET D 151 66.70 21.91 4.24
C MET D 151 66.78 23.43 4.17
N ASP D 152 66.05 24.01 3.20
CA ASP D 152 65.95 25.45 3.00
C ASP D 152 64.62 25.77 2.30
N VAL D 153 64.26 27.05 2.31
CA VAL D 153 63.01 27.58 1.76
C VAL D 153 63.30 28.13 0.31
N LEU D 154 62.32 28.09 -0.62
CA LEU D 154 62.53 28.62 -1.97
C LEU D 154 62.34 30.14 -1.99
N PHE D 155 61.38 30.69 -1.21
CA PHE D 155 61.10 32.13 -1.18
C PHE D 155 60.96 32.70 0.24
N SER D 156 61.45 33.94 0.43
CA SER D 156 61.40 34.73 1.66
C SER D 156 60.86 36.13 1.36
N PHE D 157 60.46 36.89 2.38
CA PHE D 157 59.89 38.23 2.18
C PHE D 157 60.90 39.36 2.50
N ARG D 158 61.60 39.26 3.64
CA ARG D 158 62.60 40.24 4.06
C ARG D 158 63.78 39.53 4.73
N ASP D 159 64.95 40.19 4.80
CA ASP D 159 66.10 39.63 5.50
C ASP D 159 65.79 39.75 7.00
N GLY D 160 65.94 38.64 7.72
CA GLY D 160 65.66 38.61 9.15
C GLY D 160 64.21 38.35 9.50
N ASP D 161 63.35 38.06 8.51
CA ASP D 161 61.93 37.77 8.79
C ASP D 161 61.69 36.42 9.49
N CYS D 162 62.71 35.53 9.52
CA CYS D 162 62.62 34.18 10.07
C CYS D 162 61.63 33.33 9.28
N SER D 163 61.55 33.54 7.95
CA SER D 163 60.67 32.75 7.10
C SER D 163 61.25 31.35 6.91
N LYS D 164 62.58 31.20 6.83
CA LYS D 164 63.20 29.87 6.74
C LYS D 164 62.86 29.07 8.02
N GLY D 165 62.94 29.72 9.17
CA GLY D 165 62.61 29.09 10.45
C GLY D 165 61.14 28.78 10.60
N PHE D 166 60.26 29.73 10.28
CA PHE D 166 58.82 29.55 10.45
C PHE D 166 58.23 28.53 9.48
N PHE D 167 58.52 28.65 8.18
CA PHE D 167 57.96 27.74 7.19
C PHE D 167 58.56 26.33 7.29
N LEU D 168 59.88 26.19 7.58
CA LEU D 168 60.49 24.87 7.72
C LEU D 168 60.05 24.14 8.99
N VAL D 169 59.94 24.83 10.14
CA VAL D 169 59.49 24.17 11.36
C VAL D 169 58.01 23.77 11.21
N SER D 170 57.19 24.57 10.50
CA SER D 170 55.80 24.21 10.23
C SER D 170 55.76 22.95 9.36
N LEU D 171 56.61 22.90 8.31
CA LEU D 171 56.73 21.78 7.37
C LEU D 171 57.22 20.52 8.07
N LEU D 172 58.22 20.64 8.95
CA LEU D 172 58.75 19.50 9.69
C LEU D 172 57.69 18.85 10.58
N VAL D 173 56.71 19.64 11.08
CA VAL D 173 55.60 19.10 11.86
C VAL D 173 54.70 18.29 10.91
N GLU D 174 54.41 18.81 9.71
CA GLU D 174 53.63 18.10 8.71
C GLU D 174 54.28 16.76 8.33
N ILE D 175 55.61 16.74 8.19
CA ILE D 175 56.33 15.51 7.82
C ILE D 175 56.30 14.53 9.01
N ALA D 176 56.40 15.02 10.24
CA ALA D 176 56.35 14.17 11.43
C ALA D 176 54.96 13.54 11.57
N ALA D 177 53.90 14.31 11.33
CA ALA D 177 52.54 13.81 11.42
C ALA D 177 52.16 12.91 10.23
N ALA D 178 52.90 12.99 9.10
CA ALA D 178 52.65 12.15 7.92
C ALA D 178 52.83 10.66 8.25
N SER D 179 53.71 10.32 9.22
CA SER D 179 53.92 8.93 9.64
C SER D 179 52.63 8.35 10.25
N ALA D 180 51.81 9.17 10.92
CA ALA D 180 50.55 8.71 11.50
C ALA D 180 49.49 8.50 10.41
N ILE D 181 49.52 9.29 9.32
CA ILE D 181 48.54 9.20 8.25
C ILE D 181 48.69 7.89 7.46
N LYS D 182 49.93 7.43 7.22
CA LYS D 182 50.14 6.18 6.49
C LYS D 182 49.63 4.94 7.22
N VAL D 183 49.30 5.03 8.53
CA VAL D 183 48.75 3.89 9.27
C VAL D 183 47.19 3.93 9.24
N ILE D 184 46.55 5.01 8.71
CA ILE D 184 45.09 5.13 8.63
C ILE D 184 44.46 3.94 7.86
N PRO D 185 45.00 3.53 6.68
CA PRO D 185 44.42 2.36 5.98
C PRO D 185 44.43 1.11 6.86
N THR D 186 45.50 0.92 7.67
CA THR D 186 45.63 -0.23 8.57
C THR D 186 44.53 -0.22 9.64
N VAL D 187 44.12 0.97 10.11
CA VAL D 187 43.09 1.11 11.14
C VAL D 187 41.76 0.55 10.63
N PHE D 188 41.34 0.96 9.42
CA PHE D 188 40.08 0.50 8.84
C PHE D 188 40.15 -0.94 8.35
N LYS D 189 41.32 -1.41 7.90
CA LYS D 189 41.48 -2.79 7.44
C LYS D 189 41.35 -3.75 8.62
N ALA D 190 41.91 -3.39 9.78
CA ALA D 190 41.78 -4.22 10.98
C ALA D 190 40.31 -4.27 11.47
N MET D 191 39.46 -3.29 11.09
CA MET D 191 38.06 -3.26 11.47
C MET D 191 37.23 -4.18 10.57
N GLN D 192 37.46 -4.12 9.25
CA GLN D 192 36.77 -4.96 8.27
C GLN D 192 37.06 -6.45 8.48
N MET D 193 38.21 -6.80 9.12
CA MET D 193 38.61 -8.20 9.39
C MET D 193 38.59 -8.57 10.90
N GLN D 194 38.42 -7.58 11.81
CA GLN D 194 38.33 -7.75 13.27
C GLN D 194 39.65 -8.26 13.91
N GLU D 195 40.75 -7.55 13.62
CA GLU D 195 42.08 -7.80 14.19
C GLU D 195 42.34 -6.80 15.32
N ARG D 196 42.11 -7.23 16.58
CA ARG D 196 42.27 -6.37 17.76
C ARG D 196 43.72 -5.95 17.96
N ASP D 197 44.67 -6.88 17.86
CA ASP D 197 46.08 -6.57 18.06
C ASP D 197 46.62 -5.64 16.95
N THR D 198 46.15 -5.83 15.70
CA THR D 198 46.56 -4.98 14.57
C THR D 198 46.00 -3.57 14.76
N LEU D 199 44.75 -3.45 15.24
CA LEU D 199 44.11 -2.17 15.50
C LEU D 199 44.76 -1.45 16.69
N LEU D 200 45.07 -2.19 17.77
CA LEU D 200 45.71 -1.64 18.97
C LEU D 200 47.05 -1.00 18.63
N LYS D 201 47.91 -1.72 17.91
CA LYS D 201 49.22 -1.22 17.54
C LYS D 201 49.10 0.01 16.63
N ALA D 202 48.15 -0.02 15.67
CA ALA D 202 47.95 1.11 14.76
C ALA D 202 47.55 2.38 15.51
N LEU D 203 46.69 2.27 16.53
CA LEU D 203 46.27 3.43 17.33
C LEU D 203 47.45 3.97 18.15
N LEU D 204 48.25 3.07 18.74
CA LEU D 204 49.44 3.45 19.50
C LEU D 204 50.49 4.13 18.62
N GLU D 205 50.59 3.71 17.35
CA GLU D 205 51.53 4.31 16.40
C GLU D 205 51.05 5.73 16.06
N ILE D 206 49.72 5.95 15.94
CA ILE D 206 49.18 7.29 15.68
C ILE D 206 49.50 8.19 16.87
N ALA D 207 49.29 7.71 18.09
CA ALA D 207 49.59 8.48 19.29
C ALA D 207 51.09 8.80 19.38
N SER D 208 51.96 7.80 19.15
CA SER D 208 53.41 7.96 19.20
C SER D 208 53.90 8.96 18.16
N CYS D 209 53.26 8.96 16.98
CA CYS D 209 53.62 9.88 15.89
C CYS D 209 53.19 11.30 16.21
N LEU D 210 51.99 11.48 16.80
CA LEU D 210 51.49 12.81 17.19
C LEU D 210 52.29 13.38 18.38
N GLU D 211 52.85 12.52 19.25
CA GLU D 211 53.70 12.96 20.35
C GLU D 211 55.06 13.39 19.79
N LYS D 212 55.59 12.66 18.77
CA LYS D 212 56.85 13.00 18.12
C LYS D 212 56.73 14.33 17.36
N ALA D 213 55.54 14.64 16.80
CA ALA D 213 55.27 15.90 16.11
C ALA D 213 55.35 17.09 17.08
N LEU D 214 54.97 16.89 18.36
CA LEU D 214 55.05 17.93 19.38
C LEU D 214 56.53 18.25 19.68
N GLN D 215 57.40 17.21 19.74
CA GLN D 215 58.83 17.38 20.00
C GLN D 215 59.50 18.11 18.83
N VAL D 216 59.06 17.84 17.60
CA VAL D 216 59.57 18.53 16.40
C VAL D 216 59.17 20.01 16.46
N PHE D 217 57.95 20.31 16.93
CA PHE D 217 57.44 21.67 17.04
C PHE D 217 58.26 22.52 18.05
N HIS D 218 58.93 21.88 19.03
CA HIS D 218 59.78 22.62 19.98
C HIS D 218 60.92 23.39 19.28
N GLN D 219 61.32 22.99 18.06
CA GLN D 219 62.38 23.64 17.30
C GLN D 219 62.05 25.07 16.85
N ILE D 220 60.77 25.51 16.97
CA ILE D 220 60.37 26.86 16.57
C ILE D 220 61.18 27.92 17.34
N HIS D 221 61.43 27.67 18.63
CA HIS D 221 62.17 28.60 19.49
C HIS D 221 63.61 28.77 19.02
N ASP D 222 64.21 27.73 18.43
CA ASP D 222 65.59 27.77 17.95
C ASP D 222 65.75 28.56 16.65
N HIS D 223 64.74 28.54 15.77
CA HIS D 223 64.86 29.16 14.44
C HIS D 223 63.93 30.35 14.14
N VAL D 224 63.06 30.83 15.05
CA VAL D 224 62.27 32.04 14.75
C VAL D 224 62.21 32.92 16.02
N ASN D 225 62.34 34.24 15.80
CA ASN D 225 62.41 35.29 16.80
C ASN D 225 61.03 35.92 16.97
N PRO D 226 60.51 36.11 18.20
CA PRO D 226 59.16 36.69 18.35
C PRO D 226 58.97 38.06 17.70
N LYS D 227 59.93 38.99 17.89
CA LYS D 227 59.86 40.35 17.35
C LYS D 227 59.88 40.34 15.83
N ALA D 228 60.79 39.54 15.23
CA ALA D 228 60.91 39.44 13.79
C ALA D 228 59.67 38.80 13.18
N PHE D 229 59.08 37.80 13.84
CA PHE D 229 57.89 37.15 13.32
C PHE D 229 56.68 38.10 13.39
N PHE D 230 56.40 38.66 14.57
CA PHE D 230 55.23 39.50 14.75
C PHE D 230 55.25 40.78 13.93
N SER D 231 56.37 41.52 13.93
CA SER D 231 56.48 42.81 13.25
C SER D 231 57.04 42.77 11.82
N VAL D 232 57.46 41.61 11.28
CA VAL D 232 57.98 41.56 9.90
C VAL D 232 57.26 40.46 9.07
N LEU D 233 57.40 39.16 9.45
CA LEU D 233 56.82 38.04 8.69
C LEU D 233 55.29 38.12 8.67
N ARG D 234 54.68 38.32 9.83
CA ARG D 234 53.22 38.39 10.01
C ARG D 234 52.54 39.36 9.04
N ILE D 235 53.20 40.47 8.71
CA ILE D 235 52.68 41.49 7.80
C ILE D 235 52.35 40.88 6.44
N TYR D 236 53.25 40.03 5.92
CA TYR D 236 53.12 39.40 4.60
C TYR D 236 52.25 38.16 4.57
N LEU D 237 51.92 37.58 5.73
CA LEU D 237 51.00 36.47 5.79
C LEU D 237 49.55 36.97 6.11
N SER D 238 49.30 38.30 6.12
CA SER D 238 47.99 38.88 6.42
C SER D 238 47.17 39.05 5.15
N GLY D 239 45.85 38.90 5.26
CA GLY D 239 44.94 39.00 4.13
C GLY D 239 44.07 40.23 4.15
N TRP D 240 42.97 40.18 3.39
CA TRP D 240 42.07 41.32 3.23
C TRP D 240 40.60 40.95 3.45
N LYS D 241 40.35 40.07 4.45
CA LYS D 241 39.00 39.72 4.86
C LYS D 241 38.85 40.28 6.27
N GLY D 242 38.02 41.32 6.41
CA GLY D 242 37.81 41.97 7.70
C GLY D 242 38.96 42.86 8.14
N ASN D 243 40.01 43.03 7.31
CA ASN D 243 41.15 43.88 7.67
C ASN D 243 40.74 45.35 7.47
N PRO D 244 40.83 46.25 8.48
CA PRO D 244 40.45 47.65 8.25
C PRO D 244 41.29 48.40 7.21
N GLN D 245 42.50 47.91 6.89
CA GLN D 245 43.37 48.53 5.90
C GLN D 245 42.75 48.38 4.50
N LEU D 246 42.21 47.20 4.20
CA LEU D 246 41.51 46.93 2.94
C LEU D 246 40.10 46.50 3.36
N SER D 247 39.34 47.45 3.93
CA SER D 247 37.99 47.20 4.44
C SER D 247 37.07 46.51 3.43
N ASP D 248 37.11 46.92 2.16
CA ASP D 248 36.27 46.34 1.11
C ASP D 248 36.90 45.12 0.41
N GLY D 249 38.23 45.01 0.45
CA GLY D 249 38.96 43.91 -0.16
C GLY D 249 40.05 44.41 -1.11
N LEU D 250 40.56 43.52 -1.99
CA LEU D 250 41.58 43.87 -2.98
C LEU D 250 40.97 43.76 -4.38
N VAL D 251 41.27 44.72 -5.26
CA VAL D 251 40.77 44.69 -6.63
C VAL D 251 41.76 43.92 -7.49
N TYR D 252 41.33 42.78 -8.04
CA TYR D 252 42.14 41.96 -8.94
C TYR D 252 41.85 42.50 -10.33
N GLU D 253 42.58 43.54 -10.74
CA GLU D 253 42.39 44.25 -12.00
C GLU D 253 42.35 43.31 -13.21
N GLY D 254 41.33 43.49 -14.05
CA GLY D 254 41.14 42.67 -15.24
C GLY D 254 40.30 41.44 -15.04
N PHE D 255 40.32 40.86 -13.83
CA PHE D 255 39.57 39.66 -13.54
C PHE D 255 38.19 39.97 -12.92
N TRP D 256 38.16 40.78 -11.84
CA TRP D 256 36.93 41.17 -11.17
C TRP D 256 36.85 42.69 -11.06
N GLU D 257 35.68 43.27 -11.36
CA GLU D 257 35.50 44.72 -11.26
C GLU D 257 35.33 45.21 -9.81
N ASP D 258 34.94 44.31 -8.87
CA ASP D 258 34.74 44.67 -7.46
C ASP D 258 35.88 44.12 -6.59
N PRO D 259 36.20 44.78 -5.45
CA PRO D 259 37.25 44.23 -4.58
C PRO D 259 36.77 42.96 -3.90
N LYS D 260 37.68 41.99 -3.73
CA LYS D 260 37.37 40.69 -3.15
C LYS D 260 38.07 40.52 -1.81
N GLU D 261 37.39 39.86 -0.86
CA GLU D 261 37.90 39.64 0.49
C GLU D 261 38.36 38.19 0.66
N PHE D 262 39.66 37.97 0.93
CA PHE D 262 40.23 36.65 1.15
C PHE D 262 41.05 36.67 2.43
N ALA D 263 40.92 35.65 3.26
CA ALA D 263 41.60 35.57 4.55
C ALA D 263 43.10 35.28 4.44
N GLY D 264 43.85 35.71 5.46
CA GLY D 264 45.28 35.47 5.54
C GLY D 264 45.63 34.12 6.15
N GLY D 265 46.81 34.04 6.71
CA GLY D 265 47.34 32.80 7.28
C GLY D 265 46.91 32.41 8.66
N SER D 266 46.85 31.08 8.91
CA SER D 266 46.52 30.51 10.21
C SER D 266 46.83 29.00 10.28
N ALA D 267 47.03 28.50 11.51
CA ALA D 267 47.30 27.08 11.79
C ALA D 267 46.16 26.12 11.34
N GLY D 268 44.96 26.67 11.11
CA GLY D 268 43.80 25.92 10.65
C GLY D 268 43.87 25.47 9.20
N GLN D 269 44.74 26.13 8.37
CA GLN D 269 44.91 25.74 6.96
C GLN D 269 45.64 24.38 6.80
N SER D 270 46.29 23.88 7.87
CA SER D 270 46.95 22.58 7.84
C SER D 270 45.89 21.49 7.91
N SER D 271 45.93 20.53 6.98
CA SER D 271 44.97 19.43 6.95
C SER D 271 45.23 18.40 8.09
N VAL D 272 46.46 18.38 8.68
CA VAL D 272 46.87 17.47 9.77
C VAL D 272 46.03 17.63 11.04
N PHE D 273 45.77 18.87 11.47
CA PHE D 273 45.00 19.11 12.69
C PHE D 273 43.58 18.56 12.53
N GLN D 274 42.93 18.84 11.39
CA GLN D 274 41.58 18.34 11.15
C GLN D 274 41.54 16.85 10.76
N CYS D 275 42.67 16.27 10.33
CA CYS D 275 42.73 14.87 9.91
C CYS D 275 42.46 13.93 11.08
N PHE D 276 43.21 14.09 12.17
CA PHE D 276 43.05 13.22 13.34
C PHE D 276 41.83 13.57 14.17
N ASP D 277 41.25 14.78 14.04
CA ASP D 277 40.01 15.11 14.72
C ASP D 277 38.90 14.28 14.08
N VAL D 278 38.85 14.22 12.73
CA VAL D 278 37.85 13.46 12.01
C VAL D 278 38.06 11.94 12.20
N LEU D 279 39.33 11.48 12.19
CA LEU D 279 39.64 10.06 12.38
C LEU D 279 39.18 9.60 13.76
N LEU D 280 39.37 10.43 14.79
CA LEU D 280 39.00 10.09 16.17
C LEU D 280 37.54 10.43 16.55
N GLY D 281 36.75 10.93 15.63
CA GLY D 281 35.37 11.30 15.91
C GLY D 281 35.19 12.54 16.77
N ILE D 282 36.22 13.39 16.82
CA ILE D 282 36.18 14.66 17.57
C ILE D 282 35.46 15.65 16.64
N GLN D 283 34.19 15.94 16.95
CA GLN D 283 33.34 16.79 16.12
C GLN D 283 33.72 18.28 16.23
N GLY D 289 30.04 26.77 17.54
CA GLY D 289 29.36 27.66 16.61
C GLY D 289 30.34 28.49 15.81
N HIS D 290 30.96 29.48 16.47
CA HIS D 290 31.95 30.35 15.83
C HIS D 290 33.24 29.58 15.49
N ALA D 291 33.59 28.56 16.30
CA ALA D 291 34.76 27.73 16.06
C ALA D 291 34.52 26.72 14.94
N ALA D 292 33.33 26.08 14.93
CA ALA D 292 32.97 25.08 13.91
C ALA D 292 32.92 25.71 12.50
N GLN D 293 32.29 26.89 12.37
CA GLN D 293 32.19 27.57 11.07
C GLN D 293 33.56 28.03 10.58
N PHE D 294 34.44 28.48 11.50
CA PHE D 294 35.77 28.94 11.14
C PHE D 294 36.61 27.78 10.59
N LEU D 295 36.55 26.61 11.22
CA LEU D 295 37.30 25.43 10.77
C LEU D 295 36.80 24.92 9.42
N GLN D 296 35.49 24.95 9.20
CA GLN D 296 34.89 24.53 7.93
C GLN D 296 35.28 25.52 6.80
N ASP D 297 35.38 26.82 7.12
CA ASP D 297 35.81 27.85 6.16
C ASP D 297 37.26 27.65 5.74
N MET D 298 38.11 27.17 6.67
CA MET D 298 39.53 26.92 6.45
C MET D 298 39.79 25.82 5.44
N ARG D 299 38.85 24.88 5.28
CA ARG D 299 39.01 23.80 4.30
C ARG D 299 39.07 24.37 2.88
N ARG D 300 38.30 25.45 2.61
CA ARG D 300 38.29 26.14 1.31
C ARG D 300 39.67 26.75 0.95
N TYR D 301 40.59 26.87 1.94
CA TYR D 301 41.96 27.35 1.77
C TYR D 301 42.99 26.18 1.67
N MET D 302 42.52 24.90 1.71
CA MET D 302 43.38 23.72 1.54
C MET D 302 43.29 23.21 0.09
N PRO D 303 44.27 22.42 -0.42
CA PRO D 303 44.13 21.90 -1.79
C PRO D 303 42.85 21.07 -1.98
N PRO D 304 42.27 21.04 -3.20
CA PRO D 304 41.01 20.29 -3.39
C PRO D 304 41.07 18.81 -3.01
N ALA D 305 42.18 18.12 -3.34
CA ALA D 305 42.32 16.70 -3.02
C ALA D 305 42.38 16.44 -1.52
N HIS D 306 42.92 17.38 -0.75
CA HIS D 306 43.03 17.22 0.71
C HIS D 306 41.69 17.43 1.40
N ARG D 307 40.89 18.39 0.93
CA ARG D 307 39.57 18.59 1.53
C ARG D 307 38.61 17.44 1.16
N ASN D 308 38.83 16.75 0.00
CA ASN D 308 38.04 15.57 -0.39
C ASN D 308 38.45 14.38 0.48
N PHE D 309 39.76 14.25 0.78
CA PHE D 309 40.30 13.20 1.61
C PHE D 309 39.79 13.34 3.05
N LEU D 310 39.85 14.57 3.61
CA LEU D 310 39.34 14.87 4.97
C LEU D 310 37.86 14.44 5.11
N CYS D 311 37.11 14.64 4.04
CA CYS D 311 35.70 14.38 3.95
C CYS D 311 35.42 12.87 3.72
N SER D 312 36.32 12.16 3.02
CA SER D 312 36.20 10.71 2.84
C SER D 312 36.39 10.02 4.20
N LEU D 313 37.26 10.56 5.10
CA LEU D 313 37.44 9.99 6.44
C LEU D 313 36.14 10.11 7.24
N GLU D 314 35.40 11.23 7.10
CA GLU D 314 34.12 11.42 7.77
C GLU D 314 33.12 10.32 7.38
N SER D 315 33.22 9.80 6.13
CA SER D 315 32.38 8.74 5.57
C SER D 315 32.77 7.33 6.04
N ASN D 316 34.08 7.10 6.32
CA ASN D 316 34.54 5.79 6.75
C ASN D 316 33.94 5.41 8.12
N PRO D 317 33.82 4.10 8.45
CA PRO D 317 33.28 3.72 9.77
C PRO D 317 33.93 4.43 10.96
N SER D 318 33.16 4.77 11.98
CA SER D 318 33.66 5.51 13.14
C SER D 318 34.68 4.72 13.95
N VAL D 319 35.89 5.29 14.16
CA VAL D 319 36.92 4.66 14.99
C VAL D 319 36.41 4.72 16.43
N ARG D 320 35.93 5.90 16.87
CA ARG D 320 35.31 6.14 18.19
C ARG D 320 34.31 5.01 18.56
N GLU D 321 33.34 4.73 17.66
CA GLU D 321 32.32 3.71 17.90
C GLU D 321 32.88 2.29 17.88
N PHE D 322 33.80 1.99 16.92
CA PHE D 322 34.38 0.65 16.78
C PHE D 322 35.22 0.27 17.99
N VAL D 323 36.08 1.19 18.44
CA VAL D 323 36.93 0.99 19.62
C VAL D 323 36.06 0.68 20.86
N LEU D 324 34.90 1.33 20.98
CA LEU D 324 33.98 1.09 22.10
C LEU D 324 33.42 -0.36 22.09
N SER D 325 33.24 -0.97 20.90
CA SER D 325 32.71 -2.34 20.84
C SER D 325 33.77 -3.37 21.20
N GLY D 330 42.14 -2.71 26.22
CA GLY D 330 43.34 -2.10 25.66
C GLY D 330 43.09 -1.02 24.62
N LEU D 331 42.12 -1.26 23.71
CA LEU D 331 41.77 -0.35 22.62
C LEU D 331 41.29 1.01 23.14
N ARG D 332 40.58 1.01 24.29
CA ARG D 332 40.10 2.24 24.93
C ARG D 332 41.28 3.12 25.34
N GLU D 333 42.35 2.52 25.89
CA GLU D 333 43.54 3.24 26.30
C GLU D 333 44.32 3.78 25.10
N ALA D 334 44.55 2.95 24.06
CA ALA D 334 45.28 3.33 22.86
C ALA D 334 44.59 4.46 22.08
N TYR D 335 43.25 4.54 22.15
CA TYR D 335 42.51 5.62 21.51
C TYR D 335 42.74 6.91 22.32
N ASP D 336 42.59 6.85 23.66
CA ASP D 336 42.85 8.00 24.53
C ASP D 336 44.28 8.52 24.43
N ALA D 337 45.24 7.64 24.07
CA ALA D 337 46.63 8.02 23.85
C ALA D 337 46.72 9.02 22.69
N CYS D 338 45.92 8.81 21.61
CA CYS D 338 45.89 9.71 20.45
C CYS D 338 45.18 11.02 20.79
N VAL D 339 44.15 10.96 21.65
CA VAL D 339 43.42 12.17 22.06
C VAL D 339 44.34 13.04 22.91
N LYS D 340 45.03 12.44 23.90
CA LYS D 340 45.98 13.16 24.76
C LYS D 340 47.13 13.76 23.96
N ALA D 341 47.51 13.15 22.82
CA ALA D 341 48.55 13.69 21.96
C ALA D 341 48.07 14.96 21.25
N LEU D 342 46.79 14.97 20.81
CA LEU D 342 46.18 16.15 20.18
C LEU D 342 45.93 17.25 21.21
N VAL D 343 45.62 16.90 22.46
CA VAL D 343 45.42 17.85 23.54
C VAL D 343 46.76 18.57 23.80
N SER D 344 47.88 17.81 23.83
CA SER D 344 49.21 18.37 24.09
C SER D 344 49.68 19.32 22.99
N LEU D 345 49.39 19.02 21.72
CA LEU D 345 49.76 19.91 20.61
C LEU D 345 49.04 21.24 20.71
N ARG D 346 47.74 21.22 21.03
CA ARG D 346 46.95 22.43 21.13
C ARG D 346 47.31 23.29 22.35
N SER D 347 47.76 22.68 23.44
CA SER D 347 48.18 23.42 24.63
C SER D 347 49.51 24.12 24.34
N TYR D 348 50.46 23.39 23.69
CA TYR D 348 51.76 23.96 23.33
C TYR D 348 51.62 25.00 22.21
N HIS D 349 50.62 24.84 21.33
CA HIS D 349 50.33 25.80 20.26
C HIS D 349 49.91 27.12 20.91
N LEU D 350 49.03 27.06 21.93
CA LEU D 350 48.62 28.25 22.69
C LEU D 350 49.81 28.92 23.35
N GLN D 351 50.75 28.14 23.92
CA GLN D 351 51.95 28.69 24.54
C GLN D 351 52.81 29.46 23.54
N ILE D 352 52.88 28.95 22.29
CA ILE D 352 53.67 29.59 21.23
C ILE D 352 52.92 30.83 20.69
N VAL D 353 51.58 30.81 20.61
CA VAL D 353 50.82 32.00 20.21
C VAL D 353 51.01 33.12 21.27
N THR D 354 51.23 32.76 22.57
CA THR D 354 51.48 33.72 23.62
C THR D 354 52.84 34.43 23.38
N LYS D 355 53.87 33.63 23.07
CA LYS D 355 55.23 34.14 22.84
C LYS D 355 55.38 34.96 21.56
N TYR D 356 54.87 34.45 20.43
CA TYR D 356 55.04 35.04 19.11
C TYR D 356 53.95 36.04 18.68
N ILE D 357 52.84 36.19 19.44
CA ILE D 357 51.80 37.15 19.08
C ILE D 357 51.38 38.04 20.28
N LEU D 358 50.96 37.45 21.42
CA LEU D 358 50.49 38.26 22.56
C LEU D 358 51.56 39.15 23.18
N ILE D 359 52.77 38.60 23.44
CA ILE D 359 53.80 39.38 24.10
C ILE D 359 54.32 40.51 23.17
N PRO D 360 54.65 40.28 21.88
CA PRO D 360 55.09 41.39 21.02
C PRO D 360 54.00 42.41 20.73
N ALA D 361 52.72 42.01 20.70
CA ALA D 361 51.62 42.95 20.44
C ALA D 361 51.51 44.01 21.54
N SER D 362 51.67 43.61 22.80
CA SER D 362 51.57 44.55 23.92
C SER D 362 52.90 45.31 24.19
N GLN D 363 53.89 45.25 23.27
CA GLN D 363 55.20 45.89 23.45
C GLN D 363 55.34 47.14 22.57
N ASP D 386 42.48 37.07 21.37
CA ASP D 386 41.44 36.97 20.36
C ASP D 386 41.51 35.57 19.71
N LEU D 387 42.57 35.29 18.92
CA LEU D 387 42.89 33.98 18.35
C LEU D 387 43.03 32.93 19.48
N MET D 388 43.39 33.36 20.71
CA MET D 388 43.54 32.51 21.88
C MET D 388 42.21 31.87 22.29
N ASN D 389 41.11 32.64 22.23
CA ASN D 389 39.78 32.14 22.62
C ASN D 389 39.37 30.97 21.72
N PHE D 390 39.60 31.09 20.41
CA PHE D 390 39.32 30.02 19.47
C PHE D 390 40.11 28.76 19.79
N LEU D 391 41.42 28.90 20.01
CA LEU D 391 42.29 27.76 20.31
C LEU D 391 41.95 27.10 21.66
N LYS D 392 41.54 27.88 22.67
CA LYS D 392 41.13 27.31 23.96
C LYS D 392 39.82 26.51 23.80
N THR D 393 38.92 26.99 22.94
CA THR D 393 37.64 26.32 22.67
C THR D 393 37.85 24.98 21.96
N VAL D 394 38.72 24.94 20.93
CA VAL D 394 38.99 23.71 20.19
C VAL D 394 39.72 22.68 21.08
N ARG D 395 40.60 23.15 21.98
CA ARG D 395 41.31 22.26 22.89
C ARG D 395 40.36 21.66 23.94
N SER D 396 39.36 22.42 24.39
CA SER D 396 38.39 21.89 25.35
C SER D 396 37.51 20.81 24.72
N THR D 397 37.19 20.94 23.41
CA THR D 397 36.40 19.95 22.68
C THR D 397 37.21 18.64 22.51
N THR D 398 38.54 18.75 22.36
CA THR D 398 39.45 17.61 22.24
C THR D 398 39.50 16.89 23.61
N GLU D 399 39.66 17.67 24.70
CA GLU D 399 39.69 17.14 26.07
C GLU D 399 38.38 16.42 26.42
N LYS D 400 37.24 16.95 25.96
CA LYS D 400 35.93 16.35 26.23
C LYS D 400 35.73 14.98 25.54
N SER D 401 36.43 14.71 24.43
CA SER D 401 36.28 13.44 23.72
C SER D 401 37.04 12.26 24.38
N LEU D 402 37.75 12.49 25.51
CA LEU D 402 38.47 11.41 26.20
C LEU D 402 37.46 10.42 26.78
N LEU D 403 37.76 9.12 26.69
CA LEU D 403 36.89 8.05 27.19
C LEU D 403 37.07 7.79 28.70
N LYS D 404 38.33 7.66 29.16
CA LYS D 404 38.62 7.40 30.57
C LYS D 404 38.38 8.66 31.41
#